data_1H1M
#
_entry.id   1H1M
#
_cell.length_a   109.272
_cell.length_b   55.377
_cell.length_c   123.929
_cell.angle_alpha   90.00
_cell.angle_beta   98.33
_cell.angle_gamma   90.00
#
_symmetry.space_group_name_H-M   'P 1 21 1'
#
loop_
_entity.id
_entity.type
_entity.pdbx_description
1 polymer 'QUERCETIN 2,3-DIOXYGENASE'
2 branched alpha-D-mannopyranose-(1-3)-alpha-D-mannopyranose-(1-6)-beta-D-mannopyranose-(1-4)-2-acetamido-2-deoxy-beta-D-glucopyranose-(1-4)-2-acetamido-2-deoxy-beta-D-glucopyranose
3 branched alpha-D-mannopyranose-(1-6)-beta-D-mannopyranose-(1-4)-2-acetamido-2-deoxy-beta-D-glucopyranose-(1-4)-2-acetamido-2-deoxy-beta-D-glucopyranose
4 branched 2-acetamido-2-deoxy-beta-D-glucopyranose-(1-4)-2-acetamido-2-deoxy-beta-D-glucopyranose
5 non-polymer 2-acetamido-2-deoxy-beta-D-glucopyranose
6 non-polymer 3,5,7-TRIHYDROXY-2-(4-HYDROXYPHENYL)-4H-CHROMEN-4-ONE
7 non-polymer 'COPPER (II) ION'
8 non-polymer (4S)-2-METHYL-2,4-PENTANEDIOL
9 water water
#
_entity_poly.entity_id   1
_entity_poly.type   'polypeptide(L)'
_entity_poly.pdbx_seq_one_letter_code
;DTSSLIVEDAPDHVRPYVIRHYSHARAVTVDTQLYRFYVTGPSSGYAFTLMGTNAPHSDALGVLPHIHQKHYENFYCNKG
SFQLWAQSGNETQQTRVLSSGDYGSVPRNVTHTFQIQDPDTEMTGVIVPGGFEDLFYYLGTNATDTTHTPYIPSSSDSSS
TTGPDSSTISTLQSFDVYAELSFTPRTDTVNGTAPANTVWHTGANALASTAGDPYFIANGWGPKYLNSQYGYQIVAPFVT
ATQAQDTNYTLSTISMSTTPSTVTVPTWSFPGACAFQVQEGRVVVQIGDYAATELGSGDVAFIPGGVEFKYYSEAYFSKV
LFVSSGSDGLDQNLVNGGEEWSSVSFPADW
;
_entity_poly.pdbx_strand_id   A,B,C,D
#
# COMPACT_ATOMS: atom_id res chain seq x y z
N SER A 3 42.26 23.21 -24.61
CA SER A 3 42.56 21.72 -24.78
C SER A 3 41.56 20.77 -24.05
N SER A 4 40.87 21.28 -23.05
CA SER A 4 39.77 20.55 -22.41
C SER A 4 38.56 20.28 -23.32
N LEU A 5 37.80 19.23 -23.04
CA LEU A 5 36.76 18.73 -23.91
C LEU A 5 35.61 19.72 -24.01
N ILE A 6 35.24 20.28 -22.88
CA ILE A 6 34.10 21.17 -22.84
C ILE A 6 34.57 22.58 -23.20
N VAL A 7 33.86 23.24 -24.11
CA VAL A 7 34.20 24.59 -24.56
C VAL A 7 32.98 25.49 -24.43
N GLU A 8 33.20 26.82 -24.40
CA GLU A 8 32.12 27.77 -24.24
C GLU A 8 31.75 28.35 -25.62
N ASP A 9 32.67 28.27 -26.60
CA ASP A 9 32.41 28.63 -28.00
C ASP A 9 32.98 27.50 -28.81
N ALA A 10 32.40 27.23 -29.96
CA ALA A 10 32.92 26.13 -30.79
C ALA A 10 34.37 26.42 -31.18
N PRO A 11 35.24 25.41 -31.22
CA PRO A 11 36.63 25.67 -31.58
C PRO A 11 36.80 26.23 -33.00
N ASP A 12 37.96 26.81 -33.22
CA ASP A 12 38.28 27.42 -34.51
C ASP A 12 38.93 26.43 -35.47
N HIS A 13 38.86 25.13 -35.15
CA HIS A 13 39.49 24.10 -35.97
C HIS A 13 38.83 22.77 -35.53
N VAL A 14 39.09 21.68 -36.26
CA VAL A 14 38.39 20.42 -36.02
C VAL A 14 39.04 19.74 -34.84
N ARG A 15 38.24 19.45 -33.81
CA ARG A 15 38.72 18.65 -32.68
C ARG A 15 37.45 18.13 -31.98
N PRO A 16 37.58 17.09 -31.18
CA PRO A 16 36.43 16.65 -30.40
C PRO A 16 36.09 17.71 -29.35
N TYR A 17 34.80 17.89 -29.08
CA TYR A 17 34.43 18.83 -28.00
C TYR A 17 32.97 18.60 -27.60
N VAL A 18 32.66 19.12 -26.42
CA VAL A 18 31.32 19.16 -25.88
C VAL A 18 31.04 20.60 -25.57
N ILE A 19 29.82 21.03 -25.91
CA ILE A 19 29.42 22.41 -25.60
C ILE A 19 28.03 22.29 -24.94
N ARG A 20 27.92 22.86 -23.74
CA ARG A 20 26.65 22.78 -22.94
C ARG A 20 25.57 23.69 -23.54
N HIS A 21 24.31 23.27 -23.44
CA HIS A 21 23.15 24.11 -23.78
C HIS A 21 23.29 25.55 -23.27
N TYR A 22 22.98 26.54 -24.12
CA TYR A 22 23.06 27.96 -23.78
C TYR A 22 24.48 28.48 -23.40
N SER A 23 25.55 27.74 -23.71
CA SER A 23 26.88 28.34 -23.73
C SER A 23 26.85 29.56 -24.64
N HIS A 24 27.80 30.47 -24.44
CA HIS A 24 27.95 31.62 -25.32
C HIS A 24 27.88 31.33 -26.80
N ALA A 25 28.74 30.44 -27.26
CA ALA A 25 28.64 29.92 -28.64
C ALA A 25 28.48 31.01 -29.71
N ARG A 26 29.33 32.05 -29.58
CA ARG A 26 29.41 33.14 -30.53
C ARG A 26 28.03 33.76 -30.72
N ALA A 27 27.32 33.96 -29.60
CA ALA A 27 25.94 34.43 -29.63
C ALA A 27 25.78 35.77 -30.38
N VAL A 28 24.67 35.90 -31.12
CA VAL A 28 24.28 37.15 -31.74
C VAL A 28 22.79 37.25 -31.53
N THR A 29 22.30 38.49 -31.55
CA THR A 29 20.88 38.65 -31.68
C THR A 29 20.52 39.18 -33.03
N VAL A 30 19.31 38.82 -33.48
CA VAL A 30 18.68 39.45 -34.59
C VAL A 30 17.30 39.86 -34.07
N ASP A 31 17.13 41.15 -33.81
CA ASP A 31 15.97 41.64 -33.07
C ASP A 31 15.76 40.81 -31.81
N THR A 32 14.60 40.14 -31.69
CA THR A 32 14.30 39.36 -30.47
C THR A 32 14.91 37.95 -30.40
N GLN A 33 15.50 37.48 -31.50
CA GLN A 33 15.97 36.12 -31.62
C GLN A 33 17.39 36.05 -31.20
N LEU A 34 17.76 34.99 -30.48
CA LEU A 34 19.14 34.84 -30.06
C LEU A 34 19.60 33.53 -30.63
N TYR A 35 20.69 33.61 -31.40
CA TYR A 35 21.33 32.50 -32.14
C TYR A 35 22.61 32.05 -31.43
N ARG A 36 22.82 30.73 -31.40
CA ARG A 36 24.03 30.22 -30.78
C ARG A 36 24.57 29.20 -31.75
N PHE A 37 25.88 29.18 -31.95
CA PHE A 37 26.50 28.27 -32.93
C PHE A 37 27.31 27.18 -32.26
N TYR A 38 26.68 26.05 -32.00
CA TYR A 38 27.26 24.98 -31.21
C TYR A 38 28.22 24.23 -32.11
N VAL A 39 27.86 24.06 -33.39
CA VAL A 39 28.80 23.51 -34.38
C VAL A 39 28.85 24.46 -35.56
N THR A 40 30.07 24.79 -36.00
CA THR A 40 30.19 25.79 -37.07
C THR A 40 30.93 25.20 -38.24
N GLY A 41 31.05 25.96 -39.34
CA GLY A 41 31.97 25.52 -40.39
C GLY A 41 33.41 25.22 -39.90
N PRO A 42 34.12 26.21 -39.37
CA PRO A 42 35.49 25.94 -38.88
C PRO A 42 35.53 24.73 -37.91
N SER A 43 34.54 24.57 -37.02
CA SER A 43 34.65 23.53 -36.01
C SER A 43 34.41 22.15 -36.54
N SER A 44 33.66 22.06 -37.66
CA SER A 44 33.32 20.75 -38.24
C SER A 44 34.07 20.49 -39.55
N GLY A 45 35.04 21.37 -39.88
CA GLY A 45 35.70 21.32 -41.18
C GLY A 45 34.70 21.37 -42.35
N TYR A 46 33.65 22.18 -42.15
CA TYR A 46 32.67 22.59 -43.18
C TYR A 46 31.64 21.54 -43.43
N ALA A 47 31.55 20.56 -42.52
CA ALA A 47 30.67 19.42 -42.71
C ALA A 47 29.24 19.89 -42.48
N PHE A 48 29.02 20.66 -41.42
CA PHE A 48 27.62 21.11 -41.10
C PHE A 48 27.64 22.21 -40.06
N THR A 49 26.51 22.90 -39.91
CA THR A 49 26.33 23.78 -38.79
C THR A 49 25.18 23.21 -37.94
N LEU A 50 25.30 23.33 -36.62
CA LEU A 50 24.20 22.98 -35.70
C LEU A 50 24.07 24.22 -34.82
N MET A 51 22.92 24.87 -34.91
CA MET A 51 22.74 26.11 -34.20
C MET A 51 21.41 26.10 -33.44
N GLY A 52 21.33 26.92 -32.42
CA GLY A 52 20.08 27.02 -31.68
C GLY A 52 19.57 28.44 -31.75
N THR A 53 18.26 28.60 -31.91
CA THR A 53 17.70 29.97 -31.90
C THR A 53 16.66 29.99 -30.79
N ASN A 54 16.74 30.92 -29.84
CA ASN A 54 15.70 31.06 -28.84
C ASN A 54 15.00 32.37 -29.07
N ALA A 55 13.69 32.42 -28.89
CA ALA A 55 12.95 33.65 -29.25
C ALA A 55 11.57 33.61 -28.61
N PRO A 56 10.99 34.79 -28.35
CA PRO A 56 9.60 34.89 -27.86
C PRO A 56 8.60 34.85 -29.00
N HIS A 57 7.35 34.74 -28.61
CA HIS A 57 6.21 34.85 -29.55
C HIS A 57 6.41 36.14 -30.33
N SER A 58 6.12 36.09 -31.63
CA SER A 58 6.04 37.33 -32.43
C SER A 58 4.77 37.23 -33.26
N ASP A 59 4.11 38.35 -33.48
CA ASP A 59 2.97 38.38 -34.40
C ASP A 59 3.40 38.50 -35.85
N ALA A 60 4.69 38.68 -36.09
CA ALA A 60 5.18 38.86 -37.47
C ALA A 60 6.08 37.68 -37.93
N LEU A 61 6.37 37.57 -39.23
CA LEU A 61 7.31 36.51 -39.66
C LEU A 61 8.65 36.67 -39.01
N GLY A 62 9.40 35.56 -38.84
CA GLY A 62 10.70 35.62 -38.23
C GLY A 62 11.81 35.95 -39.22
N VAL A 63 11.45 35.95 -40.52
CA VAL A 63 12.40 36.27 -41.57
C VAL A 63 11.59 36.42 -42.84
N LEU A 64 12.05 37.26 -43.78
CA LEU A 64 11.34 37.33 -45.02
C LEU A 64 11.55 36.01 -45.77
N PRO A 65 10.61 35.64 -46.65
CA PRO A 65 10.74 34.38 -47.40
C PRO A 65 11.99 34.41 -48.30
N HIS A 66 12.68 33.25 -48.43
CA HIS A 66 13.95 33.26 -49.10
C HIS A 66 14.27 31.85 -49.53
N ILE A 67 15.34 31.69 -50.30
CA ILE A 67 15.90 30.40 -50.65
C ILE A 67 17.41 30.43 -50.49
N HIS A 68 17.96 29.22 -50.41
CA HIS A 68 19.39 28.97 -50.41
C HIS A 68 19.64 28.03 -51.60
N GLN A 69 20.57 28.41 -52.48
CA GLN A 69 20.91 27.55 -53.62
C GLN A 69 21.93 26.49 -53.25
N LYS A 70 22.70 26.67 -52.18
CA LYS A 70 23.78 25.69 -51.91
C LYS A 70 23.73 25.06 -50.50
N HIS A 71 22.73 25.41 -49.70
CA HIS A 71 22.61 24.87 -48.36
C HIS A 71 21.25 24.26 -48.17
N TYR A 72 21.27 23.10 -47.52
CA TYR A 72 20.10 22.38 -47.08
C TYR A 72 19.86 22.75 -45.59
N GLU A 73 18.69 23.30 -45.34
CA GLU A 73 18.28 23.70 -43.98
C GLU A 73 17.31 22.69 -43.34
N ASN A 74 17.54 22.45 -42.06
CA ASN A 74 16.78 21.51 -41.27
C ASN A 74 16.28 22.18 -40.03
N PHE A 75 14.95 22.15 -39.84
CA PHE A 75 14.33 22.83 -38.71
C PHE A 75 13.83 21.80 -37.71
N TYR A 76 14.34 21.85 -36.49
CA TYR A 76 13.89 20.94 -35.43
C TYR A 76 13.42 21.74 -34.22
N CYS A 77 12.24 21.41 -33.70
CA CYS A 77 11.72 22.17 -32.56
C CYS A 77 12.15 21.51 -31.23
N ASN A 78 13.06 22.16 -30.50
CA ASN A 78 13.56 21.67 -29.22
C ASN A 78 12.49 21.87 -28.14
N LYS A 79 11.83 23.03 -28.16
CA LYS A 79 10.75 23.35 -27.22
C LYS A 79 9.94 24.53 -27.79
N GLY A 80 8.76 24.74 -27.22
CA GLY A 80 7.84 25.79 -27.67
C GLY A 80 7.22 25.37 -29.00
N SER A 81 7.08 26.33 -29.90
CA SER A 81 6.50 26.07 -31.22
C SER A 81 6.77 27.25 -32.17
N PHE A 82 6.85 26.87 -33.44
CA PHE A 82 7.05 27.84 -34.53
C PHE A 82 6.43 27.25 -35.80
N GLN A 83 5.83 28.11 -36.62
CA GLN A 83 5.29 27.67 -37.91
C GLN A 83 6.36 27.79 -38.98
N LEU A 84 6.34 26.84 -39.90
CA LEU A 84 7.27 26.81 -40.98
C LEU A 84 6.47 26.70 -42.28
N TRP A 85 6.85 27.49 -43.30
CA TRP A 85 6.17 27.42 -44.61
C TRP A 85 7.24 27.08 -45.63
N ALA A 86 6.89 26.28 -46.63
CA ALA A 86 7.89 25.91 -47.62
C ALA A 86 7.20 25.63 -48.91
N GLN A 87 7.89 25.87 -50.03
CA GLN A 87 7.41 25.49 -51.36
C GLN A 87 8.52 25.21 -52.32
N SER A 88 8.33 24.16 -53.13
CA SER A 88 9.31 23.79 -54.14
C SER A 88 8.68 23.95 -55.49
N GLY A 89 9.41 24.62 -56.38
CA GLY A 89 9.01 24.79 -57.75
C GLY A 89 7.55 25.13 -57.87
N ASN A 90 6.87 24.29 -58.64
CA ASN A 90 5.44 24.34 -58.93
C ASN A 90 4.52 23.62 -57.92
N GLU A 91 5.10 22.99 -56.92
CA GLU A 91 4.33 22.18 -56.01
C GLU A 91 3.49 23.11 -55.08
N THR A 92 2.37 22.59 -54.59
CA THR A 92 1.56 23.23 -53.57
C THR A 92 2.39 23.71 -52.38
N GLN A 93 2.13 24.94 -51.93
CA GLN A 93 2.81 25.45 -50.74
C GLN A 93 2.26 24.71 -49.50
N GLN A 94 3.19 24.35 -48.62
CA GLN A 94 2.95 23.56 -47.38
C GLN A 94 3.34 24.33 -46.15
N THR A 95 2.54 24.20 -45.09
CA THR A 95 2.99 24.80 -43.80
C THR A 95 2.56 23.92 -42.60
N ARG A 96 3.36 23.93 -41.51
CA ARG A 96 3.09 23.18 -40.32
C ARG A 96 3.49 24.02 -39.13
N VAL A 97 2.75 23.85 -38.06
CA VAL A 97 3.20 24.36 -36.78
C VAL A 97 3.95 23.23 -36.08
N LEU A 98 5.27 23.40 -35.94
CA LEU A 98 6.14 22.44 -35.24
C LEU A 98 6.08 22.71 -33.70
N SER A 99 5.80 21.69 -32.92
CA SER A 99 5.97 21.78 -31.47
C SER A 99 7.11 20.84 -31.12
N SER A 100 7.30 20.57 -29.82
CA SER A 100 8.52 19.89 -29.37
C SER A 100 8.70 18.56 -30.05
N GLY A 101 9.88 18.38 -30.62
CA GLY A 101 10.28 17.13 -31.24
C GLY A 101 9.87 17.00 -32.70
N ASP A 102 9.18 18.02 -33.25
CA ASP A 102 8.76 18.02 -34.68
C ASP A 102 9.88 18.50 -35.61
N TYR A 103 9.82 18.10 -36.88
CA TYR A 103 10.93 18.28 -37.80
C TYR A 103 10.45 18.75 -39.14
N GLY A 104 11.20 19.68 -39.72
CA GLY A 104 10.85 20.17 -41.06
C GLY A 104 12.11 20.23 -41.91
N SER A 105 12.06 19.66 -43.11
CA SER A 105 13.23 19.54 -44.02
C SER A 105 13.05 20.58 -45.12
N VAL A 106 14.07 21.42 -45.32
CA VAL A 106 14.03 22.42 -46.40
C VAL A 106 15.25 22.28 -47.32
N PRO A 107 15.17 21.40 -48.35
CA PRO A 107 16.23 21.26 -49.33
C PRO A 107 16.60 22.59 -50.02
N ARG A 108 17.75 22.57 -50.70
CA ARG A 108 18.15 23.67 -51.60
C ARG A 108 17.02 23.99 -52.59
N ASN A 109 16.90 25.29 -52.85
CA ASN A 109 15.94 25.90 -53.77
C ASN A 109 14.51 25.72 -53.36
N VAL A 110 14.25 25.62 -52.07
CA VAL A 110 12.89 25.59 -51.57
C VAL A 110 12.65 26.93 -50.81
N THR A 111 11.61 27.64 -51.20
CA THR A 111 11.29 28.92 -50.56
C THR A 111 10.72 28.64 -49.18
N HIS A 112 11.16 29.39 -48.17
CA HIS A 112 10.69 29.11 -46.82
C HIS A 112 10.71 30.35 -45.96
N THR A 113 9.92 30.32 -44.89
CA THR A 113 10.04 31.34 -43.85
C THR A 113 9.46 30.68 -42.58
N PHE A 114 9.57 31.32 -41.42
CA PHE A 114 9.07 30.78 -40.16
C PHE A 114 8.49 31.90 -39.29
N GLN A 115 7.73 31.51 -38.25
CA GLN A 115 7.15 32.46 -37.31
C GLN A 115 7.13 31.83 -35.92
N ILE A 116 7.74 32.49 -34.94
CA ILE A 116 7.74 31.96 -33.58
C ILE A 116 6.39 32.11 -32.90
N GLN A 117 5.84 31.01 -32.35
CA GLN A 117 4.50 31.06 -31.73
C GLN A 117 4.57 31.19 -30.21
N ASP A 118 5.31 30.29 -29.55
CA ASP A 118 5.24 30.20 -28.08
C ASP A 118 6.34 30.99 -27.37
N PRO A 119 6.09 31.44 -26.15
CA PRO A 119 7.08 32.27 -25.45
C PRO A 119 8.41 31.59 -25.30
N ASP A 120 8.48 30.29 -25.02
CA ASP A 120 9.78 29.68 -24.71
C ASP A 120 10.14 28.75 -25.89
N THR A 121 10.37 29.36 -27.05
CA THR A 121 10.55 28.55 -28.26
C THR A 121 12.02 28.39 -28.54
N GLU A 122 12.41 27.16 -28.86
CA GLU A 122 13.76 26.90 -29.31
C GLU A 122 13.77 26.10 -30.65
N MET A 123 14.44 26.64 -31.67
CA MET A 123 14.66 25.94 -32.96
C MET A 123 16.10 25.47 -32.97
N THR A 124 16.34 24.21 -33.31
CA THR A 124 17.70 23.78 -33.58
C THR A 124 17.75 23.68 -35.10
N GLY A 125 18.72 24.36 -35.68
CA GLY A 125 18.89 24.34 -37.13
C GLY A 125 20.12 23.50 -37.42
N VAL A 126 20.00 22.58 -38.38
CA VAL A 126 21.11 21.86 -38.89
C VAL A 126 21.22 22.23 -40.36
N ILE A 127 22.36 22.81 -40.73
CA ILE A 127 22.48 23.35 -42.07
C ILE A 127 23.66 22.69 -42.72
N VAL A 128 23.49 22.26 -43.95
CA VAL A 128 24.53 21.50 -44.66
C VAL A 128 24.79 22.12 -46.02
N PRO A 129 26.05 22.37 -46.40
CA PRO A 129 27.26 22.13 -45.60
C PRO A 129 27.48 23.19 -44.54
N GLY A 130 28.57 23.12 -43.75
CA GLY A 130 28.78 24.11 -42.71
C GLY A 130 29.30 25.47 -43.24
N GLY A 131 29.25 26.53 -42.43
CA GLY A 131 29.77 27.85 -42.83
C GLY A 131 28.65 28.85 -43.14
N PHE A 132 27.40 28.41 -43.15
CA PHE A 132 26.30 29.32 -43.48
C PHE A 132 26.20 30.40 -42.39
N GLU A 133 26.65 30.09 -41.18
CA GLU A 133 26.47 31.02 -40.03
C GLU A 133 27.08 32.41 -40.23
N ASP A 134 28.02 32.56 -41.18
CA ASP A 134 28.52 33.89 -41.46
C ASP A 134 27.37 34.87 -41.65
N LEU A 135 26.27 34.36 -42.21
CA LEU A 135 25.12 35.18 -42.50
C LEU A 135 24.62 35.75 -41.19
N PHE A 136 24.58 34.89 -40.15
CA PHE A 136 24.09 35.38 -38.84
C PHE A 136 25.07 36.27 -38.12
N TYR A 137 26.36 35.96 -38.25
CA TYR A 137 27.33 36.96 -37.74
C TYR A 137 27.04 38.29 -38.40
N TYR A 138 26.95 38.27 -39.74
CA TYR A 138 26.83 39.52 -40.49
C TYR A 138 25.61 40.37 -40.09
N LEU A 139 24.43 39.75 -40.10
CA LEU A 139 23.16 40.43 -39.89
C LEU A 139 22.87 40.60 -38.42
N GLY A 140 23.52 39.78 -37.61
CA GLY A 140 23.28 39.85 -36.18
C GLY A 140 24.10 40.91 -35.44
N THR A 141 23.74 41.12 -34.17
CA THR A 141 24.55 41.98 -33.28
C THR A 141 25.17 41.10 -32.20
N ASN A 142 26.47 41.21 -32.00
CA ASN A 142 27.15 40.42 -30.99
C ASN A 142 26.42 40.48 -29.63
N ALA A 143 26.32 39.35 -28.94
CA ALA A 143 25.66 39.31 -27.63
C ALA A 143 26.61 38.70 -26.61
N THR A 144 26.88 39.46 -25.59
CA THR A 144 27.70 39.00 -24.48
C THR A 144 26.90 37.98 -23.64
N ASP A 145 25.68 38.35 -23.28
CA ASP A 145 24.75 37.51 -22.51
C ASP A 145 25.46 36.86 -21.32
N THR A 146 25.90 37.71 -20.41
CA THR A 146 26.68 37.25 -19.26
C THR A 146 26.01 36.11 -18.49
N THR A 147 24.70 36.23 -18.29
CA THR A 147 23.97 35.25 -17.46
C THR A 147 23.58 33.98 -18.21
N HIS A 148 23.90 33.92 -19.50
CA HIS A 148 23.48 32.82 -20.35
C HIS A 148 21.95 32.63 -20.42
N THR A 149 21.19 33.69 -20.22
CA THR A 149 19.74 33.59 -20.43
C THR A 149 19.41 33.17 -21.85
N PRO A 150 18.39 32.32 -22.01
CA PRO A 150 18.16 31.74 -23.33
C PRO A 150 17.96 32.77 -24.45
N TYR A 151 17.19 33.81 -24.18
CA TYR A 151 17.12 34.97 -25.06
C TYR A 151 16.95 36.22 -24.19
N ILE A 152 17.17 37.40 -24.78
CA ILE A 152 17.13 38.65 -24.00
C ILE A 152 15.67 39.07 -23.78
N PRO A 153 15.21 39.15 -22.51
CA PRO A 153 13.80 39.45 -22.22
C PRO A 153 13.31 40.79 -22.81
N SER A 154 12.07 40.90 -23.29
CA SER A 154 11.49 42.21 -23.75
C SER A 154 9.96 42.27 -23.75
N SER A 159 4.28 45.29 -34.99
CA SER A 159 5.17 44.15 -35.29
C SER A 159 5.50 44.01 -36.80
N SER A 160 6.68 44.53 -37.17
CA SER A 160 7.36 44.26 -38.47
C SER A 160 8.07 42.88 -38.52
N THR A 161 8.26 42.33 -39.73
CA THR A 161 9.02 41.09 -39.91
C THR A 161 10.42 41.25 -39.31
N THR A 162 10.88 40.22 -38.63
CA THR A 162 12.21 40.22 -38.00
C THR A 162 13.29 40.00 -39.06
N GLY A 163 14.45 40.62 -38.84
CA GLY A 163 15.62 40.32 -39.66
C GLY A 163 15.71 41.39 -40.73
N PRO A 164 16.41 41.10 -41.84
CA PRO A 164 16.63 42.12 -42.88
C PRO A 164 15.30 42.60 -43.50
N ASP A 165 15.18 43.89 -43.76
CA ASP A 165 14.06 44.39 -44.55
C ASP A 165 14.16 43.91 -46.03
N SER A 166 13.14 44.20 -46.84
CA SER A 166 13.07 43.62 -48.19
C SER A 166 14.25 44.07 -49.08
N SER A 167 14.64 45.35 -48.94
CA SER A 167 15.83 45.89 -49.60
C SER A 167 17.09 45.12 -49.22
N THR A 168 17.29 44.83 -47.93
CA THR A 168 18.52 44.20 -47.46
C THR A 168 18.60 42.73 -47.84
N ILE A 169 17.50 41.98 -47.68
CA ILE A 169 17.52 40.55 -47.98
C ILE A 169 17.74 40.19 -49.49
N SER A 170 17.52 41.17 -50.36
CA SER A 170 17.75 41.06 -51.82
C SER A 170 19.22 41.30 -52.23
N THR A 171 20.11 41.37 -51.24
CA THR A 171 21.47 41.90 -51.39
C THR A 171 22.53 40.86 -50.88
N LEU A 172 22.02 39.70 -50.49
CA LEU A 172 22.75 38.74 -49.65
C LEU A 172 23.16 37.47 -50.41
N GLN A 173 23.24 37.58 -51.74
CA GLN A 173 23.60 36.40 -52.57
C GLN A 173 24.94 35.78 -52.16
N SER A 174 25.84 36.61 -51.67
CA SER A 174 27.14 36.13 -51.24
C SER A 174 27.01 35.15 -50.07
N PHE A 175 25.99 35.34 -49.24
CA PHE A 175 25.78 34.45 -48.12
C PHE A 175 24.84 33.30 -48.49
N ASP A 176 24.57 33.13 -49.76
CA ASP A 176 23.64 32.08 -50.23
C ASP A 176 22.21 32.28 -49.72
N VAL A 177 21.79 33.54 -49.71
CA VAL A 177 20.43 33.90 -49.39
C VAL A 177 19.86 34.65 -50.56
N TYR A 178 18.68 34.24 -51.02
CA TYR A 178 18.08 34.89 -52.18
C TYR A 178 16.66 35.16 -51.83
N ALA A 179 16.26 36.41 -51.99
CA ALA A 179 14.92 36.89 -51.64
C ALA A 179 13.88 36.22 -52.51
N GLU A 180 12.74 35.88 -51.92
CA GLU A 180 11.54 35.49 -52.66
C GLU A 180 10.38 36.35 -52.22
N LEU A 181 10.31 37.57 -52.74
CA LEU A 181 9.39 38.54 -52.20
C LEU A 181 7.95 38.37 -52.74
N SER A 182 7.81 37.58 -53.81
CA SER A 182 6.51 37.17 -54.32
C SER A 182 5.89 36.04 -53.50
N PHE A 183 6.66 35.43 -52.58
CA PHE A 183 6.11 34.37 -51.76
C PHE A 183 5.10 34.93 -50.76
N THR A 184 3.89 34.36 -50.75
CA THR A 184 2.90 34.73 -49.73
C THR A 184 2.61 33.55 -48.82
N PRO A 185 3.10 33.58 -47.57
CA PRO A 185 2.79 32.49 -46.61
C PRO A 185 1.31 32.23 -46.49
N ARG A 186 0.89 30.96 -46.64
CA ARG A 186 -0.56 30.70 -46.71
C ARG A 186 -1.16 30.93 -45.32
N THR A 187 -2.43 31.33 -45.28
CA THR A 187 -3.01 31.76 -44.02
C THR A 187 -4.30 30.99 -43.71
N ASP A 188 -4.32 29.73 -44.13
CA ASP A 188 -5.51 28.90 -43.90
C ASP A 188 -5.15 27.73 -42.98
N THR A 189 -4.15 27.93 -42.13
CA THR A 189 -3.74 26.96 -41.13
C THR A 189 -4.91 26.59 -40.26
N VAL A 190 -5.07 25.28 -40.05
CA VAL A 190 -6.07 24.79 -39.08
C VAL A 190 -5.45 23.58 -38.44
N ASN A 191 -5.57 23.43 -37.11
CA ASN A 191 -4.84 22.35 -36.39
C ASN A 191 -3.39 22.23 -36.73
N GLY A 192 -2.70 23.39 -36.89
CA GLY A 192 -1.27 23.32 -37.10
C GLY A 192 -0.84 22.95 -38.52
N THR A 193 -1.76 22.90 -39.51
CA THR A 193 -1.33 22.50 -40.88
C THR A 193 -2.14 23.18 -41.95
N ALA A 194 -1.54 23.40 -43.12
CA ALA A 194 -2.27 23.70 -44.36
C ALA A 194 -1.38 23.16 -45.52
N PRO A 195 -1.98 22.72 -46.65
CA PRO A 195 -3.44 22.71 -46.84
C PRO A 195 -4.08 21.58 -46.02
N ALA A 196 -5.42 21.51 -46.04
CA ALA A 196 -6.13 20.62 -45.13
C ALA A 196 -5.81 19.15 -45.44
N ASN A 197 -5.56 18.84 -46.71
CA ASN A 197 -5.25 17.48 -47.15
C ASN A 197 -3.84 16.99 -46.85
N THR A 198 -3.37 17.18 -45.62
CA THR A 198 -2.04 16.74 -45.17
C THR A 198 -2.19 16.00 -43.87
N VAL A 199 -1.10 15.41 -43.38
CA VAL A 199 -1.10 14.65 -42.13
C VAL A 199 -0.07 15.27 -41.17
N TRP A 200 -0.55 15.70 -40.01
CA TRP A 200 0.29 16.40 -39.03
C TRP A 200 -0.26 16.11 -37.63
N HIS A 201 0.41 15.21 -36.92
CA HIS A 201 0.05 14.75 -35.58
C HIS A 201 -1.19 13.86 -35.59
N THR A 202 -1.57 13.41 -36.78
CA THR A 202 -2.75 12.56 -36.95
C THR A 202 -2.49 11.22 -37.66
N GLY A 203 -1.24 10.92 -37.99
CA GLY A 203 -0.99 9.74 -38.80
C GLY A 203 0.47 9.73 -39.19
N ALA A 204 0.91 8.64 -39.84
CA ALA A 204 2.31 8.50 -40.22
C ALA A 204 2.76 9.58 -41.26
N ASN A 205 4.01 10.03 -41.12
CA ASN A 205 4.63 10.95 -42.09
C ASN A 205 5.75 10.18 -42.78
N ALA A 206 5.83 10.30 -44.09
CA ALA A 206 6.91 9.68 -44.87
C ALA A 206 7.97 10.76 -45.16
N LEU A 207 9.20 10.32 -45.38
CA LEU A 207 10.24 11.24 -45.90
C LEU A 207 9.89 11.47 -47.37
N ALA A 208 10.38 12.58 -47.96
CA ALA A 208 10.01 12.80 -49.36
C ALA A 208 10.60 11.68 -50.21
N SER A 209 9.91 11.38 -51.31
CA SER A 209 10.34 10.31 -52.21
C SER A 209 11.64 10.61 -52.97
N THR A 210 12.04 11.89 -53.07
CA THR A 210 13.27 12.25 -53.74
C THR A 210 13.82 13.59 -53.20
N ALA A 211 15.00 14.00 -53.65
CA ALA A 211 15.62 15.21 -53.13
C ALA A 211 14.92 16.42 -53.70
N GLY A 212 14.98 17.54 -53.00
CA GLY A 212 14.48 18.80 -53.56
C GLY A 212 13.10 19.20 -53.06
N ASP A 213 12.37 18.28 -52.44
CA ASP A 213 11.01 18.56 -51.95
C ASP A 213 11.02 18.72 -50.43
N PRO A 214 10.34 19.74 -49.92
CA PRO A 214 10.24 19.88 -48.49
C PRO A 214 9.35 18.77 -47.94
N TYR A 215 9.54 18.44 -46.66
CA TYR A 215 8.63 17.50 -45.99
C TYR A 215 8.75 17.69 -44.51
N PHE A 216 7.76 17.18 -43.75
CA PHE A 216 7.70 17.41 -42.31
C PHE A 216 7.44 16.12 -41.57
N ILE A 217 8.07 15.98 -40.41
CA ILE A 217 7.85 14.76 -39.62
C ILE A 217 7.47 15.19 -38.22
N ALA A 218 6.28 14.80 -37.81
CA ALA A 218 5.82 15.12 -36.45
C ALA A 218 6.42 14.10 -35.49
N ASN A 219 6.61 14.51 -34.24
CA ASN A 219 7.34 13.72 -33.24
C ASN A 219 6.70 12.35 -33.04
N GLY A 220 7.46 11.31 -33.38
CA GLY A 220 7.03 9.94 -33.17
C GLY A 220 6.31 9.34 -34.37
N TRP A 221 6.04 10.15 -35.38
CA TRP A 221 5.13 9.69 -36.45
C TRP A 221 5.87 9.25 -37.74
N GLY A 222 7.20 9.42 -37.79
CA GLY A 222 7.93 9.05 -38.99
C GLY A 222 8.37 7.59 -38.91
N PRO A 223 9.04 7.06 -39.93
CA PRO A 223 9.47 5.65 -39.89
C PRO A 223 10.53 5.49 -38.80
N LYS A 224 10.65 4.29 -38.24
CA LYS A 224 11.56 4.01 -37.15
C LYS A 224 12.13 2.62 -37.41
N TYR A 225 13.32 2.42 -36.86
CA TYR A 225 14.05 1.18 -36.94
C TYR A 225 14.57 0.86 -35.53
N LEU A 226 14.41 -0.38 -35.09
CA LEU A 226 14.98 -0.88 -33.82
C LEU A 226 16.29 -1.57 -34.07
N ASN A 227 17.33 -1.08 -33.41
CA ASN A 227 18.58 -1.86 -33.41
C ASN A 227 18.77 -2.52 -32.04
N SER A 228 19.10 -3.81 -32.01
CA SER A 228 19.16 -4.60 -30.77
C SER A 228 20.59 -5.05 -30.44
N GLN A 229 21.57 -4.50 -31.13
CA GLN A 229 22.94 -5.02 -31.06
C GLN A 229 23.68 -4.57 -29.79
N TYR A 230 23.34 -3.36 -29.29
CA TYR A 230 24.09 -2.77 -28.18
C TYR A 230 23.09 -2.25 -27.15
N GLY A 231 22.18 -3.10 -26.68
CA GLY A 231 21.01 -2.61 -25.95
C GLY A 231 20.03 -2.22 -27.01
N TYR A 232 18.98 -1.44 -26.68
CA TYR A 232 18.03 -1.10 -27.73
C TYR A 232 18.21 0.32 -28.15
N GLN A 233 18.16 0.53 -29.47
CA GLN A 233 18.23 1.89 -29.99
C GLN A 233 17.23 2.02 -31.11
N ILE A 234 16.49 3.11 -31.10
CA ILE A 234 15.48 3.34 -32.13
C ILE A 234 15.89 4.56 -32.94
N VAL A 235 16.14 4.35 -34.22
CA VAL A 235 16.53 5.45 -35.08
C VAL A 235 15.26 5.97 -35.78
N ALA A 236 15.02 7.27 -35.74
CA ALA A 236 13.92 7.85 -36.52
C ALA A 236 14.56 8.69 -37.61
N PRO A 237 14.73 8.19 -38.83
CA PRO A 237 15.40 9.00 -39.87
C PRO A 237 14.68 10.27 -40.23
N PHE A 238 15.42 11.38 -40.40
CA PHE A 238 14.86 12.58 -40.94
C PHE A 238 15.41 12.87 -42.35
N VAL A 239 16.70 12.62 -42.55
CA VAL A 239 17.34 12.76 -43.85
C VAL A 239 18.18 11.52 -44.10
N THR A 240 17.97 10.92 -45.28
CA THR A 240 18.77 9.78 -45.73
C THR A 240 19.41 10.17 -47.03
N ALA A 241 20.12 9.23 -47.62
CA ALA A 241 20.84 9.43 -48.88
C ALA A 241 19.89 9.91 -49.98
N THR A 242 18.67 9.42 -49.93
CA THR A 242 17.65 9.73 -50.93
C THR A 242 17.44 11.26 -51.00
N GLN A 243 17.30 11.87 -49.83
CA GLN A 243 17.01 13.31 -49.74
C GLN A 243 18.29 14.16 -49.77
N ALA A 244 19.36 13.66 -49.13
CA ALA A 244 20.65 14.36 -49.12
C ALA A 244 21.34 14.42 -50.51
N GLN A 245 21.37 13.30 -51.23
CA GLN A 245 22.18 13.22 -52.46
C GLN A 245 23.58 13.78 -52.27
N ASP A 246 24.00 14.72 -53.10
CA ASP A 246 25.36 15.21 -53.06
C ASP A 246 25.69 16.04 -51.85
N THR A 247 24.68 16.52 -51.06
CA THR A 247 24.99 17.14 -49.75
C THR A 247 25.52 16.12 -48.73
N ASN A 248 25.27 14.82 -48.94
CA ASN A 248 26.11 13.77 -48.37
C ASN A 248 26.15 13.83 -46.84
N TYR A 249 24.99 13.58 -46.24
CA TYR A 249 24.86 13.59 -44.81
C TYR A 249 23.62 12.81 -44.43
N THR A 250 23.47 12.55 -43.12
CA THR A 250 22.22 12.00 -42.63
C THR A 250 21.88 12.75 -41.37
N LEU A 251 20.61 12.64 -41.01
CA LEU A 251 20.03 13.36 -39.88
C LEU A 251 18.91 12.46 -39.33
N SER A 252 18.83 12.31 -38.00
CA SER A 252 17.75 11.50 -37.43
C SER A 252 17.65 11.84 -35.95
N THR A 253 16.68 11.23 -35.25
CA THR A 253 16.90 11.07 -33.83
C THR A 253 17.30 9.63 -33.51
N ILE A 254 18.09 9.47 -32.45
CA ILE A 254 18.36 8.15 -31.91
C ILE A 254 17.84 8.12 -30.45
N SER A 255 17.01 7.14 -30.14
CA SER A 255 16.51 6.93 -28.78
C SER A 255 17.23 5.71 -28.25
N MET A 256 17.50 5.69 -26.96
CA MET A 256 18.39 4.66 -26.44
C MET A 256 17.89 4.18 -25.12
N SER A 257 18.06 2.86 -24.87
CA SER A 257 17.93 2.26 -23.56
C SER A 257 19.30 2.33 -22.86
N THR A 258 19.42 1.84 -21.63
CA THR A 258 20.73 1.63 -21.00
C THR A 258 21.35 0.45 -21.75
N THR A 259 22.63 0.29 -21.54
CA THR A 259 23.37 -0.82 -22.06
C THR A 259 23.42 -1.90 -20.97
N PRO A 260 22.94 -3.10 -21.26
CA PRO A 260 22.94 -4.21 -20.30
C PRO A 260 24.38 -4.55 -19.93
N SER A 261 24.56 -4.96 -18.68
CA SER A 261 25.91 -5.17 -18.14
C SER A 261 26.69 -6.24 -18.91
N THR A 262 25.98 -7.09 -19.65
CA THR A 262 26.63 -8.14 -20.44
C THR A 262 26.96 -7.74 -21.89
N VAL A 263 26.70 -6.48 -22.24
CA VAL A 263 26.96 -5.97 -23.56
C VAL A 263 28.07 -4.97 -23.41
N THR A 264 29.09 -5.08 -24.25
CA THR A 264 30.13 -4.10 -24.21
C THR A 264 29.68 -2.89 -25.04
N VAL A 265 29.85 -1.72 -24.47
CA VAL A 265 29.50 -0.51 -25.21
C VAL A 265 30.47 -0.45 -26.39
N PRO A 266 29.96 -0.41 -27.62
CA PRO A 266 30.86 -0.43 -28.78
C PRO A 266 31.67 0.86 -28.97
N THR A 267 32.81 0.71 -29.62
CA THR A 267 33.61 1.88 -30.12
C THR A 267 33.24 2.14 -31.59
N TRP A 268 33.11 3.42 -31.96
CA TRP A 268 32.84 3.84 -33.34
C TRP A 268 33.95 4.74 -33.84
N SER A 269 34.30 4.63 -35.13
CA SER A 269 35.13 5.63 -35.78
C SER A 269 34.69 5.68 -37.23
N PHE A 270 34.14 6.82 -37.63
CA PHE A 270 33.52 6.99 -38.93
C PHE A 270 34.37 7.81 -39.85
N PRO A 271 34.15 7.69 -41.15
CA PRO A 271 34.87 8.56 -42.07
C PRO A 271 34.57 10.07 -41.85
N GLY A 272 33.32 10.39 -41.53
CA GLY A 272 32.88 11.79 -41.55
C GLY A 272 32.59 12.24 -40.15
N ALA A 273 32.67 13.56 -39.94
CA ALA A 273 32.35 14.16 -38.67
C ALA A 273 30.86 13.86 -38.32
N CYS A 274 30.54 13.79 -37.01
CA CYS A 274 29.16 13.69 -36.56
C CYS A 274 28.95 14.44 -35.27
N ALA A 275 27.69 14.66 -34.92
CA ALA A 275 27.36 15.41 -33.71
C ALA A 275 26.00 15.02 -33.27
N PHE A 276 25.77 15.20 -31.98
CA PHE A 276 24.41 15.12 -31.51
C PHE A 276 24.07 16.12 -30.42
N GLN A 277 22.80 16.41 -30.34
CA GLN A 277 22.31 17.21 -29.26
C GLN A 277 21.26 16.41 -28.54
N VAL A 278 21.44 16.33 -27.25
CA VAL A 278 20.51 15.61 -26.37
C VAL A 278 19.22 16.38 -26.29
N GLN A 279 18.12 15.65 -26.45
CA GLN A 279 16.78 16.26 -26.35
C GLN A 279 16.19 15.85 -25.00
N GLU A 280 16.32 14.55 -24.66
CA GLU A 280 15.75 14.02 -23.44
C GLU A 280 16.78 13.03 -22.87
N GLY A 281 16.95 12.98 -21.55
CA GLY A 281 17.79 11.96 -20.96
C GLY A 281 19.22 12.40 -20.62
N ARG A 282 20.12 11.43 -20.48
CA ARG A 282 21.44 11.70 -19.94
C ARG A 282 22.33 10.72 -20.69
N VAL A 283 23.16 11.26 -21.58
CA VAL A 283 23.96 10.42 -22.45
C VAL A 283 25.41 10.70 -22.16
N VAL A 284 26.15 9.63 -21.99
CA VAL A 284 27.56 9.74 -21.66
C VAL A 284 28.36 9.54 -22.97
N VAL A 285 29.27 10.47 -23.27
CA VAL A 285 30.11 10.32 -24.45
C VAL A 285 31.58 10.27 -24.05
N GLN A 286 32.32 9.31 -24.64
CA GLN A 286 33.75 9.18 -24.33
C GLN A 286 34.50 9.26 -25.62
N ILE A 287 35.14 10.38 -25.89
CA ILE A 287 35.67 10.67 -27.24
C ILE A 287 37.15 10.75 -27.14
N GLY A 288 37.86 10.04 -28.03
CA GLY A 288 39.33 10.09 -28.02
C GLY A 288 39.91 9.69 -26.65
N ASP A 289 40.83 10.50 -26.12
CA ASP A 289 41.42 10.24 -24.82
C ASP A 289 40.83 11.06 -23.68
N TYR A 290 39.74 11.76 -23.99
CA TYR A 290 39.04 12.63 -23.06
C TYR A 290 38.14 11.83 -22.08
N ALA A 291 37.76 12.45 -20.96
CA ALA A 291 36.89 11.81 -19.97
C ALA A 291 35.52 11.55 -20.51
N ALA A 292 34.97 10.39 -20.10
CA ALA A 292 33.56 10.10 -20.30
C ALA A 292 32.75 11.28 -19.71
N THR A 293 31.91 11.94 -20.49
CA THR A 293 31.23 13.15 -20.03
C THR A 293 29.73 12.97 -20.25
N GLU A 294 28.94 13.33 -19.24
CA GLU A 294 27.49 13.14 -19.34
C GLU A 294 26.83 14.44 -19.84
N LEU A 295 26.00 14.31 -20.86
CA LEU A 295 25.28 15.45 -21.47
C LEU A 295 23.82 15.37 -21.09
N GLY A 296 23.26 16.51 -20.76
CA GLY A 296 21.84 16.69 -20.50
C GLY A 296 21.15 17.50 -21.60
N SER A 297 19.92 17.92 -21.35
CA SER A 297 19.17 18.55 -22.44
C SER A 297 19.85 19.75 -23.11
N GLY A 298 19.84 19.69 -24.44
CA GLY A 298 20.37 20.77 -25.25
C GLY A 298 21.88 20.69 -25.38
N ASP A 299 22.55 19.82 -24.61
CA ASP A 299 24.01 19.77 -24.71
C ASP A 299 24.46 19.10 -26.02
N VAL A 300 25.62 19.50 -26.56
CA VAL A 300 26.05 19.01 -27.90
C VAL A 300 27.41 18.37 -27.82
N ALA A 301 27.56 17.22 -28.48
CA ALA A 301 28.87 16.60 -28.58
C ALA A 301 29.28 16.59 -30.05
N PHE A 302 30.57 16.88 -30.35
CA PHE A 302 31.02 16.86 -31.76
C PHE A 302 32.21 15.93 -31.86
N ILE A 303 32.14 14.99 -32.80
CA ILE A 303 33.24 14.05 -33.04
C ILE A 303 33.78 14.16 -34.44
N PRO A 304 35.05 14.55 -34.59
CA PRO A 304 35.69 14.59 -35.90
C PRO A 304 35.65 13.17 -36.56
N GLY A 305 35.58 13.14 -37.89
CA GLY A 305 35.81 11.89 -38.56
C GLY A 305 37.14 11.30 -38.17
N GLY A 306 37.24 9.98 -38.11
CA GLY A 306 38.51 9.33 -37.84
C GLY A 306 38.84 9.32 -36.35
N VAL A 307 37.96 9.87 -35.50
CA VAL A 307 38.23 9.86 -34.04
C VAL A 307 37.34 8.81 -33.34
N GLU A 308 37.93 7.98 -32.51
CA GLU A 308 37.19 6.90 -31.85
C GLU A 308 36.31 7.47 -30.75
N PHE A 309 35.11 6.94 -30.63
CA PHE A 309 34.25 7.32 -29.49
C PHE A 309 33.27 6.23 -29.05
N LYS A 310 32.81 6.33 -27.81
CA LYS A 310 31.79 5.45 -27.26
C LYS A 310 30.74 6.39 -26.74
N TYR A 311 29.48 5.95 -26.85
CA TYR A 311 28.46 6.64 -26.10
C TYR A 311 27.48 5.59 -25.52
N TYR A 312 26.76 5.98 -24.46
CA TYR A 312 25.71 5.12 -23.90
C TYR A 312 24.79 6.02 -23.07
N SER A 313 23.58 5.53 -22.83
CA SER A 313 22.58 6.30 -22.08
C SER A 313 22.64 5.91 -20.60
N GLU A 314 22.82 6.90 -19.73
CA GLU A 314 22.83 6.61 -18.31
C GLU A 314 21.36 6.68 -17.85
N ALA A 315 20.56 7.48 -18.55
CA ALA A 315 19.12 7.49 -18.24
C ALA A 315 18.49 6.23 -18.85
N TYR A 316 17.43 5.76 -18.23
CA TYR A 316 16.67 4.63 -18.74
C TYR A 316 16.14 4.76 -20.17
N PHE A 317 15.81 6.00 -20.58
CA PHE A 317 15.49 6.35 -21.98
C PHE A 317 16.13 7.71 -22.27
N SER A 318 16.87 7.82 -23.39
CA SER A 318 17.37 9.10 -23.86
C SER A 318 17.02 9.24 -25.34
N LYS A 319 16.88 10.48 -25.85
CA LYS A 319 16.65 10.71 -27.30
C LYS A 319 17.60 11.86 -27.67
N VAL A 320 18.29 11.73 -28.81
CA VAL A 320 19.26 12.77 -29.22
C VAL A 320 18.91 13.08 -30.67
N LEU A 321 19.23 14.31 -31.10
CA LEU A 321 19.17 14.68 -32.50
C LEU A 321 20.59 14.47 -33.04
N PHE A 322 20.71 13.75 -34.14
CA PHE A 322 21.99 13.23 -34.56
C PHE A 322 22.23 13.66 -35.99
N VAL A 323 23.43 14.18 -36.27
CA VAL A 323 23.80 14.51 -37.68
C VAL A 323 25.16 13.91 -38.01
N SER A 324 25.32 13.39 -39.25
CA SER A 324 26.58 12.82 -39.70
C SER A 324 26.89 13.27 -41.13
N SER A 325 28.16 13.59 -41.39
CA SER A 325 28.67 13.83 -42.74
C SER A 325 28.99 12.47 -43.34
N GLY A 326 28.56 12.21 -44.58
CA GLY A 326 28.74 10.91 -45.18
C GLY A 326 27.43 10.16 -45.33
N SER A 327 27.47 9.05 -46.03
CA SER A 327 26.24 8.31 -46.24
C SER A 327 26.14 7.14 -45.22
N ASP A 328 27.20 6.91 -44.42
CA ASP A 328 27.28 5.70 -43.60
C ASP A 328 27.62 5.99 -42.15
N GLY A 329 27.02 7.04 -41.61
CA GLY A 329 27.26 7.39 -40.21
C GLY A 329 26.47 6.50 -39.28
N LEU A 330 26.56 6.87 -38.00
CA LEU A 330 25.98 6.07 -36.90
C LEU A 330 24.51 5.71 -37.14
N ASP A 331 23.64 6.68 -37.43
CA ASP A 331 22.23 6.37 -37.62
C ASP A 331 21.99 5.35 -38.70
N GLN A 332 22.64 5.52 -39.86
CA GLN A 332 22.45 4.57 -40.95
C GLN A 332 23.03 3.18 -40.65
N ASN A 333 24.15 3.15 -39.95
CA ASN A 333 24.76 1.90 -39.50
C ASN A 333 23.75 1.17 -38.60
N LEU A 334 23.14 1.88 -37.62
CA LEU A 334 22.17 1.22 -36.73
C LEU A 334 20.92 0.76 -37.51
N VAL A 335 20.49 1.55 -38.49
CA VAL A 335 19.34 1.16 -39.33
C VAL A 335 19.68 -0.11 -40.06
N ASN A 336 20.81 -0.09 -40.75
CA ASN A 336 21.19 -1.22 -41.56
C ASN A 336 21.31 -2.50 -40.75
N GLY A 337 21.83 -2.36 -39.52
CA GLY A 337 21.95 -3.51 -38.64
C GLY A 337 20.66 -3.88 -37.85
N GLY A 338 19.56 -3.14 -38.00
CA GLY A 338 18.33 -3.35 -37.22
C GLY A 338 17.14 -3.79 -38.09
N GLU A 339 15.94 -3.43 -37.69
CA GLU A 339 14.72 -3.92 -38.37
C GLU A 339 13.74 -2.74 -38.30
N GLU A 340 12.80 -2.73 -39.22
CA GLU A 340 11.65 -1.81 -39.14
C GLU A 340 10.95 -1.97 -37.80
N TRP A 341 10.43 -0.88 -37.26
CA TRP A 341 9.89 -0.93 -35.93
C TRP A 341 8.79 0.07 -35.82
N SER A 342 7.70 -0.30 -35.16
CA SER A 342 6.59 0.64 -35.12
C SER A 342 6.27 1.36 -33.84
N SER A 343 7.23 1.47 -32.94
CA SER A 343 6.96 2.16 -31.69
C SER A 343 8.07 3.12 -31.37
N VAL A 344 7.73 4.18 -30.65
CA VAL A 344 8.76 5.03 -30.03
C VAL A 344 9.36 4.40 -28.79
N SER A 345 8.78 3.29 -28.28
CA SER A 345 9.34 2.55 -27.15
C SER A 345 10.02 1.31 -27.66
N PHE A 346 11.03 0.86 -26.92
CA PHE A 346 11.70 -0.40 -27.23
C PHE A 346 11.07 -1.56 -26.45
N PRO A 347 11.41 -2.83 -26.74
CA PRO A 347 10.78 -3.93 -25.99
C PRO A 347 11.08 -3.91 -24.52
N ALA A 348 10.13 -4.47 -23.75
CA ALA A 348 10.20 -4.55 -22.30
C ALA A 348 11.24 -5.59 -21.79
N ASP A 349 11.67 -6.49 -22.67
CA ASP A 349 12.67 -7.51 -22.30
C ASP A 349 13.89 -7.46 -23.19
N TRP A 350 15.05 -7.83 -22.64
CA TRP A 350 16.27 -7.90 -23.45
C TRP A 350 16.24 -9.08 -24.44
N SER B 3 -19.95 -18.79 -6.30
CA SER B 3 -18.85 -17.78 -6.11
C SER B 3 -18.36 -17.72 -4.63
N SER B 4 -17.04 -17.90 -4.44
CA SER B 4 -16.46 -18.03 -3.09
C SER B 4 -15.97 -16.72 -2.51
N LEU B 5 -16.40 -16.52 -1.26
CA LEU B 5 -15.99 -15.38 -0.51
C LEU B 5 -14.52 -15.45 -0.17
N ILE B 6 -13.95 -16.66 -0.20
CA ILE B 6 -12.73 -16.92 0.59
C ILE B 6 -11.49 -16.37 -0.11
N VAL B 7 -10.65 -15.59 0.61
CA VAL B 7 -9.38 -15.13 0.08
C VAL B 7 -8.24 -15.43 1.07
N GLU B 8 -7.01 -15.46 0.57
CA GLU B 8 -5.81 -15.76 1.40
C GLU B 8 -5.12 -14.46 1.91
N ASP B 9 -5.38 -13.35 1.21
CA ASP B 9 -4.90 -12.01 1.58
C ASP B 9 -6.08 -11.09 1.35
N ALA B 10 -6.15 -10.00 2.11
CA ALA B 10 -7.27 -9.07 1.97
C ALA B 10 -7.20 -8.45 0.58
N PRO B 11 -8.35 -8.22 -0.03
CA PRO B 11 -8.37 -7.69 -1.40
C PRO B 11 -7.79 -6.29 -1.51
N ASP B 12 -7.41 -5.91 -2.75
CA ASP B 12 -6.85 -4.58 -2.96
C ASP B 12 -7.96 -3.55 -3.30
N HIS B 13 -9.21 -3.96 -3.09
CA HIS B 13 -10.41 -3.11 -3.34
C HIS B 13 -11.56 -3.66 -2.47
N VAL B 14 -12.66 -2.91 -2.44
CA VAL B 14 -13.81 -3.26 -1.63
C VAL B 14 -14.66 -4.35 -2.30
N ARG B 15 -14.92 -5.45 -1.57
CA ARG B 15 -15.80 -6.52 -2.07
C ARG B 15 -16.12 -7.40 -0.87
N PRO B 16 -17.21 -8.17 -0.92
CA PRO B 16 -17.46 -9.15 0.15
C PRO B 16 -16.29 -10.15 0.19
N TYR B 17 -15.83 -10.51 1.38
CA TYR B 17 -14.85 -11.61 1.51
C TYR B 17 -14.85 -12.26 2.87
N VAL B 18 -14.30 -13.48 2.91
CA VAL B 18 -13.97 -14.16 4.18
C VAL B 18 -12.52 -14.54 4.14
N ILE B 19 -11.81 -14.31 5.24
CA ILE B 19 -10.40 -14.69 5.30
C ILE B 19 -10.20 -15.54 6.56
N ARG B 20 -9.59 -16.69 6.37
CA ARG B 20 -9.59 -17.71 7.42
C ARG B 20 -8.52 -17.31 8.40
N HIS B 21 -8.69 -17.67 9.67
CA HIS B 21 -7.73 -17.40 10.74
C HIS B 21 -6.36 -17.93 10.29
N TYR B 22 -5.32 -17.13 10.51
CA TYR B 22 -3.95 -17.48 10.08
C TYR B 22 -3.69 -17.61 8.58
N SER B 23 -4.54 -17.02 7.77
CA SER B 23 -4.25 -16.89 6.32
C SER B 23 -3.06 -15.99 6.18
N HIS B 24 -2.38 -16.11 5.03
CA HIS B 24 -1.23 -15.28 4.80
C HIS B 24 -1.46 -13.81 5.17
N ALA B 25 -2.50 -13.18 4.63
CA ALA B 25 -2.90 -11.83 5.02
C ALA B 25 -1.76 -10.85 4.95
N ARG B 26 -0.94 -10.94 3.92
CA ARG B 26 0.14 -9.99 3.76
C ARG B 26 1.07 -9.93 4.94
N ALA B 27 1.33 -11.09 5.57
CA ALA B 27 2.07 -11.18 6.85
C ALA B 27 3.45 -10.52 6.85
N VAL B 28 3.76 -9.87 7.96
CA VAL B 28 5.10 -9.42 8.24
C VAL B 28 5.47 -9.80 9.68
N THR B 29 6.77 -9.86 9.94
CA THR B 29 7.22 -9.98 11.32
C THR B 29 7.93 -8.72 11.75
N VAL B 30 7.82 -8.42 13.04
CA VAL B 30 8.61 -7.37 13.66
C VAL B 30 9.21 -8.06 14.83
N ASP B 31 10.47 -8.47 14.69
CA ASP B 31 11.13 -9.30 15.69
C ASP B 31 10.31 -10.58 15.89
N THR B 32 9.85 -10.91 17.09
CA THR B 32 9.11 -12.14 17.23
C THR B 32 7.63 -12.08 16.89
N GLN B 33 7.09 -10.87 16.75
CA GLN B 33 5.67 -10.67 16.47
C GLN B 33 5.33 -10.86 15.00
N LEU B 34 4.25 -11.58 14.74
CA LEU B 34 3.81 -11.80 13.37
C LEU B 34 2.46 -11.12 13.22
N TYR B 35 2.36 -10.21 12.26
CA TYR B 35 1.16 -9.37 12.03
C TYR B 35 0.48 -9.86 10.81
N ARG B 36 -0.85 -9.97 10.85
CA ARG B 36 -1.67 -10.42 9.71
C ARG B 36 -2.75 -9.36 9.47
N PHE B 37 -2.94 -8.94 8.22
CA PHE B 37 -3.79 -7.77 7.95
C PHE B 37 -5.10 -8.27 7.35
N TYR B 38 -6.03 -8.67 8.22
CA TYR B 38 -7.23 -9.35 7.73
C TYR B 38 -8.15 -8.36 6.99
N VAL B 39 -8.20 -7.13 7.49
CA VAL B 39 -8.86 -6.05 6.76
C VAL B 39 -7.89 -4.87 6.71
N THR B 40 -7.74 -4.31 5.51
CA THR B 40 -6.86 -3.16 5.26
C THR B 40 -7.60 -1.89 4.88
N GLY B 41 -6.88 -0.80 4.69
CA GLY B 41 -7.43 0.41 4.06
C GLY B 41 -8.04 0.08 2.70
N PRO B 42 -7.27 -0.42 1.75
CA PRO B 42 -7.83 -0.78 0.46
C PRO B 42 -9.03 -1.77 0.52
N SER B 43 -8.96 -2.79 1.37
CA SER B 43 -10.04 -3.78 1.42
C SER B 43 -11.32 -3.23 2.08
N SER B 44 -11.16 -2.24 2.95
CA SER B 44 -12.32 -1.65 3.59
C SER B 44 -12.70 -0.24 3.11
N GLY B 45 -12.09 0.26 2.02
CA GLY B 45 -12.38 1.60 1.56
C GLY B 45 -11.99 2.62 2.62
N TYR B 46 -10.94 2.27 3.35
CA TYR B 46 -10.29 3.13 4.35
C TYR B 46 -11.07 3.34 5.63
N ALA B 47 -12.17 2.58 5.76
CA ALA B 47 -12.96 2.59 7.00
C ALA B 47 -12.23 2.13 8.26
N PHE B 48 -11.54 0.99 8.20
CA PHE B 48 -10.89 0.42 9.39
C PHE B 48 -9.88 -0.63 8.98
N THR B 49 -8.97 -0.89 9.89
CA THR B 49 -8.01 -1.96 9.78
C THR B 49 -8.28 -2.98 10.89
N LEU B 50 -8.30 -4.27 10.53
CA LEU B 50 -8.42 -5.33 11.50
C LEU B 50 -7.22 -6.24 11.33
N MET B 51 -6.38 -6.27 12.33
CA MET B 51 -5.18 -7.09 12.24
C MET B 51 -5.02 -8.07 13.40
N GLY B 52 -4.33 -9.17 13.12
CA GLY B 52 -3.95 -10.12 14.16
C GLY B 52 -2.44 -10.01 14.46
N THR B 53 -2.01 -10.05 15.71
CA THR B 53 -0.57 -10.12 16.04
C THR B 53 -0.44 -11.37 16.89
N ASN B 54 0.35 -12.34 16.48
CA ASN B 54 0.62 -13.51 17.34
C ASN B 54 2.06 -13.37 17.79
N ALA B 55 2.35 -13.72 19.05
CA ALA B 55 3.73 -13.53 19.52
C ALA B 55 3.96 -14.29 20.80
N PRO B 56 5.23 -14.66 21.05
CA PRO B 56 5.57 -15.36 22.27
C PRO B 56 5.81 -14.42 23.45
N HIS B 57 6.05 -15.01 24.60
CA HIS B 57 6.32 -14.25 25.80
C HIS B 57 7.55 -13.37 25.52
N SER B 58 7.54 -12.13 26.01
CA SER B 58 8.78 -11.32 26.01
C SER B 58 8.99 -10.68 27.35
N ASP B 59 10.24 -10.53 27.77
CA ASP B 59 10.56 -9.78 29.00
C ASP B 59 10.64 -8.28 28.77
N ALA B 60 10.34 -7.86 27.53
CA ALA B 60 10.55 -6.47 27.16
C ALA B 60 9.27 -5.94 26.54
N LEU B 61 9.09 -4.62 26.60
CA LEU B 61 7.95 -4.04 25.90
C LEU B 61 7.86 -4.52 24.47
N GLY B 62 6.62 -4.55 23.94
CA GLY B 62 6.36 -4.97 22.59
C GLY B 62 6.45 -3.81 21.61
N VAL B 63 6.58 -2.60 22.14
CA VAL B 63 6.73 -1.41 21.31
C VAL B 63 7.07 -0.27 22.23
N LEU B 64 7.75 0.75 21.71
CA LEU B 64 8.07 1.87 22.59
C LEU B 64 6.82 2.72 22.76
N PRO B 65 6.66 3.35 23.92
CA PRO B 65 5.45 4.15 24.17
C PRO B 65 5.25 5.24 23.12
N HIS B 66 4.02 5.40 22.70
CA HIS B 66 3.66 6.34 21.60
C HIS B 66 2.22 6.80 21.70
N ILE B 67 1.89 7.77 20.84
CA ILE B 67 0.53 8.32 20.70
C ILE B 67 0.19 8.34 19.21
N HIS B 68 -1.11 8.22 18.88
CA HIS B 68 -1.64 8.55 17.54
C HIS B 68 -2.53 9.77 17.71
N GLN B 69 -2.37 10.76 16.82
CA GLN B 69 -3.24 11.95 16.90
C GLN B 69 -4.51 11.75 16.09
N LYS B 70 -4.49 10.82 15.15
CA LYS B 70 -5.60 10.71 14.20
C LYS B 70 -6.19 9.29 14.10
N HIS B 71 -5.67 8.34 14.87
CA HIS B 71 -6.24 7.02 14.80
C HIS B 71 -6.68 6.57 16.17
N TYR B 72 -7.80 5.87 16.21
CA TYR B 72 -8.27 5.28 17.47
C TYR B 72 -7.88 3.82 17.44
N GLU B 73 -7.19 3.38 18.49
CA GLU B 73 -6.67 2.02 18.58
C GLU B 73 -7.49 1.17 19.56
N ASN B 74 -7.79 -0.04 19.16
CA ASN B 74 -8.53 -0.96 20.00
C ASN B 74 -7.76 -2.24 20.19
N PHE B 75 -7.53 -2.66 21.43
CA PHE B 75 -6.75 -3.88 21.72
C PHE B 75 -7.69 -4.94 22.21
N TYR B 76 -7.75 -6.06 21.50
CA TYR B 76 -8.63 -7.16 21.92
C TYR B 76 -7.73 -8.41 22.06
N CYS B 77 -7.84 -9.10 23.17
CA CYS B 77 -7.07 -10.32 23.37
C CYS B 77 -7.88 -11.53 22.92
N ASN B 78 -7.48 -12.12 21.82
CA ASN B 78 -8.10 -13.35 21.34
C ASN B 78 -7.73 -14.52 22.22
N LYS B 79 -6.45 -14.61 22.61
CA LYS B 79 -5.97 -15.71 23.45
C LYS B 79 -4.69 -15.29 24.09
N GLY B 80 -4.26 -16.07 25.08
CA GLY B 80 -3.03 -15.73 25.79
C GLY B 80 -3.24 -14.49 26.63
N SER B 81 -2.21 -13.62 26.74
CA SER B 81 -2.38 -12.41 27.50
C SER B 81 -1.29 -11.42 27.23
N PHE B 82 -1.62 -10.16 27.41
CA PHE B 82 -0.62 -9.16 27.22
C PHE B 82 -1.00 -7.99 28.10
N GLN B 83 0.00 -7.29 28.60
CA GLN B 83 -0.23 -6.08 29.44
C GLN B 83 -0.34 -4.86 28.54
N LEU B 84 -1.33 -4.01 28.83
CA LEU B 84 -1.48 -2.77 28.11
C LEU B 84 -1.35 -1.60 29.13
N TRP B 85 -0.58 -0.56 28.77
CA TRP B 85 -0.50 0.68 29.56
C TRP B 85 -1.10 1.83 28.76
N ALA B 86 -1.73 2.77 29.45
CA ALA B 86 -2.38 3.87 28.74
C ALA B 86 -2.52 5.12 29.61
N GLN B 87 -2.21 6.29 29.05
CA GLN B 87 -2.40 7.52 29.79
C GLN B 87 -2.91 8.64 28.90
N SER B 88 -3.98 9.31 29.36
CA SER B 88 -4.47 10.54 28.71
C SER B 88 -3.98 11.75 29.49
N GLY B 89 -3.18 12.60 28.87
CA GLY B 89 -2.72 13.83 29.47
C GLY B 89 -2.00 13.61 30.80
N ASN B 90 -2.52 14.26 31.82
CA ASN B 90 -1.97 14.15 33.18
C ASN B 90 -2.85 13.29 34.09
N GLU B 91 -3.80 12.58 33.50
CA GLU B 91 -4.64 11.71 34.29
C GLU B 91 -3.80 10.53 34.73
N THR B 92 -4.25 9.86 35.75
CA THR B 92 -3.44 8.78 36.33
C THR B 92 -3.16 7.70 35.26
N GLN B 93 -1.92 7.25 35.16
CA GLN B 93 -1.65 6.18 34.17
C GLN B 93 -2.36 4.87 34.58
N GLN B 94 -2.95 4.16 33.60
CA GLN B 94 -3.67 2.95 33.90
C GLN B 94 -2.98 1.77 33.19
N THR B 95 -2.98 0.61 33.82
CA THR B 95 -2.53 -0.57 33.09
C THR B 95 -3.37 -1.79 33.46
N ARG B 96 -3.60 -2.70 32.49
CA ARG B 96 -4.34 -3.95 32.75
C ARG B 96 -3.61 -5.07 32.01
N VAL B 97 -3.71 -6.26 32.54
CA VAL B 97 -3.21 -7.41 31.82
C VAL B 97 -4.42 -8.05 31.18
N LEU B 98 -4.44 -8.07 29.86
CA LEU B 98 -5.63 -8.54 29.20
C LEU B 98 -5.46 -10.03 28.94
N SER B 99 -6.48 -10.84 29.27
CA SER B 99 -6.45 -12.24 28.92
C SER B 99 -7.64 -12.43 27.97
N SER B 100 -7.90 -13.68 27.61
CA SER B 100 -8.83 -14.00 26.52
C SER B 100 -10.18 -13.31 26.63
N GLY B 101 -10.58 -12.59 25.58
CA GLY B 101 -11.86 -11.94 25.64
C GLY B 101 -11.84 -10.51 26.21
N ASP B 102 -10.72 -10.07 26.73
CA ASP B 102 -10.61 -8.76 27.36
C ASP B 102 -10.36 -7.66 26.33
N TYR B 103 -10.68 -6.39 26.68
CA TYR B 103 -10.65 -5.32 25.70
C TYR B 103 -10.04 -4.07 26.28
N GLY B 104 -9.16 -3.41 25.51
CA GLY B 104 -8.61 -2.12 25.89
C GLY B 104 -8.85 -1.06 24.82
N SER B 105 -9.40 0.09 25.22
CA SER B 105 -9.69 1.15 24.27
C SER B 105 -8.67 2.27 24.42
N VAL B 106 -8.10 2.69 23.29
CA VAL B 106 -7.04 3.71 23.26
C VAL B 106 -7.43 4.80 22.25
N PRO B 107 -8.22 5.78 22.71
CA PRO B 107 -8.55 6.94 21.87
C PRO B 107 -7.29 7.68 21.36
N ARG B 108 -7.52 8.56 20.41
CA ARG B 108 -6.50 9.46 19.92
C ARG B 108 -5.89 10.21 21.09
N ASN B 109 -4.59 10.47 20.98
CA ASN B 109 -3.83 11.30 21.94
C ASN B 109 -3.74 10.64 23.29
N VAL B 110 -3.64 9.30 23.31
CA VAL B 110 -3.42 8.57 24.54
C VAL B 110 -2.14 7.82 24.42
N THR B 111 -1.21 8.09 25.33
CA THR B 111 0.06 7.38 25.30
C THR B 111 -0.14 5.93 25.69
N HIS B 112 0.51 5.01 24.99
CA HIS B 112 0.29 3.62 25.27
C HIS B 112 1.46 2.74 24.85
N THR B 113 1.50 1.55 25.43
CA THR B 113 2.45 0.53 25.01
C THR B 113 1.89 -0.82 25.46
N PHE B 114 2.48 -1.94 25.02
CA PHE B 114 1.99 -3.22 25.49
C PHE B 114 3.18 -4.16 25.70
N GLN B 115 2.94 -5.29 26.37
CA GLN B 115 3.95 -6.34 26.54
C GLN B 115 3.29 -7.71 26.51
N ILE B 116 3.90 -8.64 25.74
CA ILE B 116 3.31 -9.96 25.52
C ILE B 116 3.68 -10.86 26.68
N GLN B 117 2.68 -11.48 27.31
CA GLN B 117 2.91 -12.29 28.52
C GLN B 117 2.96 -13.79 28.22
N ASP B 118 1.94 -14.38 27.62
CA ASP B 118 1.89 -15.83 27.54
C ASP B 118 2.40 -16.32 26.16
N PRO B 119 2.86 -17.57 26.09
CA PRO B 119 3.43 -18.13 24.87
C PRO B 119 2.53 -18.12 23.67
N ASP B 120 1.22 -18.30 23.87
CA ASP B 120 0.33 -18.39 22.73
C ASP B 120 -0.60 -17.16 22.73
N THR B 121 -0.03 -15.97 22.60
CA THR B 121 -0.81 -14.75 22.71
C THR B 121 -1.24 -14.29 21.36
N GLU B 122 -2.50 -13.85 21.24
CA GLU B 122 -2.94 -13.26 19.99
C GLU B 122 -3.75 -12.01 20.31
N MET B 123 -3.32 -10.90 19.72
CA MET B 123 -3.98 -9.60 19.84
C MET B 123 -4.74 -9.36 18.54
N THR B 124 -5.99 -8.93 18.62
CA THR B 124 -6.67 -8.42 17.46
C THR B 124 -6.72 -6.91 17.67
N GLY B 125 -6.15 -6.18 16.70
CA GLY B 125 -6.15 -4.71 16.77
C GLY B 125 -7.19 -4.17 15.78
N VAL B 126 -8.02 -3.24 16.24
CA VAL B 126 -8.98 -2.66 15.33
C VAL B 126 -8.66 -1.18 15.34
N ILE B 127 -8.29 -0.64 14.17
CA ILE B 127 -7.78 0.74 14.12
C ILE B 127 -8.64 1.53 13.14
N VAL B 128 -9.06 2.71 13.59
CA VAL B 128 -9.95 3.55 12.82
C VAL B 128 -9.33 4.95 12.70
N PRO B 129 -9.25 5.53 11.50
CA PRO B 129 -9.66 4.91 10.23
C PRO B 129 -8.67 3.88 9.72
N GLY B 130 -8.98 3.28 8.56
CA GLY B 130 -8.19 2.20 8.01
C GLY B 130 -6.96 2.73 7.26
N GLY B 131 -6.06 1.81 6.91
CA GLY B 131 -4.85 2.19 6.21
C GLY B 131 -3.64 2.36 7.14
N PHE B 132 -3.87 2.28 8.48
CA PHE B 132 -2.80 2.39 9.48
C PHE B 132 -1.70 1.34 9.23
N GLU B 133 -2.06 0.21 8.65
CA GLU B 133 -1.11 -0.88 8.42
C GLU B 133 0.14 -0.55 7.56
N ASP B 134 0.10 0.59 6.85
CA ASP B 134 1.29 0.98 6.10
C ASP B 134 2.52 1.06 7.04
N LEU B 135 2.29 1.42 8.30
CA LEU B 135 3.33 1.50 9.32
C LEU B 135 4.10 0.15 9.41
N PHE B 136 3.35 -0.94 9.43
CA PHE B 136 3.94 -2.28 9.61
C PHE B 136 4.59 -2.81 8.34
N TYR B 137 4.11 -2.38 7.17
CA TYR B 137 4.77 -2.75 5.91
C TYR B 137 6.18 -2.20 5.96
N TYR B 138 6.29 -0.99 6.54
CA TYR B 138 7.59 -0.37 6.76
C TYR B 138 8.44 -1.07 7.87
N LEU B 139 7.91 -1.16 9.09
CA LEU B 139 8.64 -1.75 10.23
C LEU B 139 8.92 -3.23 10.07
N GLY B 140 8.00 -3.93 9.41
CA GLY B 140 8.05 -5.39 9.36
C GLY B 140 8.79 -5.97 8.18
N THR B 141 9.14 -7.26 8.28
CA THR B 141 9.75 -7.99 7.19
C THR B 141 8.75 -8.99 6.64
N ASN B 142 8.51 -8.95 5.33
CA ASN B 142 7.53 -9.86 4.79
C ASN B 142 7.88 -11.28 5.23
N ALA B 143 6.84 -12.06 5.53
CA ALA B 143 6.99 -13.44 5.97
C ALA B 143 6.22 -14.32 5.00
N THR B 144 6.87 -15.30 4.39
CA THR B 144 6.15 -16.27 3.53
C THR B 144 5.25 -17.17 4.42
N ASP B 145 5.81 -17.60 5.54
CA ASP B 145 5.15 -18.55 6.47
C ASP B 145 4.30 -19.58 5.70
N THR B 146 5.00 -20.48 4.99
CA THR B 146 4.38 -21.53 4.16
C THR B 146 3.37 -22.37 4.91
N THR B 147 3.69 -22.68 6.15
CA THR B 147 2.83 -23.59 6.92
C THR B 147 1.70 -22.88 7.63
N HIS B 148 1.72 -21.55 7.60
CA HIS B 148 0.69 -20.76 8.31
C HIS B 148 0.81 -20.92 9.85
N THR B 149 2.00 -21.23 10.35
CA THR B 149 2.15 -21.31 11.77
C THR B 149 1.76 -19.95 12.37
N PRO B 150 1.13 -19.94 13.55
CA PRO B 150 0.68 -18.66 14.13
C PRO B 150 1.78 -17.62 14.25
N TYR B 151 2.97 -18.00 14.73
CA TYR B 151 4.12 -17.10 14.63
C TYR B 151 5.36 -17.95 14.44
N ILE B 152 6.47 -17.33 14.02
CA ILE B 152 7.69 -18.08 13.74
C ILE B 152 8.37 -18.46 15.04
N PRO B 153 8.52 -19.76 15.29
CA PRO B 153 9.13 -20.25 16.53
C PRO B 153 10.60 -19.81 16.71
N SER B 154 10.95 -19.38 17.93
CA SER B 154 12.32 -19.03 18.31
C SER B 154 12.66 -19.51 19.73
N SER B 159 17.04 -8.87 24.81
CA SER B 159 15.76 -8.35 25.28
C SER B 159 15.64 -6.81 25.27
N SER B 160 15.90 -6.27 24.09
CA SER B 160 15.56 -4.90 23.74
C SER B 160 14.07 -4.90 23.50
N THR B 161 13.44 -3.76 23.75
CA THR B 161 12.07 -3.52 23.32
C THR B 161 11.92 -3.95 21.87
N THR B 162 10.81 -4.62 21.56
CA THR B 162 10.55 -5.08 20.19
C THR B 162 10.24 -3.87 19.32
N GLY B 163 10.60 -3.97 18.04
CA GLY B 163 10.34 -2.93 17.08
C GLY B 163 11.44 -1.92 17.00
N PRO B 164 11.09 -0.74 16.52
CA PRO B 164 12.06 0.34 16.31
C PRO B 164 12.69 0.81 17.63
N ASP B 165 13.97 1.19 17.56
CA ASP B 165 14.69 1.79 18.67
C ASP B 165 14.19 3.21 18.86
N SER B 166 14.70 3.90 19.88
CA SER B 166 14.18 5.21 20.24
C SER B 166 14.42 6.23 19.11
N SER B 167 15.61 6.17 18.48
CA SER B 167 15.89 6.98 17.28
C SER B 167 14.82 6.79 16.20
N THR B 168 14.52 5.53 15.89
CA THR B 168 13.70 5.19 14.71
C THR B 168 12.23 5.54 14.96
N ILE B 169 11.74 5.16 16.14
CA ILE B 169 10.33 5.41 16.50
C ILE B 169 10.02 6.91 16.58
N SER B 170 11.07 7.74 16.66
CA SER B 170 10.92 9.20 16.57
C SER B 170 10.86 9.72 15.11
N THR B 171 10.87 8.82 14.13
CA THR B 171 10.97 9.18 12.70
C THR B 171 9.67 8.88 11.92
N LEU B 172 8.62 8.58 12.68
CA LEU B 172 7.40 7.86 12.30
C LEU B 172 6.14 8.72 12.36
N GLN B 173 6.28 10.02 12.50
CA GLN B 173 5.14 10.92 12.60
C GLN B 173 4.30 10.85 11.32
N SER B 174 4.93 10.57 10.17
CA SER B 174 4.15 10.47 8.93
C SER B 174 3.15 9.34 8.94
N PHE B 175 3.40 8.32 9.77
CA PHE B 175 2.48 7.22 9.93
C PHE B 175 1.54 7.46 11.09
N ASP B 176 1.57 8.68 11.65
CA ASP B 176 0.69 9.01 12.81
C ASP B 176 1.14 8.25 14.05
N VAL B 177 2.46 8.11 14.19
CA VAL B 177 3.04 7.52 15.37
C VAL B 177 3.99 8.54 15.99
N TYR B 178 3.70 8.98 17.22
CA TYR B 178 4.48 10.05 17.89
C TYR B 178 5.13 9.46 19.11
N ALA B 179 6.45 9.42 19.14
CA ALA B 179 7.14 8.81 20.27
C ALA B 179 6.89 9.57 21.56
N GLU B 180 6.83 8.84 22.68
CA GLU B 180 6.68 9.41 24.00
C GLU B 180 7.74 8.72 24.85
N LEU B 181 9.00 9.10 24.61
CA LEU B 181 10.15 8.38 25.18
C LEU B 181 10.33 8.61 26.70
N SER B 182 9.74 9.68 27.22
CA SER B 182 9.77 9.94 28.66
C SER B 182 8.70 9.16 29.48
N PHE B 183 7.81 8.42 28.80
CA PHE B 183 6.75 7.63 29.46
C PHE B 183 7.40 6.47 30.17
N THR B 184 7.08 6.26 31.44
CA THR B 184 7.62 5.17 32.23
C THR B 184 6.39 4.34 32.58
N PRO B 185 6.21 3.17 31.93
CA PRO B 185 5.06 2.30 32.23
C PRO B 185 5.13 1.92 33.71
N ARG B 186 3.99 1.98 34.39
CA ARG B 186 4.01 1.78 35.84
C ARG B 186 4.39 0.33 36.20
N THR B 187 5.05 0.15 37.34
CA THR B 187 5.57 -1.18 37.70
C THR B 187 5.04 -1.66 39.04
N ASP B 188 3.82 -1.26 39.40
CA ASP B 188 3.15 -1.67 40.62
C ASP B 188 1.90 -2.48 40.32
N THR B 189 1.92 -3.19 39.19
CA THR B 189 0.83 -4.10 38.83
C THR B 189 0.67 -5.17 39.93
N VAL B 190 -0.56 -5.44 40.31
CA VAL B 190 -0.96 -6.50 41.25
C VAL B 190 -2.28 -7.06 40.73
N ASN B 191 -2.43 -8.38 40.71
CA ASN B 191 -3.63 -8.99 40.09
C ASN B 191 -4.00 -8.44 38.72
N GLY B 192 -2.97 -8.10 37.91
CA GLY B 192 -3.19 -7.71 36.53
C GLY B 192 -3.77 -6.32 36.38
N THR B 193 -3.69 -5.53 37.45
CA THR B 193 -4.07 -4.13 37.30
C THR B 193 -3.25 -3.19 38.16
N ALA B 194 -3.20 -1.92 37.72
CA ALA B 194 -2.73 -0.79 38.50
C ALA B 194 -3.30 0.52 37.92
N PRO B 195 -3.49 1.54 38.76
CA PRO B 195 -3.25 1.47 40.18
C PRO B 195 -4.35 0.68 40.93
N ALA B 196 -4.24 0.69 42.23
CA ALA B 196 -5.07 -0.13 43.13
C ALA B 196 -6.57 0.17 43.11
N ASN B 197 -6.95 1.44 42.94
CA ASN B 197 -8.40 1.77 42.94
C ASN B 197 -9.06 1.52 41.60
N THR B 198 -8.84 0.34 41.03
CA THR B 198 -9.37 0.02 39.71
C THR B 198 -10.12 -1.31 39.75
N VAL B 199 -10.98 -1.53 38.75
CA VAL B 199 -11.82 -2.74 38.75
C VAL B 199 -11.44 -3.61 37.56
N TRP B 200 -10.91 -4.79 37.84
CA TRP B 200 -10.42 -5.68 36.76
C TRP B 200 -10.64 -7.17 37.01
N HIS B 201 -11.67 -7.68 36.35
CA HIS B 201 -12.17 -9.04 36.50
C HIS B 201 -12.75 -9.24 37.89
N THR B 202 -13.10 -8.15 38.57
CA THR B 202 -13.70 -8.23 39.93
C THR B 202 -14.98 -7.42 40.03
N GLY B 203 -15.45 -6.89 38.92
CA GLY B 203 -16.63 -6.04 38.99
C GLY B 203 -16.95 -5.41 37.66
N ALA B 204 -18.06 -4.68 37.61
CA ALA B 204 -18.55 -4.15 36.33
C ALA B 204 -17.55 -3.12 35.78
N ASN B 205 -17.39 -3.13 34.44
CA ASN B 205 -16.63 -2.04 33.78
C ASN B 205 -17.57 -1.21 32.92
N ALA B 206 -17.56 0.09 33.11
CA ALA B 206 -18.29 0.98 32.25
C ALA B 206 -17.40 1.48 31.07
N LEU B 207 -18.01 1.75 29.92
CA LEU B 207 -17.37 2.56 28.86
C LEU B 207 -17.08 3.98 29.41
N ALA B 208 -15.94 4.58 29.03
CA ALA B 208 -15.65 5.95 29.46
C ALA B 208 -16.72 6.90 28.95
N SER B 209 -17.23 7.78 29.80
CA SER B 209 -18.17 8.75 29.26
C SER B 209 -17.48 9.98 28.78
N THR B 210 -16.20 10.11 29.08
CA THR B 210 -15.43 11.27 28.63
C THR B 210 -14.65 10.86 27.39
N ALA B 211 -14.75 11.63 26.30
CA ALA B 211 -14.05 11.28 25.09
C ALA B 211 -12.56 11.55 25.34
N GLY B 212 -11.71 10.71 24.74
CA GLY B 212 -10.28 10.84 24.90
C GLY B 212 -9.70 10.02 26.03
N ASP B 213 -10.54 9.47 26.92
CA ASP B 213 -9.99 8.67 28.01
C ASP B 213 -9.90 7.20 27.63
N PRO B 214 -8.79 6.55 27.99
CA PRO B 214 -8.71 5.11 27.78
C PRO B 214 -9.63 4.43 28.76
N TYR B 215 -10.08 3.23 28.42
CA TYR B 215 -10.89 2.41 29.35
C TYR B 215 -10.76 0.95 28.95
N PHE B 216 -11.09 0.06 29.89
CA PHE B 216 -10.83 -1.35 29.68
C PHE B 216 -12.09 -2.13 30.07
N ILE B 217 -12.48 -3.08 29.23
CA ILE B 217 -13.56 -3.99 29.60
C ILE B 217 -13.08 -5.43 29.68
N ALA B 218 -13.19 -6.00 30.88
CA ALA B 218 -12.79 -7.38 31.09
C ALA B 218 -13.91 -8.29 30.57
N ASN B 219 -13.56 -9.46 30.02
CA ASN B 219 -14.55 -10.36 29.37
C ASN B 219 -15.79 -10.62 30.24
N GLY B 220 -16.97 -10.16 29.81
CA GLY B 220 -18.20 -10.50 30.51
C GLY B 220 -18.65 -9.38 31.42
N TRP B 221 -17.77 -8.39 31.64
CA TRP B 221 -18.04 -7.44 32.70
C TRP B 221 -18.60 -6.08 32.26
N GLY B 222 -18.71 -5.87 30.94
CA GLY B 222 -19.16 -4.58 30.42
C GLY B 222 -20.66 -4.54 30.35
N PRO B 223 -21.21 -3.43 29.88
CA PRO B 223 -22.67 -3.32 29.66
C PRO B 223 -23.13 -4.29 28.55
N LYS B 224 -24.34 -4.88 28.68
CA LYS B 224 -24.85 -5.82 27.67
C LYS B 224 -26.32 -5.54 27.39
N TYR B 225 -26.73 -5.89 26.17
CA TYR B 225 -28.10 -5.67 25.75
C TYR B 225 -28.55 -6.96 25.10
N LEU B 226 -29.74 -7.41 25.52
CA LEU B 226 -30.37 -8.58 24.91
C LEU B 226 -31.35 -8.16 23.81
N ASN B 227 -31.14 -8.67 22.61
CA ASN B 227 -32.07 -8.45 21.54
C ASN B 227 -32.75 -9.78 21.27
N SER B 228 -34.08 -9.75 21.19
CA SER B 228 -34.84 -10.99 21.07
C SER B 228 -35.59 -11.02 19.74
N GLN B 229 -35.22 -10.16 18.78
CA GLN B 229 -36.03 -10.05 17.56
C GLN B 229 -35.84 -11.23 16.59
N TYR B 230 -34.64 -11.82 16.59
CA TYR B 230 -34.33 -12.86 15.60
C TYR B 230 -33.60 -13.95 16.34
N GLY B 231 -34.28 -14.65 17.23
CA GLY B 231 -33.56 -15.46 18.21
C GLY B 231 -32.95 -14.56 19.24
N TYR B 232 -32.04 -15.10 20.05
CA TYR B 232 -31.40 -14.24 21.04
C TYR B 232 -29.99 -13.79 20.69
N GLN B 233 -29.74 -12.49 20.86
CA GLN B 233 -28.43 -11.95 20.57
C GLN B 233 -28.05 -10.99 21.69
N ILE B 234 -26.84 -11.11 22.16
CA ILE B 234 -26.40 -10.24 23.24
C ILE B 234 -25.27 -9.41 22.70
N VAL B 235 -25.51 -8.10 22.63
CA VAL B 235 -24.45 -7.15 22.27
C VAL B 235 -23.70 -6.61 23.52
N ALA B 236 -22.37 -6.73 23.53
CA ALA B 236 -21.56 -6.08 24.55
C ALA B 236 -20.80 -4.92 23.87
N PRO B 237 -21.28 -3.67 23.96
CA PRO B 237 -20.58 -2.53 23.34
C PRO B 237 -19.19 -2.32 23.91
N PHE B 238 -18.23 -2.01 23.04
CA PHE B 238 -16.86 -1.64 23.45
C PHE B 238 -16.69 -0.17 23.06
N VAL B 239 -17.15 0.18 21.86
CA VAL B 239 -17.14 1.59 21.39
C VAL B 239 -18.51 2.01 20.86
N THR B 240 -18.98 3.17 21.32
CA THR B 240 -20.22 3.77 20.88
C THR B 240 -19.89 5.16 20.40
N ALA B 241 -20.90 5.87 19.88
CA ALA B 241 -20.75 7.28 19.47
C ALA B 241 -20.15 8.18 20.57
N THR B 242 -20.52 7.94 21.82
CA THR B 242 -19.92 8.72 22.90
C THR B 242 -18.39 8.72 22.80
N GLN B 243 -17.80 7.53 22.56
CA GLN B 243 -16.34 7.43 22.59
C GLN B 243 -15.72 7.72 21.21
N ALA B 244 -16.37 7.25 20.15
CA ALA B 244 -15.79 7.36 18.81
C ALA B 244 -15.79 8.79 18.31
N GLN B 245 -16.79 9.58 18.71
CA GLN B 245 -17.06 10.93 18.18
C GLN B 245 -16.94 10.93 16.63
N ASP B 246 -16.12 11.84 16.11
CA ASP B 246 -15.90 11.94 14.69
C ASP B 246 -15.24 10.74 14.00
N THR B 247 -14.52 9.86 14.73
CA THR B 247 -14.02 8.63 14.10
C THR B 247 -15.13 7.70 13.59
N ASN B 248 -16.37 7.89 14.08
CA ASN B 248 -17.60 7.47 13.38
C ASN B 248 -17.65 5.98 13.10
N TYR B 249 -17.56 5.21 14.20
CA TYR B 249 -17.68 3.78 14.15
C TYR B 249 -18.19 3.21 15.47
N THR B 250 -18.56 1.93 15.44
CA THR B 250 -18.88 1.19 16.66
C THR B 250 -18.09 -0.12 16.69
N LEU B 251 -17.91 -0.64 17.92
CA LEU B 251 -17.18 -1.86 18.12
C LEU B 251 -17.86 -2.59 19.27
N SER B 252 -18.02 -3.91 19.18
CA SER B 252 -18.75 -4.65 20.23
C SER B 252 -18.43 -6.13 20.04
N THR B 253 -18.83 -6.99 20.99
CA THR B 253 -19.09 -8.39 20.62
C THR B 253 -20.62 -8.64 20.48
N ILE B 254 -20.96 -9.61 19.64
CA ILE B 254 -22.37 -10.04 19.50
C ILE B 254 -22.29 -11.54 19.78
N SER B 255 -23.05 -11.96 20.79
CA SER B 255 -23.21 -13.36 21.07
C SER B 255 -24.54 -13.79 20.52
N MET B 256 -24.61 -15.03 20.04
CA MET B 256 -25.79 -15.48 19.27
C MET B 256 -26.28 -16.84 19.72
N SER B 257 -27.60 -16.99 19.82
CA SER B 257 -28.23 -18.30 19.95
C SER B 257 -28.50 -18.82 18.53
N THR B 258 -29.04 -20.04 18.40
CA THR B 258 -29.62 -20.41 17.09
C THR B 258 -30.88 -19.62 16.76
N THR B 259 -31.32 -19.74 15.52
CA THR B 259 -32.49 -19.03 15.06
C THR B 259 -33.63 -20.02 15.23
N PRO B 260 -34.65 -19.70 16.03
CA PRO B 260 -35.69 -20.68 16.40
C PRO B 260 -36.89 -20.86 15.46
N SER B 261 -37.72 -21.83 15.81
CA SER B 261 -38.95 -22.16 15.04
C SER B 261 -39.76 -20.87 14.76
N THR B 262 -40.20 -20.73 13.50
CA THR B 262 -40.96 -19.60 12.92
C THR B 262 -40.13 -18.39 12.53
N VAL B 263 -38.92 -18.29 13.05
CA VAL B 263 -38.06 -17.15 12.74
C VAL B 263 -37.18 -17.42 11.50
N THR B 264 -37.19 -16.48 10.55
CA THR B 264 -36.34 -16.57 9.37
C THR B 264 -35.12 -15.68 9.61
N VAL B 265 -33.95 -16.13 9.19
CA VAL B 265 -32.74 -15.34 9.38
C VAL B 265 -32.96 -14.07 8.58
N PRO B 266 -32.83 -12.89 9.21
CA PRO B 266 -33.14 -11.65 8.51
C PRO B 266 -32.05 -11.25 7.52
N THR B 267 -32.40 -10.34 6.64
CA THR B 267 -31.39 -9.78 5.74
C THR B 267 -31.08 -8.35 6.20
N TRP B 268 -29.80 -8.00 6.27
CA TRP B 268 -29.34 -6.69 6.74
C TRP B 268 -28.66 -5.88 5.61
N SER B 269 -28.75 -4.55 5.70
CA SER B 269 -27.92 -3.69 4.88
C SER B 269 -27.68 -2.41 5.64
N PHE B 270 -26.42 -1.94 5.63
CA PHE B 270 -26.04 -0.71 6.35
C PHE B 270 -25.13 0.14 5.46
N PRO B 271 -25.14 1.47 5.61
CA PRO B 271 -24.38 2.33 4.69
C PRO B 271 -22.87 2.18 4.86
N GLY B 272 -22.40 1.91 6.07
CA GLY B 272 -20.97 1.69 6.25
C GLY B 272 -20.53 0.24 6.16
N ALA B 273 -19.27 0.03 5.76
CA ALA B 273 -18.70 -1.30 5.84
C ALA B 273 -18.79 -1.84 7.26
N CYS B 274 -18.72 -3.17 7.39
CA CYS B 274 -18.61 -3.82 8.67
C CYS B 274 -17.84 -5.11 8.54
N ALA B 275 -17.45 -5.62 9.69
CA ALA B 275 -16.72 -6.88 9.70
C ALA B 275 -16.85 -7.55 11.05
N PHE B 276 -16.60 -8.86 11.04
CA PHE B 276 -16.54 -9.55 12.30
C PHE B 276 -15.51 -10.65 12.27
N GLN B 277 -14.99 -10.93 13.44
CA GLN B 277 -14.10 -12.04 13.67
C GLN B 277 -14.78 -12.96 14.69
N VAL B 278 -15.02 -14.19 14.27
CA VAL B 278 -15.51 -15.23 15.20
C VAL B 278 -14.53 -15.43 16.34
N GLN B 279 -15.08 -15.38 17.55
CA GLN B 279 -14.26 -15.72 18.71
C GLN B 279 -14.56 -17.12 19.16
N GLU B 280 -15.86 -17.48 19.24
CA GLU B 280 -16.27 -18.80 19.74
C GLU B 280 -17.42 -19.25 18.86
N GLY B 281 -17.50 -20.53 18.52
CA GLY B 281 -18.71 -20.97 17.85
C GLY B 281 -18.58 -21.11 16.35
N ARG B 282 -19.73 -21.12 15.67
CA ARG B 282 -19.78 -21.48 14.26
C ARG B 282 -20.84 -20.62 13.62
N VAL B 283 -20.42 -19.73 12.73
CA VAL B 283 -21.35 -18.68 12.26
C VAL B 283 -21.38 -18.70 10.75
N VAL B 284 -22.57 -18.81 10.19
CA VAL B 284 -22.74 -18.81 8.74
C VAL B 284 -23.02 -17.39 8.29
N VAL B 285 -22.24 -16.92 7.31
CA VAL B 285 -22.50 -15.62 6.69
C VAL B 285 -22.78 -15.82 5.19
N GLN B 286 -23.69 -15.01 4.68
CA GLN B 286 -24.02 -15.01 3.27
C GLN B 286 -24.06 -13.54 2.88
N ILE B 287 -23.14 -13.15 1.99
CA ILE B 287 -22.95 -11.77 1.58
C ILE B 287 -23.14 -11.58 0.10
N GLY B 288 -24.05 -10.67 -0.25
CA GLY B 288 -24.27 -10.31 -1.64
C GLY B 288 -24.70 -11.53 -2.40
N ASP B 289 -24.10 -11.71 -3.57
CA ASP B 289 -24.39 -12.85 -4.45
C ASP B 289 -23.49 -14.06 -4.24
N TYR B 290 -22.68 -14.03 -3.20
CA TYR B 290 -21.77 -15.14 -2.90
C TYR B 290 -22.38 -16.33 -2.18
N ALA B 291 -21.70 -17.47 -2.30
CA ALA B 291 -22.12 -18.67 -1.61
C ALA B 291 -21.91 -18.46 -0.11
N ALA B 292 -22.85 -18.96 0.71
CA ALA B 292 -22.73 -18.95 2.16
C ALA B 292 -21.47 -19.73 2.60
N THR B 293 -20.87 -19.32 3.72
CA THR B 293 -19.63 -19.87 4.24
C THR B 293 -19.79 -19.95 5.75
N GLU B 294 -19.40 -21.09 6.31
CA GLU B 294 -19.41 -21.23 7.74
C GLU B 294 -18.04 -20.80 8.29
N LEU B 295 -18.05 -19.89 9.25
CA LEU B 295 -16.80 -19.41 9.84
C LEU B 295 -16.55 -20.01 11.18
N GLY B 296 -15.29 -20.26 11.53
CA GLY B 296 -14.94 -20.76 12.86
C GLY B 296 -13.96 -19.84 13.58
N SER B 297 -13.29 -20.31 14.65
CA SER B 297 -12.54 -19.31 15.47
C SER B 297 -11.51 -18.53 14.66
N GLY B 298 -11.53 -17.21 14.84
CA GLY B 298 -10.54 -16.35 14.24
C GLY B 298 -10.80 -16.00 12.79
N ASP B 299 -11.80 -16.65 12.17
CA ASP B 299 -12.14 -16.35 10.79
C ASP B 299 -12.82 -14.96 10.75
N VAL B 300 -12.60 -14.22 9.66
CA VAL B 300 -13.06 -12.83 9.54
C VAL B 300 -13.93 -12.69 8.33
N ALA B 301 -15.10 -12.09 8.51
CA ALA B 301 -15.95 -11.74 7.42
C ALA B 301 -16.04 -10.24 7.22
N PHE B 302 -15.95 -9.81 5.97
CA PHE B 302 -16.04 -8.41 5.66
C PHE B 302 -17.19 -8.12 4.72
N ILE B 303 -18.00 -7.12 5.08
CA ILE B 303 -19.21 -6.75 4.35
C ILE B 303 -19.18 -5.25 3.93
N PRO B 304 -19.04 -4.95 2.63
CA PRO B 304 -19.07 -3.57 2.15
C PRO B 304 -20.36 -2.85 2.55
N GLY B 305 -20.26 -1.55 2.78
CA GLY B 305 -21.40 -0.68 2.93
C GLY B 305 -22.35 -0.84 1.77
N GLY B 306 -23.63 -0.99 2.11
CA GLY B 306 -24.67 -1.05 1.12
C GLY B 306 -24.88 -2.42 0.49
N VAL B 307 -24.18 -3.44 0.96
CA VAL B 307 -24.36 -4.78 0.41
C VAL B 307 -25.20 -5.62 1.40
N GLU B 308 -26.11 -6.45 0.90
CA GLU B 308 -27.03 -7.17 1.80
C GLU B 308 -26.30 -8.40 2.36
N PHE B 309 -26.68 -8.81 3.56
CA PHE B 309 -26.04 -9.94 4.16
C PHE B 309 -26.99 -10.55 5.18
N LYS B 310 -26.79 -11.83 5.42
CA LYS B 310 -27.49 -12.57 6.44
C LYS B 310 -26.39 -13.31 7.21
N TYR B 311 -26.57 -13.44 8.52
CA TYR B 311 -25.71 -14.34 9.30
C TYR B 311 -26.58 -15.10 10.30
N TYR B 312 -26.11 -16.26 10.78
CA TYR B 312 -26.83 -16.95 11.83
C TYR B 312 -25.85 -17.89 12.51
N SER B 313 -26.16 -18.26 13.74
CA SER B 313 -25.28 -19.21 14.40
C SER B 313 -25.69 -20.68 14.11
N GLU B 314 -24.79 -21.48 13.56
CA GLU B 314 -24.95 -22.92 13.59
C GLU B 314 -24.72 -23.53 14.97
N ALA B 315 -23.75 -22.98 15.70
CA ALA B 315 -23.44 -23.48 17.02
C ALA B 315 -24.53 -23.03 17.94
N TYR B 316 -24.71 -23.73 19.07
CA TYR B 316 -25.73 -23.34 20.03
C TYR B 316 -25.46 -21.99 20.67
N PHE B 317 -24.19 -21.60 20.70
CA PHE B 317 -23.85 -20.27 21.18
C PHE B 317 -22.58 -19.89 20.42
N SER B 318 -22.55 -18.67 19.87
CA SER B 318 -21.35 -18.13 19.18
C SER B 318 -21.13 -16.72 19.69
N LYS B 319 -19.87 -16.24 19.64
CA LYS B 319 -19.54 -14.89 20.03
C LYS B 319 -18.61 -14.40 18.97
N VAL B 320 -18.91 -13.23 18.42
CA VAL B 320 -18.02 -12.56 17.43
C VAL B 320 -17.60 -11.16 17.91
N LEU B 321 -16.42 -10.73 17.48
CA LEU B 321 -15.97 -9.35 17.59
C LEU B 321 -16.44 -8.61 16.33
N PHE B 322 -17.11 -7.48 16.51
CA PHE B 322 -17.85 -6.84 15.40
C PHE B 322 -17.45 -5.38 15.32
N VAL B 323 -17.17 -4.91 14.11
CA VAL B 323 -16.77 -3.50 13.90
C VAL B 323 -17.61 -2.98 12.76
N SER B 324 -18.06 -1.74 12.90
CA SER B 324 -18.86 -1.10 11.87
C SER B 324 -18.49 0.36 11.70
N SER B 325 -18.38 0.77 10.46
CA SER B 325 -18.25 2.18 10.14
C SER B 325 -19.65 2.85 10.12
N GLY B 326 -19.76 4.05 10.69
CA GLY B 326 -21.04 4.70 10.87
C GLY B 326 -21.49 4.60 12.33
N SER B 327 -22.53 5.36 12.71
CA SER B 327 -22.97 5.31 14.10
C SER B 327 -24.15 4.35 14.32
N ASP B 328 -24.65 3.75 13.26
CA ASP B 328 -25.87 2.93 13.37
C ASP B 328 -25.80 1.63 12.63
N GLY B 329 -24.67 0.95 12.73
CA GLY B 329 -24.58 -0.35 12.08
C GLY B 329 -25.22 -1.48 12.91
N LEU B 330 -25.01 -2.71 12.49
CA LEU B 330 -25.71 -3.85 13.09
C LEU B 330 -25.74 -3.86 14.66
N ASP B 331 -24.58 -3.65 15.31
CA ASP B 331 -24.58 -3.74 16.78
C ASP B 331 -25.49 -2.72 17.45
N GLN B 332 -25.36 -1.46 17.07
CA GLN B 332 -26.22 -0.38 17.56
C GLN B 332 -27.68 -0.64 17.21
N ASN B 333 -27.90 -1.24 16.05
CA ASN B 333 -29.27 -1.57 15.66
C ASN B 333 -29.92 -2.59 16.64
N LEU B 334 -29.20 -3.66 16.94
CA LEU B 334 -29.65 -4.70 17.85
C LEU B 334 -29.80 -4.11 19.24
N VAL B 335 -28.83 -3.27 19.65
CA VAL B 335 -28.95 -2.61 20.98
C VAL B 335 -30.25 -1.76 21.06
N ASN B 336 -30.47 -0.94 20.05
CA ASN B 336 -31.66 -0.06 20.05
C ASN B 336 -32.97 -0.89 20.03
N GLY B 337 -32.92 -2.05 19.40
CA GLY B 337 -34.11 -2.91 19.36
C GLY B 337 -34.17 -3.89 20.55
N GLY B 338 -33.24 -3.81 21.48
CA GLY B 338 -33.26 -4.71 22.63
C GLY B 338 -33.37 -3.91 23.92
N GLU B 339 -32.94 -4.53 25.03
CA GLU B 339 -33.06 -3.95 26.40
C GLU B 339 -31.78 -4.31 27.17
N GLU B 340 -31.39 -3.49 28.16
CA GLU B 340 -30.23 -3.79 29.01
C GLU B 340 -30.41 -5.15 29.65
N TRP B 341 -29.31 -5.87 29.76
CA TRP B 341 -29.31 -7.30 30.11
C TRP B 341 -28.12 -7.55 31.01
N SER B 342 -28.31 -8.36 32.03
CA SER B 342 -27.26 -8.53 33.02
C SER B 342 -26.41 -9.81 32.91
N SER B 343 -26.50 -10.55 31.81
CA SER B 343 -25.84 -11.85 31.70
C SER B 343 -25.15 -12.03 30.41
N VAL B 344 -24.09 -12.84 30.40
CA VAL B 344 -23.51 -13.26 29.13
C VAL B 344 -24.31 -14.35 28.47
N SER B 345 -25.26 -14.93 29.20
CA SER B 345 -26.07 -16.04 28.72
C SER B 345 -27.44 -15.50 28.41
N PHE B 346 -28.14 -16.10 27.43
CA PHE B 346 -29.48 -15.65 27.05
C PHE B 346 -30.49 -16.49 27.78
N PRO B 347 -31.77 -16.09 27.79
CA PRO B 347 -32.77 -16.85 28.52
C PRO B 347 -32.84 -18.33 28.05
N ALA B 348 -33.19 -19.20 28.99
CA ALA B 348 -33.30 -20.65 28.71
C ALA B 348 -34.57 -20.98 27.90
N ASP B 349 -35.54 -20.05 27.82
CA ASP B 349 -36.76 -20.26 27.04
C ASP B 349 -36.91 -19.21 25.97
N TRP B 350 -37.53 -19.60 24.87
CA TRP B 350 -37.78 -18.63 23.79
C TRP B 350 -38.90 -17.65 24.21
N SER C 3 22.21 5.24 2.88
CA SER C 3 22.25 4.06 1.95
C SER C 3 22.54 4.56 0.54
N SER C 4 21.48 4.81 -0.23
CA SER C 4 21.66 5.75 -1.33
C SER C 4 20.45 6.65 -1.38
N LEU C 5 20.73 7.94 -1.58
CA LEU C 5 19.68 8.86 -2.02
C LEU C 5 18.83 8.30 -3.20
N ILE C 6 19.46 7.65 -4.17
CA ILE C 6 18.73 7.16 -5.35
C ILE C 6 18.04 5.84 -5.03
N VAL C 7 16.76 5.75 -5.40
CA VAL C 7 15.95 4.56 -5.15
C VAL C 7 15.27 4.15 -6.48
N GLU C 8 14.95 2.88 -6.64
CA GLU C 8 14.30 2.43 -7.88
C GLU C 8 12.76 2.39 -7.81
N ASP C 9 12.23 2.35 -6.59
CA ASP C 9 10.78 2.51 -6.33
C ASP C 9 10.63 3.54 -5.22
N ALA C 10 9.49 4.26 -5.17
CA ALA C 10 9.29 5.20 -4.06
C ALA C 10 9.42 4.41 -2.74
N PRO C 11 10.14 4.93 -1.75
CA PRO C 11 10.26 4.28 -0.44
C PRO C 11 8.91 4.03 0.22
N ASP C 12 8.87 3.10 1.16
CA ASP C 12 7.62 2.77 1.90
C ASP C 12 7.48 3.59 3.21
N HIS C 13 8.28 4.65 3.32
CA HIS C 13 8.19 5.57 4.45
C HIS C 13 8.78 6.88 3.97
N VAL C 14 8.69 7.90 4.80
CA VAL C 14 9.20 9.23 4.45
C VAL C 14 10.71 9.33 4.68
N ARG C 15 11.43 9.81 3.68
CA ARG C 15 12.87 10.02 3.77
C ARG C 15 13.30 10.78 2.49
N PRO C 16 14.40 11.53 2.54
CA PRO C 16 14.94 12.13 1.30
C PRO C 16 15.20 11.04 0.23
N TYR C 17 14.82 11.30 -1.00
CA TYR C 17 15.15 10.40 -2.11
C TYR C 17 15.12 11.07 -3.43
N VAL C 18 15.83 10.45 -4.37
CA VAL C 18 15.69 10.76 -5.76
C VAL C 18 15.31 9.50 -6.49
N ILE C 19 14.43 9.63 -7.47
CA ILE C 19 14.09 8.52 -8.30
C ILE C 19 14.29 8.99 -9.73
N ARG C 20 15.10 8.23 -10.48
CA ARG C 20 15.36 8.57 -11.87
C ARG C 20 14.15 8.39 -12.76
N HIS C 21 14.12 9.16 -13.85
CA HIS C 21 13.03 9.06 -14.84
C HIS C 21 12.92 7.61 -15.36
N TYR C 22 11.70 7.06 -15.48
CA TYR C 22 11.45 5.66 -15.93
C TYR C 22 11.97 4.57 -15.02
N SER C 23 12.32 4.94 -13.80
CA SER C 23 12.62 3.93 -12.78
C SER C 23 11.40 2.98 -12.65
N HIS C 24 11.58 1.79 -12.09
CA HIS C 24 10.45 0.85 -11.97
C HIS C 24 9.22 1.51 -11.33
N ALA C 25 9.44 2.13 -10.17
CA ALA C 25 8.40 2.93 -9.48
C ALA C 25 7.02 2.24 -9.39
N ARG C 26 7.06 1.03 -8.86
CA ARG C 26 5.89 0.16 -8.67
C ARG C 26 5.00 0.07 -9.91
N ALA C 27 5.62 0.05 -11.10
CA ALA C 27 4.89 0.16 -12.39
C ALA C 27 3.73 -0.76 -12.56
N VAL C 28 2.61 -0.20 -13.05
CA VAL C 28 1.52 -1.04 -13.54
C VAL C 28 1.11 -0.57 -14.93
N THR C 29 0.51 -1.48 -15.70
CA THR C 29 -0.15 -1.07 -16.94
C THR C 29 -1.66 -1.12 -16.78
N VAL C 30 -2.32 -0.13 -17.39
CA VAL C 30 -3.78 -0.21 -17.66
C VAL C 30 -3.94 -0.22 -19.18
N ASP C 31 -4.13 -1.40 -19.76
CA ASP C 31 -4.23 -1.52 -21.22
C ASP C 31 -2.91 -1.00 -21.80
N THR C 32 -2.91 0.01 -22.69
CA THR C 32 -1.63 0.45 -23.28
C THR C 32 -0.84 1.44 -22.41
N GLN C 33 -1.46 1.97 -21.36
CA GLN C 33 -0.82 3.02 -20.54
C GLN C 33 0.03 2.39 -19.45
N LEU C 34 1.21 2.98 -19.19
CA LEU C 34 2.07 2.52 -18.12
C LEU C 34 2.20 3.65 -17.10
N TYR C 35 1.95 3.32 -15.83
CA TYR C 35 1.94 4.27 -14.74
C TYR C 35 3.09 3.98 -13.84
N ARG C 36 3.78 5.04 -13.43
CA ARG C 36 4.93 4.94 -12.54
C ARG C 36 4.61 5.92 -11.39
N PHE C 37 4.83 5.44 -10.17
CA PHE C 37 4.51 6.19 -8.95
C PHE C 37 5.77 6.70 -8.25
N TYR C 38 6.20 7.89 -8.68
CA TYR C 38 7.49 8.42 -8.23
C TYR C 38 7.40 8.95 -6.79
N VAL C 39 6.22 9.45 -6.46
CA VAL C 39 5.86 9.82 -5.11
C VAL C 39 4.49 9.20 -4.77
N THR C 40 4.43 8.53 -3.63
CA THR C 40 3.20 7.85 -3.18
C THR C 40 2.74 8.40 -1.84
N GLY C 41 1.58 7.92 -1.38
CA GLY C 41 1.13 8.23 -0.03
C GLY C 41 2.17 7.84 1.02
N PRO C 42 2.57 6.57 1.06
CA PRO C 42 3.60 6.16 2.02
C PRO C 42 4.92 6.98 1.92
N SER C 43 5.39 7.28 0.71
CA SER C 43 6.66 7.97 0.52
C SER C 43 6.56 9.45 0.85
N SER C 44 5.34 10.02 0.75
CA SER C 44 5.20 11.43 1.11
C SER C 44 4.47 11.69 2.45
N GLY C 45 4.17 10.64 3.23
CA GLY C 45 3.35 10.82 4.43
C GLY C 45 2.00 11.41 4.05
N TYR C 46 1.52 10.99 2.87
CA TYR C 46 0.14 11.16 2.40
C TYR C 46 -0.10 12.58 1.91
N ALA C 47 0.98 13.34 1.76
CA ALA C 47 0.91 14.73 1.28
C ALA C 47 0.42 14.85 -0.17
N PHE C 48 1.00 14.07 -1.07
CA PHE C 48 0.66 14.14 -2.49
C PHE C 48 1.15 12.89 -3.19
N THR C 49 0.59 12.63 -4.37
CA THR C 49 1.03 11.58 -5.25
C THR C 49 1.62 12.29 -6.47
N LEU C 50 2.74 11.79 -6.99
CA LEU C 50 3.26 12.32 -8.24
C LEU C 50 3.54 11.11 -9.10
N MET C 51 2.80 11.01 -10.23
CA MET C 51 2.87 9.84 -11.07
C MET C 51 3.17 10.22 -12.51
N GLY C 52 3.83 9.31 -13.22
CA GLY C 52 4.07 9.51 -14.63
C GLY C 52 3.23 8.52 -15.40
N THR C 53 2.62 8.93 -16.51
CA THR C 53 1.87 7.98 -17.30
C THR C 53 2.41 8.10 -18.73
N ASN C 54 2.91 6.99 -19.29
CA ASN C 54 3.46 6.96 -20.65
C ASN C 54 2.54 6.07 -21.49
N ALA C 55 2.23 6.55 -22.68
CA ALA C 55 1.17 5.91 -23.49
C ALA C 55 1.25 6.30 -24.97
N PRO C 56 0.85 5.37 -25.85
CA PRO C 56 0.80 5.64 -27.28
C PRO C 56 -0.53 6.32 -27.70
N HIS C 57 -0.53 6.85 -28.91
CA HIS C 57 -1.74 7.37 -29.50
C HIS C 57 -2.92 6.42 -29.26
N SER C 58 -4.11 6.94 -28.95
CA SER C 58 -5.31 6.11 -28.91
C SER C 58 -6.44 6.86 -29.57
N ASP C 59 -7.29 6.15 -30.32
CA ASP C 59 -8.47 6.74 -30.90
C ASP C 59 -9.64 6.74 -29.89
N ALA C 60 -9.40 6.20 -28.70
CA ALA C 60 -10.48 6.10 -27.70
C ALA C 60 -10.08 6.91 -26.46
N LEU C 61 -11.04 7.29 -25.62
CA LEU C 61 -10.75 7.98 -24.35
C LEU C 61 -9.78 7.16 -23.54
N GLY C 62 -8.98 7.85 -22.74
CA GLY C 62 -7.99 7.18 -21.90
C GLY C 62 -8.60 6.69 -20.58
N VAL C 63 -9.80 7.15 -20.29
CA VAL C 63 -10.53 6.77 -19.10
C VAL C 63 -11.96 7.24 -19.27
N LEU C 64 -12.92 6.59 -18.62
CA LEU C 64 -14.28 7.07 -18.72
C LEU C 64 -14.42 8.31 -17.86
N PRO C 65 -15.32 9.23 -18.20
CA PRO C 65 -15.46 10.47 -17.41
C PRO C 65 -15.86 10.20 -15.97
N HIS C 66 -15.36 11.03 -15.07
CA HIS C 66 -15.43 10.79 -13.64
C HIS C 66 -15.16 12.10 -12.88
N ILE C 67 -15.46 12.09 -11.59
CA ILE C 67 -15.21 13.16 -10.64
C ILE C 67 -14.45 12.57 -9.41
N HIS C 68 -13.61 13.38 -8.76
CA HIS C 68 -13.09 13.10 -7.41
C HIS C 68 -13.67 14.12 -6.44
N GLN C 69 -14.21 13.65 -5.33
CA GLN C 69 -14.85 14.55 -4.36
C GLN C 69 -13.84 15.11 -3.39
N LYS C 70 -12.74 14.38 -3.21
CA LYS C 70 -11.71 14.67 -2.18
C LYS C 70 -10.29 14.86 -2.70
N HIS C 71 -10.04 14.64 -3.99
CA HIS C 71 -8.73 14.84 -4.51
C HIS C 71 -8.74 15.91 -5.56
N TYR C 72 -7.69 16.75 -5.53
CA TYR C 72 -7.46 17.74 -6.56
C TYR C 72 -6.43 17.14 -7.51
N GLU C 73 -6.80 17.08 -8.78
CA GLU C 73 -5.97 16.47 -9.80
C GLU C 73 -5.30 17.54 -10.69
N ASN C 74 -4.02 17.34 -11.00
CA ASN C 74 -3.18 18.23 -11.81
C ASN C 74 -2.54 17.46 -12.94
N PHE C 75 -2.75 17.96 -14.15
CA PHE C 75 -2.29 17.28 -15.37
C PHE C 75 -1.19 18.10 -15.98
N TYR C 76 -0.01 17.50 -16.16
CA TYR C 76 1.10 18.21 -16.76
C TYR C 76 1.64 17.36 -17.90
N CYS C 77 1.83 17.98 -19.06
CA CYS C 77 2.32 17.24 -20.20
C CYS C 77 3.84 17.37 -20.32
N ASN C 78 4.55 16.28 -20.05
CA ASN C 78 6.03 16.26 -20.11
C ASN C 78 6.49 16.26 -21.53
N LYS C 79 5.78 15.52 -22.39
CA LYS C 79 6.10 15.41 -23.83
C LYS C 79 4.88 14.78 -24.56
N GLY C 80 4.88 14.88 -25.86
CA GLY C 80 3.81 14.34 -26.70
C GLY C 80 2.60 15.26 -26.47
N SER C 81 1.40 14.67 -26.46
CA SER C 81 0.20 15.45 -26.31
C SER C 81 -0.99 14.59 -25.97
N PHE C 82 -1.90 15.22 -25.21
CA PHE C 82 -3.17 14.61 -24.81
C PHE C 82 -4.22 15.68 -24.66
N GLN C 83 -5.46 15.31 -25.00
CA GLN C 83 -6.60 16.18 -24.83
C GLN C 83 -7.12 15.96 -23.43
N LEU C 84 -7.55 17.05 -22.78
CA LEU C 84 -8.15 16.99 -21.47
C LEU C 84 -9.48 17.70 -21.58
N TRP C 85 -10.55 17.07 -21.09
CA TRP C 85 -11.86 17.71 -20.97
C TRP C 85 -12.17 17.92 -19.50
N ALA C 86 -12.87 19.02 -19.19
CA ALA C 86 -13.23 19.34 -17.81
C ALA C 86 -14.46 20.18 -17.69
N GLN C 87 -15.25 19.90 -16.65
CA GLN C 87 -16.43 20.72 -16.42
C GLN C 87 -16.81 20.76 -14.95
N SER C 88 -17.03 21.98 -14.45
CA SER C 88 -17.54 22.16 -13.08
C SER C 88 -19.03 22.50 -13.18
N GLY C 89 -19.86 21.87 -12.34
CA GLY C 89 -21.27 22.22 -12.25
C GLY C 89 -21.91 22.32 -13.62
N ASN C 90 -22.72 23.35 -13.81
CA ASN C 90 -23.31 23.65 -15.12
C ASN C 90 -22.55 24.75 -15.89
N GLU C 91 -21.28 24.94 -15.56
CA GLU C 91 -20.42 25.82 -16.31
C GLU C 91 -20.16 25.16 -17.65
N THR C 92 -19.80 25.98 -18.64
CA THR C 92 -19.37 25.55 -19.95
C THR C 92 -18.32 24.45 -19.82
N GLN C 93 -18.50 23.36 -20.57
CA GLN C 93 -17.48 22.32 -20.62
C GLN C 93 -16.25 22.83 -21.40
N GLN C 94 -15.06 22.70 -20.81
CA GLN C 94 -13.82 23.17 -21.41
C GLN C 94 -12.95 21.95 -21.84
N THR C 95 -12.20 22.11 -22.92
CA THR C 95 -11.19 21.13 -23.35
C THR C 95 -9.99 21.80 -24.01
N ARG C 96 -8.81 21.16 -23.89
CA ARG C 96 -7.59 21.68 -24.46
C ARG C 96 -6.74 20.49 -24.83
N VAL C 97 -5.96 20.63 -25.89
CA VAL C 97 -4.94 19.63 -26.17
C VAL C 97 -3.66 20.15 -25.57
N LEU C 98 -3.14 19.43 -24.57
CA LEU C 98 -1.90 19.82 -23.90
C LEU C 98 -0.77 19.23 -24.71
N SER C 99 0.21 20.06 -25.06
CA SER C 99 1.47 19.56 -25.55
C SER C 99 2.52 19.91 -24.51
N SER C 100 3.78 19.75 -24.88
CA SER C 100 4.89 19.78 -23.89
C SER C 100 4.90 21.06 -23.07
N GLY C 101 4.90 20.90 -21.76
CA GLY C 101 5.00 21.96 -20.77
C GLY C 101 3.67 22.61 -20.44
N ASP C 102 2.58 22.08 -21.01
CA ASP C 102 1.25 22.62 -20.73
C ASP C 102 0.63 21.97 -19.49
N TYR C 103 -0.37 22.65 -18.94
CA TYR C 103 -0.93 22.37 -17.64
C TYR C 103 -2.45 22.47 -17.63
N GLY C 104 -3.07 21.52 -16.92
CA GLY C 104 -4.51 21.55 -16.72
C GLY C 104 -4.83 21.31 -15.25
N SER C 105 -5.71 22.18 -14.71
CA SER C 105 -6.09 22.10 -13.32
C SER C 105 -7.49 21.51 -13.13
N VAL C 106 -7.57 20.39 -12.37
CA VAL C 106 -8.83 19.73 -12.11
C VAL C 106 -9.20 19.66 -10.60
N PRO C 107 -9.84 20.72 -10.10
CA PRO C 107 -10.33 20.76 -8.72
C PRO C 107 -11.34 19.66 -8.40
N ARG C 108 -11.59 19.46 -7.12
CA ARG C 108 -12.59 18.50 -6.64
C ARG C 108 -13.92 18.81 -7.29
N ASN C 109 -14.68 17.74 -7.57
CA ASN C 109 -16.04 17.88 -8.11
C ASN C 109 -16.05 18.41 -9.56
N VAL C 110 -14.92 18.31 -10.21
CA VAL C 110 -14.88 18.66 -11.66
C VAL C 110 -14.89 17.38 -12.50
N THR C 111 -15.88 17.24 -13.38
CA THR C 111 -15.90 16.06 -14.25
C THR C 111 -14.76 16.14 -15.28
N HIS C 112 -14.07 15.04 -15.52
CA HIS C 112 -12.99 15.08 -16.50
C HIS C 112 -12.69 13.74 -17.16
N THR C 113 -11.97 13.81 -18.29
CA THR C 113 -11.39 12.63 -18.96
C THR C 113 -10.25 13.14 -19.84
N PHE C 114 -9.45 12.22 -20.38
CA PHE C 114 -8.35 12.58 -21.29
C PHE C 114 -8.22 11.56 -22.44
N GLN C 115 -7.50 11.93 -23.50
CA GLN C 115 -7.29 11.04 -24.62
C GLN C 115 -5.88 11.29 -25.08
N ILE C 116 -5.11 10.20 -25.16
CA ILE C 116 -3.77 10.29 -25.68
C ILE C 116 -3.66 10.52 -27.22
N GLN C 117 -2.91 11.52 -27.64
CA GLN C 117 -2.79 11.83 -29.07
C GLN C 117 -1.47 11.40 -29.69
N ASP C 118 -0.34 11.87 -29.16
CA ASP C 118 0.92 11.61 -29.82
C ASP C 118 1.56 10.28 -29.41
N PRO C 119 2.37 9.69 -30.30
CA PRO C 119 2.98 8.38 -30.00
C PRO C 119 3.82 8.39 -28.73
N ASP C 120 4.55 9.46 -28.49
CA ASP C 120 5.46 9.49 -27.33
C ASP C 120 4.96 10.42 -26.26
N THR C 121 3.79 10.09 -25.67
CA THR C 121 3.12 11.02 -24.79
C THR C 121 3.43 10.61 -23.35
N GLU C 122 3.80 11.60 -22.54
CA GLU C 122 3.97 11.38 -21.12
C GLU C 122 3.19 12.45 -20.35
N MET C 123 2.42 11.99 -19.35
CA MET C 123 1.62 12.91 -18.52
C MET C 123 2.17 12.77 -17.13
N THR C 124 2.37 13.88 -16.45
CA THR C 124 2.72 13.81 -15.05
C THR C 124 1.52 14.26 -14.25
N GLY C 125 1.01 13.38 -13.39
CA GLY C 125 -0.14 13.63 -12.57
C GLY C 125 0.35 14.04 -11.19
N VAL C 126 -0.18 15.13 -10.66
CA VAL C 126 0.12 15.46 -9.27
C VAL C 126 -1.22 15.52 -8.57
N ILE C 127 -1.42 14.65 -7.59
CA ILE C 127 -2.74 14.52 -6.96
C ILE C 127 -2.60 14.79 -5.47
N VAL C 128 -3.49 15.60 -4.92
CA VAL C 128 -3.42 16.02 -3.51
C VAL C 128 -4.77 15.69 -2.88
N PRO C 129 -4.85 15.00 -1.73
CA PRO C 129 -3.71 14.41 -1.01
C PRO C 129 -3.20 13.14 -1.63
N GLY C 130 -2.16 12.61 -1.01
CA GLY C 130 -1.47 11.43 -1.49
C GLY C 130 -2.19 10.14 -1.12
N GLY C 131 -1.83 9.08 -1.81
CA GLY C 131 -2.42 7.77 -1.57
C GLY C 131 -3.41 7.36 -2.65
N PHE C 132 -3.68 8.27 -3.56
CA PHE C 132 -4.63 8.04 -4.65
C PHE C 132 -4.18 6.86 -5.49
N GLU C 133 -2.86 6.59 -5.53
CA GLU C 133 -2.35 5.47 -6.29
C GLU C 133 -2.95 4.08 -6.00
N ASP C 134 -3.55 3.88 -4.82
CA ASP C 134 -4.13 2.57 -4.54
C ASP C 134 -5.10 2.23 -5.65
N LEU C 135 -5.72 3.23 -6.27
CA LEU C 135 -6.68 2.97 -7.38
C LEU C 135 -6.02 2.20 -8.51
N PHE C 136 -4.81 2.64 -8.88
CA PHE C 136 -4.05 1.99 -9.98
C PHE C 136 -3.48 0.65 -9.64
N TYR C 137 -3.19 0.41 -8.36
CA TYR C 137 -2.85 -0.94 -7.93
C TYR C 137 -3.97 -1.94 -8.20
N TYR C 138 -5.21 -1.48 -8.06
CA TYR C 138 -6.36 -2.36 -8.29
C TYR C 138 -6.61 -2.47 -9.78
N LEU C 139 -6.69 -1.32 -10.45
CA LEU C 139 -7.04 -1.32 -11.86
C LEU C 139 -5.90 -1.84 -12.74
N GLY C 140 -4.67 -1.60 -12.32
CA GLY C 140 -3.53 -1.89 -13.19
C GLY C 140 -2.98 -3.30 -13.01
N THR C 141 -2.18 -3.78 -13.97
CA THR C 141 -1.50 -5.05 -13.78
C THR C 141 -0.03 -4.77 -13.54
N ASN C 142 0.56 -5.42 -12.56
CA ASN C 142 1.97 -5.13 -12.27
C ASN C 142 2.79 -5.34 -13.52
N ALA C 143 3.77 -4.48 -13.72
CA ALA C 143 4.69 -4.70 -14.84
C ALA C 143 6.16 -4.78 -14.36
N THR C 144 6.85 -5.83 -14.77
CA THR C 144 8.26 -5.92 -14.48
C THR C 144 9.08 -4.89 -15.28
N ASP C 145 8.73 -4.70 -16.55
CA ASP C 145 9.43 -3.78 -17.46
C ASP C 145 10.95 -3.84 -17.25
N THR C 146 11.54 -4.98 -17.57
CA THR C 146 12.93 -5.18 -17.19
C THR C 146 13.84 -4.09 -17.83
N THR C 147 13.57 -3.74 -19.09
CA THR C 147 14.41 -2.74 -19.79
C THR C 147 14.10 -1.26 -19.47
N HIS C 148 13.11 -1.01 -18.63
CA HIS C 148 12.66 0.33 -18.24
C HIS C 148 12.14 1.13 -19.48
N THR C 149 11.61 0.41 -20.47
CA THR C 149 11.01 1.14 -21.60
C THR C 149 9.84 2.01 -21.14
N PRO C 150 9.69 3.24 -21.70
CA PRO C 150 8.66 4.18 -21.24
C PRO C 150 7.27 3.54 -21.19
N TYR C 151 6.93 2.77 -22.20
CA TYR C 151 5.68 2.02 -22.17
C TYR C 151 5.86 0.77 -23.05
N ILE C 152 5.00 -0.24 -22.87
CA ILE C 152 5.19 -1.51 -23.58
C ILE C 152 4.71 -1.35 -25.00
N PRO C 153 5.56 -1.58 -25.99
CA PRO C 153 5.23 -1.38 -27.42
C PRO C 153 3.98 -2.10 -27.99
N SER C 159 -12.12 0.53 -31.13
CA SER C 159 -11.26 0.85 -30.00
C SER C 159 -12.06 1.14 -28.72
N SER C 160 -11.93 0.25 -27.74
CA SER C 160 -12.53 0.45 -26.42
C SER C 160 -11.88 1.64 -25.67
N THR C 161 -12.70 2.38 -24.91
CA THR C 161 -12.17 3.30 -23.89
C THR C 161 -11.20 2.54 -22.97
N THR C 162 -10.02 3.11 -22.75
CA THR C 162 -9.03 2.52 -21.88
C THR C 162 -9.53 2.52 -20.43
N GLY C 163 -9.18 1.46 -19.71
CA GLY C 163 -9.45 1.32 -18.30
C GLY C 163 -10.74 0.57 -18.03
N PRO C 164 -11.27 0.72 -16.82
CA PRO C 164 -12.52 0.02 -16.43
C PRO C 164 -13.74 0.37 -17.34
N ASP C 165 -14.59 -0.62 -17.61
CA ASP C 165 -15.81 -0.37 -18.38
C ASP C 165 -16.90 0.40 -17.58
N SER C 166 -18.04 0.67 -18.20
CA SER C 166 -19.07 1.47 -17.51
C SER C 166 -19.49 0.83 -16.15
N SER C 167 -19.76 -0.49 -16.11
CA SER C 167 -19.99 -1.18 -14.81
C SER C 167 -18.94 -0.88 -13.75
N THR C 168 -17.68 -1.16 -14.08
CA THR C 168 -16.60 -1.23 -13.11
C THR C 168 -16.28 0.16 -12.58
N ILE C 169 -16.11 1.15 -13.48
CA ILE C 169 -15.83 2.54 -13.06
C ILE C 169 -16.93 3.12 -12.10
N SER C 170 -18.10 2.45 -12.06
CA SER C 170 -19.19 2.78 -11.15
C SER C 170 -19.09 2.05 -9.81
N THR C 171 -17.89 1.64 -9.45
CA THR C 171 -17.70 0.64 -8.44
C THR C 171 -16.44 1.02 -7.58
N LEU C 172 -15.95 2.24 -7.84
CA LEU C 172 -14.67 2.71 -7.36
C LEU C 172 -14.84 3.90 -6.42
N GLN C 173 -16.06 4.09 -5.92
CA GLN C 173 -16.30 5.23 -5.04
C GLN C 173 -15.37 5.19 -3.77
N SER C 174 -14.99 4.01 -3.31
CA SER C 174 -14.11 3.90 -2.15
C SER C 174 -12.69 4.40 -2.44
N PHE C 175 -12.26 4.46 -3.73
CA PHE C 175 -11.05 5.16 -4.12
C PHE C 175 -11.23 6.63 -4.45
N ASP C 176 -12.37 7.20 -4.10
CA ASP C 176 -12.69 8.58 -4.50
C ASP C 176 -12.85 8.78 -5.99
N VAL C 177 -13.44 7.81 -6.69
CA VAL C 177 -13.67 7.97 -8.12
C VAL C 177 -15.18 7.72 -8.33
N TYR C 178 -15.85 8.70 -8.92
CA TYR C 178 -17.30 8.64 -9.10
C TYR C 178 -17.56 8.74 -10.59
N ALA C 179 -18.33 7.79 -11.12
CA ALA C 179 -18.57 7.74 -12.55
C ALA C 179 -19.42 8.92 -12.97
N GLU C 180 -19.19 9.42 -14.19
CA GLU C 180 -20.10 10.39 -14.82
C GLU C 180 -20.41 9.95 -16.25
N LEU C 181 -21.16 8.87 -16.42
CA LEU C 181 -21.31 8.25 -17.75
C LEU C 181 -22.22 9.02 -18.72
N SER C 182 -23.08 9.87 -18.20
CA SER C 182 -23.81 10.81 -19.06
C SER C 182 -22.95 11.96 -19.67
N PHE C 183 -21.75 12.21 -19.16
CA PHE C 183 -20.89 13.29 -19.69
C PHE C 183 -20.44 12.99 -21.11
N THR C 184 -20.68 13.92 -22.02
CA THR C 184 -20.22 13.74 -23.38
C THR C 184 -19.06 14.72 -23.67
N PRO C 185 -17.85 14.22 -23.85
CA PRO C 185 -16.73 15.14 -24.19
C PRO C 185 -17.04 15.87 -25.48
N ARG C 186 -16.83 17.18 -25.48
CA ARG C 186 -17.29 17.94 -26.63
C ARG C 186 -16.39 17.65 -27.83
N THR C 187 -16.93 17.84 -29.02
CA THR C 187 -16.26 17.35 -30.21
C THR C 187 -16.11 18.41 -31.29
N ASP C 188 -16.03 19.66 -30.84
CA ASP C 188 -15.90 20.81 -31.70
C ASP C 188 -14.52 21.46 -31.45
N THR C 189 -13.50 20.64 -31.19
CA THR C 189 -12.15 21.16 -30.95
C THR C 189 -11.59 21.78 -32.23
N VAL C 190 -10.95 22.94 -32.09
CA VAL C 190 -10.28 23.63 -33.20
C VAL C 190 -9.01 24.21 -32.65
N ASN C 191 -7.88 23.99 -33.33
CA ASN C 191 -6.60 24.50 -32.82
C ASN C 191 -6.43 24.15 -31.35
N GLY C 192 -6.85 22.94 -30.99
CA GLY C 192 -6.52 22.38 -29.70
C GLY C 192 -7.36 22.93 -28.57
N THR C 193 -8.44 23.63 -28.86
CA THR C 193 -9.32 24.10 -27.78
C THR C 193 -10.77 24.18 -28.18
N ALA C 194 -11.64 24.15 -27.16
CA ALA C 194 -13.08 24.51 -27.28
C ALA C 194 -13.59 24.83 -25.89
N PRO C 195 -14.59 25.70 -25.76
CA PRO C 195 -15.30 26.33 -26.89
C PRO C 195 -14.45 27.40 -27.59
N ALA C 196 -15.00 28.07 -28.60
CA ALA C 196 -14.24 29.12 -29.31
C ALA C 196 -13.94 30.33 -28.38
N ASN C 197 -12.90 31.10 -28.65
CA ASN C 197 -12.79 32.31 -27.82
C ASN C 197 -12.23 32.06 -26.42
N THR C 198 -11.86 30.82 -26.17
CA THR C 198 -10.90 30.49 -25.15
C THR C 198 -9.53 30.83 -25.70
N VAL C 199 -8.55 30.92 -24.81
CA VAL C 199 -7.21 31.32 -25.18
C VAL C 199 -6.29 30.14 -24.94
N TRP C 200 -5.61 29.68 -26.00
CA TRP C 200 -4.82 28.45 -25.88
C TRP C 200 -3.60 28.54 -26.82
N HIS C 201 -2.45 28.88 -26.24
CA HIS C 201 -1.16 29.12 -26.95
C HIS C 201 -1.22 30.36 -27.83
N THR C 202 -2.19 31.24 -27.58
CA THR C 202 -2.38 32.48 -28.36
C THR C 202 -2.47 33.73 -27.47
N GLY C 203 -2.22 33.58 -26.17
CA GLY C 203 -2.31 34.72 -25.28
C GLY C 203 -2.25 34.26 -23.85
N ALA C 204 -2.31 35.23 -22.94
CA ALA C 204 -2.11 34.94 -21.50
C ALA C 204 -3.19 34.05 -20.95
N ASN C 205 -2.79 33.17 -20.02
CA ASN C 205 -3.77 32.39 -19.27
C ASN C 205 -3.68 32.76 -17.77
N ALA C 206 -4.80 33.12 -17.18
CA ALA C 206 -4.81 33.42 -15.74
C ALA C 206 -5.19 32.15 -14.97
N LEU C 207 -4.74 31.98 -13.72
CA LEU C 207 -5.33 30.95 -12.87
C LEU C 207 -6.79 31.28 -12.69
N ALA C 208 -7.67 30.26 -12.54
CA ALA C 208 -9.07 30.50 -12.13
C ALA C 208 -9.15 31.36 -10.88
N SER C 209 -9.96 32.43 -10.88
CA SER C 209 -10.10 33.22 -9.66
C SER C 209 -11.18 32.64 -8.71
N THR C 210 -12.00 31.72 -9.20
CA THR C 210 -13.00 31.04 -8.40
C THR C 210 -12.53 29.61 -8.05
N ALA C 211 -12.58 29.25 -6.77
CA ALA C 211 -12.21 27.89 -6.37
C ALA C 211 -13.24 26.90 -6.92
N GLY C 212 -12.76 25.74 -7.34
CA GLY C 212 -13.64 24.73 -7.91
C GLY C 212 -13.76 24.77 -9.43
N ASP C 213 -13.27 25.82 -10.11
CA ASP C 213 -13.31 25.86 -11.57
C ASP C 213 -12.07 25.24 -12.18
N PRO C 214 -12.20 24.43 -13.23
CA PRO C 214 -11.01 23.98 -13.96
C PRO C 214 -10.31 25.17 -14.63
N TYR C 215 -9.03 25.02 -14.91
CA TYR C 215 -8.36 26.01 -15.78
C TYR C 215 -7.13 25.40 -16.39
N PHE C 216 -6.54 26.11 -17.33
CA PHE C 216 -5.48 25.55 -18.16
C PHE C 216 -4.44 26.62 -18.43
N ILE C 217 -3.18 26.27 -18.35
CA ILE C 217 -2.14 27.24 -18.64
C ILE C 217 -1.21 26.65 -19.69
N ALA C 218 -1.12 27.35 -20.83
CA ALA C 218 -0.23 26.89 -21.91
C ALA C 218 1.21 27.28 -21.55
N ASN C 219 2.17 26.48 -21.97
CA ASN C 219 3.59 26.61 -21.59
C ASN C 219 4.07 28.04 -21.83
N GLY C 220 4.41 28.79 -20.78
CA GLY C 220 4.95 30.10 -21.01
C GLY C 220 3.95 31.24 -20.94
N TRP C 221 2.66 30.91 -20.94
CA TRP C 221 1.62 31.93 -21.08
C TRP C 221 0.94 32.33 -19.74
N GLY C 222 1.32 31.69 -18.62
CA GLY C 222 0.75 32.04 -17.32
C GLY C 222 1.47 33.22 -16.67
N PRO C 223 1.02 33.70 -15.48
CA PRO C 223 1.76 34.74 -14.74
C PRO C 223 3.09 34.22 -14.24
N LYS C 224 4.09 35.09 -14.24
CA LYS C 224 5.42 34.62 -13.82
C LYS C 224 5.95 35.66 -12.83
N TYR C 225 6.89 35.23 -11.99
CA TYR C 225 7.55 36.10 -11.02
C TYR C 225 9.03 35.84 -11.09
N LEU C 226 9.83 36.91 -11.08
CA LEU C 226 11.28 36.79 -11.12
C LEU C 226 11.82 37.00 -9.70
N ASN C 227 12.51 36.00 -9.18
CA ASN C 227 13.24 36.19 -7.92
C ASN C 227 14.73 36.36 -8.20
N SER C 228 15.30 37.45 -7.68
CA SER C 228 16.71 37.76 -7.91
C SER C 228 17.62 37.58 -6.67
N GLN C 229 17.11 36.87 -5.66
CA GLN C 229 17.80 36.85 -4.37
C GLN C 229 19.00 35.90 -4.38
N TYR C 230 18.94 34.83 -5.15
CA TYR C 230 19.98 33.77 -5.16
C TYR C 230 20.27 33.31 -6.60
N GLY C 231 20.78 34.22 -7.41
CA GLY C 231 20.73 34.00 -8.85
C GLY C 231 19.32 34.34 -9.31
N TYR C 232 18.99 34.04 -10.55
CA TYR C 232 17.64 34.32 -11.04
C TYR C 232 16.80 33.07 -11.04
N GLN C 233 15.59 33.20 -10.53
CA GLN C 233 14.65 32.10 -10.61
C GLN C 233 13.32 32.68 -11.04
N ILE C 234 12.66 31.98 -11.97
CA ILE C 234 11.36 32.45 -12.45
C ILE C 234 10.29 31.47 -12.03
N VAL C 235 9.30 31.93 -11.28
CA VAL C 235 8.27 30.99 -10.81
C VAL C 235 7.03 31.23 -11.64
N ALA C 236 6.48 30.16 -12.23
CA ALA C 236 5.18 30.23 -12.91
C ALA C 236 4.15 29.44 -12.09
N PRO C 237 3.35 30.11 -11.27
CA PRO C 237 2.37 29.39 -10.44
C PRO C 237 1.34 28.68 -11.27
N PHE C 238 0.93 27.50 -10.83
CA PHE C 238 -0.15 26.71 -11.44
C PHE C 238 -1.26 26.58 -10.40
N VAL C 239 -0.90 26.34 -9.13
CA VAL C 239 -1.91 26.31 -8.05
C VAL C 239 -1.40 27.15 -6.89
N THR C 240 -2.21 28.11 -6.44
CA THR C 240 -1.93 28.84 -5.21
C THR C 240 -3.05 28.62 -4.16
N ALA C 241 -2.96 29.31 -3.02
CA ALA C 241 -3.95 29.13 -1.97
C ALA C 241 -5.36 29.40 -2.49
N THR C 242 -5.49 30.34 -3.42
CA THR C 242 -6.79 30.70 -3.96
C THR C 242 -7.50 29.47 -4.49
N GLN C 243 -6.73 28.60 -5.14
CA GLN C 243 -7.30 27.46 -5.83
C GLN C 243 -7.30 26.24 -4.95
N ALA C 244 -6.21 26.03 -4.20
CA ALA C 244 -6.06 24.85 -3.33
C ALA C 244 -7.05 24.81 -2.17
N GLN C 245 -7.29 25.99 -1.58
CA GLN C 245 -8.04 26.14 -0.34
C GLN C 245 -7.55 25.13 0.68
N ASP C 246 -8.48 24.41 1.32
CA ASP C 246 -8.15 23.43 2.36
C ASP C 246 -7.28 22.26 1.89
N THR C 247 -7.15 22.04 0.58
CA THR C 247 -6.15 21.04 0.12
C THR C 247 -4.72 21.51 0.35
N ASN C 248 -4.54 22.81 0.66
CA ASN C 248 -3.33 23.25 1.34
C ASN C 248 -2.05 22.78 0.63
N TYR C 249 -1.86 23.22 -0.62
CA TYR C 249 -0.61 22.95 -1.34
C TYR C 249 -0.32 24.05 -2.37
N THR C 250 0.88 24.05 -2.97
CA THR C 250 1.18 24.89 -4.13
C THR C 250 1.82 24.05 -5.23
N LEU C 251 1.68 24.52 -6.48
CA LEU C 251 2.24 23.85 -7.63
C LEU C 251 2.64 24.93 -8.62
N SER C 252 3.78 24.74 -9.29
CA SER C 252 4.31 25.75 -10.20
C SER C 252 5.44 25.10 -11.01
N THR C 253 5.95 25.81 -12.02
CA THR C 253 7.33 25.50 -12.46
C THR C 253 8.26 26.55 -11.88
N ILE C 254 9.51 26.16 -11.64
CA ILE C 254 10.58 27.09 -11.27
C ILE C 254 11.70 26.92 -12.33
N SER C 255 12.00 28.01 -13.04
CA SER C 255 13.10 28.10 -14.01
C SER C 255 14.28 28.77 -13.32
N MET C 256 15.49 28.36 -13.66
CA MET C 256 16.69 28.77 -12.86
C MET C 256 17.83 29.09 -13.80
N SER C 257 18.53 30.18 -13.50
CA SER C 257 19.85 30.51 -13.98
C SER C 257 20.83 29.66 -13.13
N THR C 258 22.12 29.78 -13.41
CA THR C 258 23.14 29.29 -12.45
C THR C 258 23.22 30.20 -11.26
N THR C 259 23.92 29.73 -10.24
CA THR C 259 24.14 30.59 -9.09
C THR C 259 25.53 31.20 -9.27
N PRO C 260 25.62 32.53 -9.33
CA PRO C 260 26.92 33.19 -9.45
C PRO C 260 27.84 32.81 -8.27
N SER C 261 29.16 32.79 -8.47
CA SER C 261 30.13 32.36 -7.44
C SER C 261 30.16 33.29 -6.22
N THR C 262 29.58 34.47 -6.39
CA THR C 262 29.51 35.49 -5.31
C THR C 262 28.24 35.35 -4.46
N VAL C 263 27.39 34.41 -4.84
CA VAL C 263 26.17 34.19 -4.10
C VAL C 263 26.22 32.82 -3.41
N THR C 264 25.93 32.79 -2.12
CA THR C 264 25.89 31.56 -1.35
C THR C 264 24.60 30.82 -1.66
N VAL C 265 24.71 29.57 -2.14
CA VAL C 265 23.51 28.75 -2.40
C VAL C 265 22.74 28.60 -1.06
N PRO C 266 21.50 29.07 -0.98
CA PRO C 266 20.74 29.09 0.29
C PRO C 266 20.37 27.70 0.83
N THR C 267 20.28 27.56 2.15
CA THR C 267 19.71 26.34 2.72
C THR C 267 18.28 26.56 3.09
N TRP C 268 17.38 25.71 2.60
CA TRP C 268 15.95 25.80 2.91
C TRP C 268 15.44 24.70 3.87
N SER C 269 14.32 25.00 4.54
CA SER C 269 13.55 24.06 5.33
C SER C 269 12.08 24.57 5.38
N PHE C 270 11.11 23.70 5.15
CA PHE C 270 9.69 24.06 5.20
C PHE C 270 8.94 22.98 5.95
N PRO C 271 7.85 23.34 6.65
CA PRO C 271 7.13 22.35 7.46
C PRO C 271 6.50 21.24 6.59
N GLY C 272 6.10 21.51 5.34
CA GLY C 272 5.52 20.46 4.53
C GLY C 272 6.51 19.81 3.57
N ALA C 273 6.24 18.55 3.23
CA ALA C 273 6.99 17.85 2.17
C ALA C 273 6.96 18.61 0.87
N CYS C 274 8.02 18.50 0.09
CA CYS C 274 7.92 19.05 -1.28
C CYS C 274 8.70 18.16 -2.19
N ALA C 275 8.45 18.35 -3.48
CA ALA C 275 9.08 17.55 -4.53
C ALA C 275 9.23 18.33 -5.83
N PHE C 276 10.17 17.89 -6.65
CA PHE C 276 10.18 18.46 -8.00
C PHE C 276 10.60 17.42 -9.03
N GLN C 277 10.15 17.61 -10.25
CA GLN C 277 10.62 16.78 -11.36
C GLN C 277 11.26 17.72 -12.36
N VAL C 278 12.51 17.40 -12.73
CA VAL C 278 13.23 18.22 -13.73
C VAL C 278 12.51 18.08 -15.08
N GLN C 279 12.23 19.23 -15.73
CA GLN C 279 11.64 19.19 -17.06
C GLN C 279 12.73 19.48 -18.07
N GLU C 280 13.59 20.45 -17.74
CA GLU C 280 14.70 20.74 -18.66
C GLU C 280 15.91 21.13 -17.81
N GLY C 281 17.09 20.76 -18.28
CA GLY C 281 18.32 21.16 -17.62
C GLY C 281 18.92 20.16 -16.67
N ARG C 282 19.74 20.66 -15.73
CA ARG C 282 20.50 19.77 -14.89
C ARG C 282 20.56 20.50 -13.55
N VAL C 283 19.94 19.92 -12.55
CA VAL C 283 19.72 20.52 -11.21
C VAL C 283 20.38 19.63 -10.12
N VAL C 284 21.20 20.25 -9.30
CA VAL C 284 21.90 19.56 -8.25
C VAL C 284 21.08 19.75 -6.98
N VAL C 285 20.78 18.65 -6.31
CA VAL C 285 20.03 18.72 -5.06
C VAL C 285 20.83 18.06 -3.94
N GLN C 286 20.87 18.73 -2.78
CA GLN C 286 21.52 18.15 -1.63
C GLN C 286 20.50 18.17 -0.50
N ILE C 287 20.10 16.99 -0.02
CA ILE C 287 18.98 16.95 0.96
C ILE C 287 19.49 16.34 2.25
N GLY C 288 19.18 16.99 3.36
CA GLY C 288 19.60 16.51 4.66
C GLY C 288 21.07 16.11 4.65
N ASP C 289 21.29 14.85 5.06
CA ASP C 289 22.57 14.17 5.29
C ASP C 289 23.21 13.48 4.05
N TYR C 290 22.49 13.46 2.93
CA TYR C 290 22.94 12.74 1.71
C TYR C 290 23.90 13.51 0.81
N ALA C 291 24.66 12.81 -0.04
CA ALA C 291 25.49 13.48 -1.07
C ALA C 291 24.66 14.22 -2.07
N ALA C 292 25.20 15.34 -2.58
CA ALA C 292 24.57 16.11 -3.64
C ALA C 292 24.46 15.20 -4.85
N THR C 293 23.33 15.30 -5.52
CA THR C 293 23.05 14.48 -6.69
C THR C 293 22.58 15.37 -7.78
N GLU C 294 23.02 15.09 -9.01
CA GLU C 294 22.54 15.90 -10.10
C GLU C 294 21.39 15.17 -10.84
N LEU C 295 20.31 15.90 -11.05
CA LEU C 295 19.16 15.38 -11.73
C LEU C 295 19.07 15.85 -13.18
N GLY C 296 18.59 14.98 -14.06
CA GLY C 296 18.34 15.31 -15.46
C GLY C 296 16.87 15.13 -15.80
N SER C 297 16.56 15.02 -17.09
CA SER C 297 15.13 15.10 -17.56
C SER C 297 14.25 14.07 -16.87
N GLY C 298 13.10 14.51 -16.34
CA GLY C 298 12.18 13.56 -15.70
C GLY C 298 12.54 13.02 -14.32
N ASP C 299 13.79 13.23 -13.84
CA ASP C 299 14.17 12.83 -12.50
C ASP C 299 13.41 13.63 -11.45
N VAL C 300 13.10 12.98 -10.35
CA VAL C 300 12.29 13.48 -9.27
C VAL C 300 13.09 13.46 -7.98
N ALA C 301 13.06 14.57 -7.25
CA ALA C 301 13.68 14.69 -5.91
C ALA C 301 12.53 14.86 -4.94
N PHE C 302 12.61 14.16 -3.81
CA PHE C 302 11.58 14.31 -2.78
C PHE C 302 12.26 14.75 -1.49
N ILE C 303 11.72 15.83 -0.88
CA ILE C 303 12.24 16.37 0.40
C ILE C 303 11.18 16.35 1.51
N PRO C 304 11.39 15.55 2.54
CA PRO C 304 10.44 15.49 3.66
C PRO C 304 10.28 16.86 4.32
N GLY C 305 9.10 17.14 4.88
CA GLY C 305 8.92 18.37 5.63
C GLY C 305 9.92 18.44 6.78
N GLY C 306 10.46 19.64 7.01
CA GLY C 306 11.36 19.84 8.11
C GLY C 306 12.80 19.48 7.78
N VAL C 307 13.09 18.98 6.58
CA VAL C 307 14.46 18.52 6.28
C VAL C 307 15.15 19.63 5.50
N GLU C 308 16.38 19.97 5.86
CA GLU C 308 17.10 21.05 5.18
C GLU C 308 17.52 20.56 3.81
N PHE C 309 17.48 21.45 2.83
CA PHE C 309 18.02 21.14 1.53
C PHE C 309 18.55 22.38 0.80
N LYS C 310 19.35 22.09 -0.24
CA LYS C 310 19.96 23.07 -1.09
C LYS C 310 19.76 22.53 -2.51
N TYR C 311 19.53 23.44 -3.45
CA TYR C 311 19.55 23.08 -4.85
C TYR C 311 20.19 24.25 -5.65
N TYR C 312 20.72 23.94 -6.82
CA TYR C 312 21.21 24.93 -7.77
C TYR C 312 21.23 24.30 -9.14
N SER C 313 21.22 25.15 -10.18
CA SER C 313 21.31 24.70 -11.58
C SER C 313 22.79 24.62 -12.03
N GLU C 314 23.21 23.41 -12.41
CA GLU C 314 24.48 23.23 -13.09
C GLU C 314 24.38 23.71 -14.55
N ALA C 315 23.22 23.48 -15.15
CA ALA C 315 22.94 23.99 -16.48
C ALA C 315 22.68 25.50 -16.48
N TYR C 316 22.92 26.15 -17.60
CA TYR C 316 22.75 27.60 -17.67
C TYR C 316 21.28 28.03 -17.52
N PHE C 317 20.36 27.12 -17.90
CA PHE C 317 18.91 27.33 -17.68
C PHE C 317 18.33 25.97 -17.34
N SER C 318 17.61 25.89 -16.23
CA SER C 318 16.85 24.66 -15.92
C SER C 318 15.42 25.00 -15.59
N LYS C 319 14.53 24.02 -15.79
CA LYS C 319 13.12 24.22 -15.43
C LYS C 319 12.60 22.99 -14.72
N VAL C 320 11.96 23.17 -13.57
CA VAL C 320 11.44 22.04 -12.80
C VAL C 320 9.94 22.20 -12.58
N LEU C 321 9.24 21.07 -12.49
CA LEU C 321 7.85 21.15 -11.97
C LEU C 321 7.92 20.92 -10.48
N PHE C 322 7.28 21.81 -9.71
CA PHE C 322 7.48 21.83 -8.26
C PHE C 322 6.14 21.75 -7.51
N VAL C 323 6.07 20.87 -6.51
CA VAL C 323 4.85 20.79 -5.68
C VAL C 323 5.22 20.89 -4.21
N SER C 324 4.43 21.60 -3.40
CA SER C 324 4.74 21.68 -1.98
C SER C 324 3.47 21.50 -1.16
N SER C 325 3.58 20.72 -0.08
CA SER C 325 2.53 20.67 0.92
C SER C 325 2.65 21.88 1.82
N GLY C 326 1.52 22.53 2.10
CA GLY C 326 1.49 23.76 2.89
C GLY C 326 1.26 24.97 2.01
N SER C 327 1.09 26.15 2.59
CA SER C 327 0.76 27.34 1.78
C SER C 327 1.95 28.27 1.51
N ASP C 328 3.09 28.00 2.14
CA ASP C 328 4.28 28.85 1.94
C ASP C 328 5.55 28.09 1.76
N GLY C 329 5.48 27.10 0.89
CA GLY C 329 6.68 26.39 0.52
C GLY C 329 7.53 27.22 -0.43
N LEU C 330 8.49 26.57 -1.06
CA LEU C 330 9.58 27.23 -1.75
C LEU C 330 9.10 28.19 -2.82
N ASP C 331 8.18 27.72 -3.66
CA ASP C 331 7.72 28.50 -4.76
C ASP C 331 7.01 29.78 -4.29
N GLN C 332 6.13 29.69 -3.27
CA GLN C 332 5.47 30.87 -2.72
C GLN C 332 6.52 31.81 -2.11
N ASN C 333 7.54 31.22 -1.50
CA ASN C 333 8.57 32.02 -0.83
C ASN C 333 9.35 32.81 -1.89
N LEU C 334 9.68 32.15 -3.01
CA LEU C 334 10.37 32.82 -4.10
C LEU C 334 9.51 33.93 -4.72
N VAL C 335 8.22 33.65 -4.96
CA VAL C 335 7.27 34.69 -5.44
C VAL C 335 7.25 35.91 -4.54
N ASN C 336 7.04 35.65 -3.23
CA ASN C 336 6.90 36.69 -2.23
C ASN C 336 8.12 37.54 -2.15
N GLY C 337 9.29 36.93 -2.37
CA GLY C 337 10.51 37.72 -2.35
C GLY C 337 10.91 38.25 -3.73
N GLY C 338 10.02 38.10 -4.73
CA GLY C 338 10.33 38.39 -6.12
C GLY C 338 9.43 39.49 -6.66
N GLU C 339 9.37 39.61 -7.98
CA GLU C 339 8.53 40.68 -8.61
C GLU C 339 7.75 40.13 -9.82
N GLU C 340 6.65 40.78 -10.18
CA GLU C 340 5.91 40.36 -11.38
C GLU C 340 6.87 40.41 -12.58
N TRP C 341 6.78 39.43 -13.47
CA TRP C 341 7.76 39.33 -14.53
C TRP C 341 7.14 38.84 -15.83
N SER C 342 7.52 39.40 -16.96
CA SER C 342 6.77 39.15 -18.20
C SER C 342 7.41 38.21 -19.21
N SER C 343 8.46 37.49 -18.81
CA SER C 343 9.29 36.75 -19.75
C SER C 343 9.59 35.38 -19.17
N VAL C 344 9.71 34.37 -20.04
CA VAL C 344 10.29 33.09 -19.64
C VAL C 344 11.82 33.06 -19.42
N SER C 345 12.49 34.13 -19.81
CA SER C 345 13.94 34.24 -19.73
C SER C 345 14.24 35.23 -18.62
N PHE C 346 15.38 35.08 -17.97
CA PHE C 346 15.82 36.03 -16.92
C PHE C 346 16.73 37.05 -17.58
N PRO C 347 17.08 38.12 -16.84
CA PRO C 347 17.92 39.17 -17.40
C PRO C 347 19.30 38.65 -17.87
N ALA C 348 19.89 39.36 -18.83
CA ALA C 348 21.15 39.01 -19.45
C ALA C 348 22.35 39.45 -18.57
N ASP C 349 22.05 40.27 -17.57
CA ASP C 349 23.04 40.79 -16.64
C ASP C 349 22.66 40.42 -15.21
N TRP C 350 23.66 40.18 -14.39
CA TRP C 350 23.41 39.91 -12.99
C TRP C 350 23.00 41.20 -12.28
N SER D 4 -24.98 -40.61 10.81
CA SER D 4 -25.74 -40.07 12.01
C SER D 4 -24.84 -40.08 13.26
N LEU D 5 -23.59 -39.69 13.04
CA LEU D 5 -22.58 -39.51 14.11
C LEU D 5 -22.98 -38.53 15.23
N ILE D 6 -23.74 -37.51 14.85
CA ILE D 6 -24.05 -36.45 15.77
C ILE D 6 -25.21 -36.86 16.68
N VAL D 7 -25.06 -36.58 17.99
CA VAL D 7 -26.04 -36.86 19.05
C VAL D 7 -26.24 -35.64 19.94
N GLU D 8 -27.40 -35.57 20.60
CA GLU D 8 -27.76 -34.39 21.40
C GLU D 8 -27.45 -34.70 22.89
N ASP D 9 -27.39 -35.99 23.21
CA ASP D 9 -27.02 -36.45 24.56
C ASP D 9 -26.08 -37.62 24.31
N ALA D 10 -25.12 -37.83 25.21
CA ALA D 10 -24.19 -38.95 25.04
C ALA D 10 -25.02 -40.25 25.02
N PRO D 11 -24.67 -41.18 24.15
CA PRO D 11 -25.40 -42.47 24.08
C PRO D 11 -25.29 -43.35 25.35
N ASP D 12 -26.19 -44.31 25.48
CA ASP D 12 -26.21 -45.22 26.61
C ASP D 12 -25.32 -46.45 26.38
N HIS D 13 -24.59 -46.47 25.26
CA HIS D 13 -23.69 -47.60 24.98
C HIS D 13 -22.49 -47.08 24.23
N VAL D 14 -21.42 -47.88 24.13
CA VAL D 14 -20.22 -47.41 23.44
C VAL D 14 -20.48 -47.38 21.93
N ARG D 15 -20.30 -46.22 21.30
CA ARG D 15 -20.32 -46.18 19.83
C ARG D 15 -19.53 -44.93 19.39
N PRO D 16 -19.17 -44.84 18.11
CA PRO D 16 -18.57 -43.59 17.58
C PRO D 16 -19.62 -42.43 17.71
N TYR D 17 -19.22 -41.24 18.16
CA TYR D 17 -20.16 -40.13 18.11
C TYR D 17 -19.50 -38.75 18.20
N VAL D 18 -20.28 -37.74 17.81
CA VAL D 18 -19.87 -36.36 17.99
C VAL D 18 -21.03 -35.63 18.67
N ILE D 19 -20.70 -34.78 19.64
CA ILE D 19 -21.72 -34.00 20.28
C ILE D 19 -21.25 -32.54 20.31
N ARG D 20 -22.10 -31.66 19.79
CA ARG D 20 -21.79 -30.28 19.66
C ARG D 20 -21.77 -29.54 21.00
N HIS D 21 -20.98 -28.49 21.08
CA HIS D 21 -20.83 -27.67 22.28
C HIS D 21 -22.21 -27.18 22.69
N TYR D 22 -22.51 -27.28 23.99
CA TYR D 22 -23.82 -26.82 24.51
C TYR D 22 -25.02 -27.65 24.05
N SER D 23 -24.77 -28.86 23.59
CA SER D 23 -25.90 -29.80 23.39
C SER D 23 -26.47 -30.08 24.78
N HIS D 24 -27.67 -30.61 24.82
CA HIS D 24 -28.38 -30.84 26.06
C HIS D 24 -27.52 -31.67 27.02
N ALA D 25 -26.95 -32.77 26.51
CA ALA D 25 -25.96 -33.62 27.24
C ALA D 25 -26.40 -33.90 28.67
N ARG D 26 -27.66 -34.34 28.82
CA ARG D 26 -28.25 -34.61 30.12
C ARG D 26 -28.05 -33.44 31.13
N ALA D 27 -28.29 -32.19 30.71
CA ALA D 27 -27.96 -31.05 31.54
C ALA D 27 -28.65 -31.06 32.91
N VAL D 28 -27.89 -30.67 33.93
CA VAL D 28 -28.46 -30.32 35.23
C VAL D 28 -27.89 -29.00 35.71
N THR D 29 -28.57 -28.39 36.67
CA THR D 29 -27.99 -27.25 37.35
C THR D 29 -27.70 -27.60 38.79
N VAL D 30 -26.61 -27.02 39.30
CA VAL D 30 -26.43 -27.01 40.73
C VAL D 30 -26.36 -25.54 41.11
N ASP D 31 -27.41 -25.03 41.75
CA ASP D 31 -27.55 -23.60 41.95
C ASP D 31 -27.27 -22.88 40.61
N THR D 32 -26.28 -22.01 40.52
CA THR D 32 -26.10 -21.23 39.26
C THR D 32 -25.28 -21.95 38.18
N GLN D 33 -24.70 -23.12 38.54
CA GLN D 33 -23.79 -23.87 37.63
C GLN D 33 -24.59 -24.78 36.73
N LEU D 34 -24.30 -24.78 35.43
CA LEU D 34 -24.93 -25.75 34.53
C LEU D 34 -23.92 -26.81 34.03
N TYR D 35 -24.20 -28.09 34.31
CA TYR D 35 -23.30 -29.21 33.90
C TYR D 35 -23.84 -29.94 32.68
N ARG D 36 -22.95 -30.28 31.75
CA ARG D 36 -23.28 -31.03 30.57
C ARG D 36 -22.29 -32.21 30.54
N PHE D 37 -22.78 -33.39 30.16
CA PHE D 37 -21.99 -34.64 30.20
C PHE D 37 -21.81 -35.13 28.77
N TYR D 38 -20.77 -34.59 28.14
CA TYR D 38 -20.43 -34.94 26.77
C TYR D 38 -19.97 -36.36 26.61
N VAL D 39 -19.14 -36.83 27.53
CA VAL D 39 -18.81 -38.24 27.56
C VAL D 39 -19.19 -38.74 28.93
N THR D 40 -19.93 -39.86 29.00
CA THR D 40 -20.31 -40.40 30.30
C THR D 40 -19.71 -41.80 30.52
N GLY D 41 -19.97 -42.35 31.71
CA GLY D 41 -19.60 -43.73 31.94
C GLY D 41 -20.26 -44.68 30.93
N PRO D 42 -21.60 -44.66 30.79
CA PRO D 42 -22.27 -45.48 29.76
C PRO D 42 -21.69 -45.28 28.35
N SER D 43 -21.30 -44.07 27.99
CA SER D 43 -20.99 -43.79 26.58
C SER D 43 -19.57 -44.21 26.26
N SER D 44 -18.77 -44.33 27.31
CA SER D 44 -17.36 -44.63 27.16
C SER D 44 -17.01 -46.03 27.67
N GLY D 45 -18.01 -46.82 28.05
CA GLY D 45 -17.77 -48.11 28.69
C GLY D 45 -16.94 -47.89 29.96
N TYR D 46 -17.22 -46.78 30.66
CA TYR D 46 -16.64 -46.47 31.98
C TYR D 46 -15.16 -46.12 31.94
N ALA D 47 -14.64 -45.80 30.76
CA ALA D 47 -13.24 -45.35 30.67
C ALA D 47 -13.07 -43.99 31.33
N PHE D 48 -13.93 -43.04 31.01
CA PHE D 48 -13.78 -41.67 31.54
C PHE D 48 -15.03 -40.83 31.32
N THR D 49 -15.08 -39.69 32.01
CA THR D 49 -16.21 -38.76 31.83
C THR D 49 -15.56 -37.49 31.30
N LEU D 50 -16.27 -36.79 30.41
CA LEU D 50 -15.80 -35.46 29.97
C LEU D 50 -17.01 -34.61 30.10
N MET D 51 -16.93 -33.65 31.00
CA MET D 51 -18.09 -32.81 31.25
C MET D 51 -17.75 -31.35 31.13
N GLY D 52 -18.76 -30.52 30.83
CA GLY D 52 -18.60 -29.08 30.75
C GLY D 52 -19.42 -28.40 31.85
N THR D 53 -18.83 -27.42 32.55
CA THR D 53 -19.58 -26.69 33.57
C THR D 53 -19.54 -25.24 33.16
N ASN D 54 -20.70 -24.65 32.88
CA ASN D 54 -20.76 -23.20 32.62
C ASN D 54 -21.35 -22.49 33.79
N ALA D 55 -20.84 -21.31 34.15
CA ALA D 55 -21.24 -20.68 35.42
C ALA D 55 -20.81 -19.21 35.49
N PRO D 56 -21.61 -18.37 36.18
CA PRO D 56 -21.29 -16.94 36.38
C PRO D 56 -20.38 -16.76 37.59
N HIS D 57 -19.89 -15.55 37.78
CA HIS D 57 -19.13 -15.22 38.95
C HIS D 57 -19.90 -15.58 40.20
N SER D 58 -19.19 -16.07 41.20
CA SER D 58 -19.73 -16.27 42.55
C SER D 58 -18.75 -15.81 43.58
N ASP D 59 -19.28 -15.14 44.60
CA ASP D 59 -18.45 -14.73 45.73
C ASP D 59 -18.12 -15.90 46.66
N ALA D 60 -18.78 -17.04 46.44
CA ALA D 60 -18.62 -18.19 47.34
C ALA D 60 -17.98 -19.39 46.63
N LEU D 61 -17.35 -20.26 47.40
CA LEU D 61 -16.85 -21.52 46.83
C LEU D 61 -17.93 -22.21 46.00
N GLY D 62 -17.51 -22.87 44.92
CA GLY D 62 -18.44 -23.55 44.01
C GLY D 62 -18.79 -24.94 44.52
N VAL D 63 -18.07 -25.39 45.54
CA VAL D 63 -18.35 -26.67 46.20
C VAL D 63 -17.59 -26.72 47.52
N LEU D 64 -18.11 -27.42 48.52
CA LEU D 64 -17.33 -27.54 49.76
C LEU D 64 -16.09 -28.42 49.53
N PRO D 65 -15.03 -28.19 50.27
CA PRO D 65 -13.82 -29.00 50.07
C PRO D 65 -14.14 -30.51 50.21
N HIS D 66 -13.57 -31.34 49.34
CA HIS D 66 -13.77 -32.77 49.42
C HIS D 66 -12.64 -33.53 48.78
N ILE D 67 -12.76 -34.84 48.78
CA ILE D 67 -11.72 -35.71 48.23
C ILE D 67 -12.42 -36.84 47.51
N HIS D 68 -11.78 -37.44 46.50
CA HIS D 68 -12.23 -38.69 45.95
C HIS D 68 -11.19 -39.74 46.20
N GLN D 69 -11.65 -40.94 46.47
CA GLN D 69 -10.72 -42.03 46.74
C GLN D 69 -10.50 -42.88 45.47
N LYS D 70 -11.45 -42.81 44.54
CA LYS D 70 -11.37 -43.68 43.39
C LYS D 70 -11.29 -42.96 42.07
N HIS D 71 -11.44 -41.65 42.06
CA HIS D 71 -11.48 -40.88 40.82
C HIS D 71 -10.36 -39.85 40.76
N TYR D 72 -9.73 -39.77 39.59
CA TYR D 72 -8.70 -38.76 39.30
C TYR D 72 -9.45 -37.66 38.58
N GLU D 73 -9.44 -36.46 39.17
CA GLU D 73 -10.10 -35.31 38.56
C GLU D 73 -9.12 -34.38 37.85
N ASN D 74 -9.58 -33.82 36.73
CA ASN D 74 -8.79 -32.93 35.86
C ASN D 74 -9.63 -31.70 35.53
N PHE D 75 -9.07 -30.51 35.80
CA PHE D 75 -9.78 -29.28 35.58
C PHE D 75 -9.12 -28.54 34.46
N TYR D 76 -9.92 -28.17 33.46
CA TYR D 76 -9.41 -27.44 32.30
C TYR D 76 -10.29 -26.24 32.06
N CYS D 77 -9.69 -25.07 31.98
CA CYS D 77 -10.48 -23.85 31.74
C CYS D 77 -10.69 -23.61 30.26
N ASN D 78 -11.93 -23.73 29.81
CA ASN D 78 -12.19 -23.43 28.41
C ASN D 78 -12.23 -21.95 28.10
N LYS D 79 -12.78 -21.19 29.04
CA LYS D 79 -12.96 -19.74 28.94
C LYS D 79 -13.33 -19.20 30.33
N GLY D 80 -13.19 -17.90 30.49
CA GLY D 80 -13.50 -17.25 31.74
C GLY D 80 -12.40 -17.62 32.71
N SER D 81 -12.73 -17.74 33.99
CA SER D 81 -11.69 -18.13 34.94
C SER D 81 -12.29 -18.65 36.26
N PHE D 82 -11.51 -19.49 36.95
CA PHE D 82 -11.94 -20.09 38.24
C PHE D 82 -10.70 -20.44 39.03
N GLN D 83 -10.78 -20.28 40.35
CA GLN D 83 -9.71 -20.68 41.24
C GLN D 83 -9.90 -22.13 41.65
N LEU D 84 -8.76 -22.82 41.80
CA LEU D 84 -8.74 -24.22 42.17
C LEU D 84 -7.76 -24.30 43.33
N TRP D 85 -8.12 -25.09 44.34
CA TRP D 85 -7.26 -25.26 45.48
C TRP D 85 -7.06 -26.74 45.66
N ALA D 86 -5.85 -27.18 45.99
CA ALA D 86 -5.57 -28.62 46.15
C ALA D 86 -4.53 -28.87 47.19
N GLN D 87 -4.68 -29.99 47.93
CA GLN D 87 -3.68 -30.41 48.88
C GLN D 87 -3.60 -31.93 48.99
N SER D 88 -2.39 -32.47 48.91
CA SER D 88 -2.16 -33.88 49.16
C SER D 88 -1.41 -33.98 50.52
N GLY D 89 -1.91 -34.84 51.41
CA GLY D 89 -1.38 -35.01 52.75
C GLY D 89 -1.14 -33.72 53.52
N ASN D 90 0.07 -33.59 54.06
CA ASN D 90 0.54 -32.34 54.67
C ASN D 90 1.52 -31.56 53.75
N GLU D 91 1.45 -31.80 52.46
CA GLU D 91 2.25 -30.96 51.55
C GLU D 91 1.62 -29.57 51.57
N THR D 92 2.38 -28.55 51.20
CA THR D 92 1.86 -27.21 51.22
C THR D 92 0.60 -27.18 50.31
N GLN D 93 -0.49 -26.58 50.80
CA GLN D 93 -1.68 -26.36 49.99
C GLN D 93 -1.37 -25.43 48.78
N GLN D 94 -1.81 -25.84 47.60
CA GLN D 94 -1.53 -25.12 46.36
C GLN D 94 -2.81 -24.51 45.82
N THR D 95 -2.73 -23.32 45.27
CA THR D 95 -3.90 -22.83 44.52
C THR D 95 -3.52 -21.96 43.30
N ARG D 96 -4.29 -22.05 42.23
CA ARG D 96 -4.07 -21.26 41.03
C ARG D 96 -5.41 -20.70 40.64
N VAL D 97 -5.38 -19.51 40.04
CA VAL D 97 -6.53 -19.06 39.26
C VAL D 97 -6.33 -19.44 37.78
N LEU D 98 -7.13 -20.38 37.27
CA LEU D 98 -7.02 -20.84 35.87
C LEU D 98 -7.81 -19.92 34.99
N SER D 99 -7.21 -19.48 33.87
CA SER D 99 -7.89 -18.71 32.82
C SER D 99 -7.77 -19.56 31.51
N SER D 100 -8.18 -19.04 30.37
CA SER D 100 -8.40 -19.94 29.21
C SER D 100 -7.16 -20.75 28.87
N GLY D 101 -7.34 -22.06 28.72
CA GLY D 101 -6.26 -22.99 28.34
C GLY D 101 -5.42 -23.48 29.52
N ASP D 102 -5.70 -22.98 30.73
CA ASP D 102 -5.02 -23.52 31.91
C ASP D 102 -5.61 -24.83 32.39
N TYR D 103 -4.78 -25.55 33.15
CA TYR D 103 -4.99 -26.92 33.56
C TYR D 103 -4.57 -27.18 35.00
N GLY D 104 -5.41 -27.97 35.71
CA GLY D 104 -5.20 -28.28 37.13
C GLY D 104 -5.43 -29.79 37.29
N SER D 105 -4.40 -30.50 37.75
CA SER D 105 -4.50 -31.95 37.95
C SER D 105 -4.81 -32.25 39.41
N VAL D 106 -5.83 -33.05 39.65
CA VAL D 106 -6.21 -33.49 41.02
C VAL D 106 -6.32 -35.04 41.20
N PRO D 107 -5.19 -35.69 41.45
CA PRO D 107 -5.16 -37.14 41.69
C PRO D 107 -6.11 -37.55 42.82
N ARG D 108 -6.33 -38.86 42.91
CA ARG D 108 -7.14 -39.44 43.96
C ARG D 108 -6.57 -38.97 45.31
N ASN D 109 -7.47 -38.75 46.28
CA ASN D 109 -7.05 -38.55 47.67
C ASN D 109 -6.37 -37.19 47.85
N VAL D 110 -6.77 -36.24 47.04
CA VAL D 110 -6.25 -34.86 47.09
C VAL D 110 -7.46 -33.98 47.40
N THR D 111 -7.42 -33.25 48.51
CA THR D 111 -8.50 -32.35 48.92
C THR D 111 -8.52 -31.21 47.92
N HIS D 112 -9.72 -30.75 47.54
CA HIS D 112 -9.81 -29.68 46.55
C HIS D 112 -11.19 -28.99 46.64
N THR D 113 -11.24 -27.80 46.07
CA THR D 113 -12.46 -27.03 45.85
C THR D 113 -12.14 -26.00 44.71
N PHE D 114 -13.13 -25.29 44.22
CA PHE D 114 -12.93 -24.36 43.14
C PHE D 114 -13.88 -23.19 43.40
N GLN D 115 -13.62 -22.07 42.74
CA GLN D 115 -14.50 -20.91 42.85
C GLN D 115 -14.52 -20.27 41.48
N ILE D 116 -15.71 -19.98 41.00
CA ILE D 116 -15.89 -19.39 39.70
C ILE D 116 -15.73 -17.87 39.79
N GLN D 117 -14.83 -17.34 38.96
CA GLN D 117 -14.47 -15.92 38.99
C GLN D 117 -15.16 -15.08 37.90
N ASP D 118 -15.06 -15.49 36.64
CA ASP D 118 -15.53 -14.62 35.54
C ASP D 118 -16.95 -14.95 35.08
N PRO D 119 -17.68 -13.96 34.53
CA PRO D 119 -19.08 -14.16 34.15
C PRO D 119 -19.29 -15.22 33.08
N ASP D 120 -18.36 -15.34 32.14
CA ASP D 120 -18.53 -16.32 31.08
C ASP D 120 -17.56 -17.49 31.29
N THR D 121 -17.69 -18.18 32.43
CA THR D 121 -16.67 -19.22 32.75
C THR D 121 -17.12 -20.58 32.31
N GLU D 122 -16.20 -21.33 31.70
CA GLU D 122 -16.44 -22.70 31.31
C GLU D 122 -15.29 -23.59 31.76
N MET D 123 -15.63 -24.62 32.56
CA MET D 123 -14.69 -25.60 33.05
C MET D 123 -14.99 -26.93 32.36
N THR D 124 -13.95 -27.54 31.78
CA THR D 124 -14.10 -28.87 31.27
C THR D 124 -13.48 -29.79 32.28
N GLY D 125 -14.29 -30.74 32.78
CA GLY D 125 -13.77 -31.76 33.68
C GLY D 125 -13.55 -33.09 32.97
N VAL D 126 -12.41 -33.71 33.23
CA VAL D 126 -12.13 -35.02 32.70
C VAL D 126 -11.90 -35.87 33.94
N ILE D 127 -12.75 -36.87 34.12
CA ILE D 127 -12.74 -37.68 35.35
C ILE D 127 -12.51 -39.14 34.98
N VAL D 128 -11.61 -39.79 35.71
CA VAL D 128 -11.22 -41.14 35.32
C VAL D 128 -11.24 -41.98 36.60
N PRO D 129 -11.89 -43.14 36.63
CA PRO D 129 -12.67 -43.73 35.51
C PRO D 129 -14.03 -43.04 35.34
N GLY D 130 -14.84 -43.51 34.40
CA GLY D 130 -16.05 -42.79 34.01
C GLY D 130 -17.13 -43.20 34.96
N GLY D 131 -18.25 -42.47 34.94
CA GLY D 131 -19.40 -42.81 35.73
C GLY D 131 -19.56 -41.99 36.98
N PHE D 132 -18.60 -41.11 37.28
CA PHE D 132 -18.74 -40.26 38.46
C PHE D 132 -19.94 -39.31 38.32
N GLU D 133 -20.37 -39.03 37.08
CA GLU D 133 -21.40 -38.02 36.85
C GLU D 133 -22.78 -38.32 37.52
N ASP D 134 -23.00 -39.57 37.94
CA ASP D 134 -24.22 -39.91 38.67
C ASP D 134 -24.40 -38.99 39.88
N LEU D 135 -23.29 -38.58 40.49
CA LEU D 135 -23.33 -37.57 41.57
C LEU D 135 -24.06 -36.28 41.19
N PHE D 136 -23.76 -35.73 40.01
CA PHE D 136 -24.44 -34.53 39.51
C PHE D 136 -25.90 -34.74 39.12
N TYR D 137 -26.26 -35.91 38.59
CA TYR D 137 -27.70 -36.15 38.37
C TYR D 137 -28.40 -36.09 39.69
N TYR D 138 -27.81 -36.71 40.71
CA TYR D 138 -28.46 -36.86 42.00
C TYR D 138 -28.63 -35.49 42.68
N LEU D 139 -27.52 -34.79 42.85
CA LEU D 139 -27.53 -33.49 43.52
C LEU D 139 -28.09 -32.34 42.69
N GLY D 140 -28.02 -32.48 41.34
CA GLY D 140 -28.49 -31.45 40.41
C GLY D 140 -30.01 -31.47 40.20
N THR D 141 -30.49 -30.42 39.58
CA THR D 141 -31.87 -30.32 39.17
C THR D 141 -31.85 -30.42 37.64
N ASN D 142 -32.70 -31.28 37.12
CA ASN D 142 -32.77 -31.47 35.68
C ASN D 142 -32.92 -30.10 35.00
N ALA D 143 -32.32 -29.93 33.80
CA ALA D 143 -32.47 -28.70 33.04
C ALA D 143 -32.85 -29.02 31.58
N THR D 144 -34.04 -28.55 31.19
CA THR D 144 -34.50 -28.73 29.82
C THR D 144 -33.66 -27.82 28.89
N ASP D 145 -33.42 -26.59 29.34
CA ASP D 145 -32.63 -25.59 28.61
C ASP D 145 -32.88 -25.61 27.09
N THR D 146 -34.12 -25.31 26.73
CA THR D 146 -34.60 -25.37 25.37
C THR D 146 -33.73 -24.61 24.39
N THR D 147 -33.26 -23.40 24.78
CA THR D 147 -32.47 -22.56 23.88
C THR D 147 -30.97 -22.94 23.84
N HIS D 148 -30.56 -23.90 24.66
CA HIS D 148 -29.13 -24.31 24.74
C HIS D 148 -28.28 -23.13 25.22
N THR D 149 -28.86 -22.25 26.04
CA THR D 149 -28.09 -21.21 26.67
C THR D 149 -26.97 -21.79 27.54
N PRO D 150 -25.74 -21.24 27.48
CA PRO D 150 -24.62 -21.83 28.24
C PRO D 150 -24.94 -22.11 29.72
N TYR D 151 -25.48 -21.11 30.43
CA TYR D 151 -26.08 -21.38 31.74
C TYR D 151 -27.30 -20.52 31.93
N ILE D 152 -28.05 -20.77 32.99
CA ILE D 152 -29.34 -20.08 33.15
C ILE D 152 -29.04 -18.73 33.76
N PRO D 153 -29.50 -17.64 33.12
CA PRO D 153 -29.21 -16.30 33.67
C PRO D 153 -29.96 -16.10 34.99
N SER D 154 -29.39 -15.34 35.92
CA SER D 154 -30.15 -14.92 37.12
C SER D 154 -29.48 -13.73 37.80
N SER D 159 -24.58 -15.20 50.48
CA SER D 159 -23.97 -16.08 49.48
C SER D 159 -23.25 -17.32 50.10
N SER D 160 -24.05 -18.40 50.25
CA SER D 160 -23.58 -19.69 50.76
C SER D 160 -22.77 -20.38 49.67
N THR D 161 -21.79 -21.19 50.06
CA THR D 161 -21.11 -22.08 49.13
C THR D 161 -22.13 -22.78 48.22
N THR D 162 -21.84 -22.84 46.91
CA THR D 162 -22.71 -23.58 45.97
C THR D 162 -22.69 -25.09 46.24
N GLY D 163 -23.84 -25.72 45.97
CA GLY D 163 -23.97 -27.14 46.03
C GLY D 163 -24.41 -27.63 47.40
N PRO D 164 -23.98 -28.84 47.78
CA PRO D 164 -24.52 -29.47 48.99
C PRO D 164 -24.03 -28.74 50.24
N ASP D 165 -24.90 -28.60 51.23
CA ASP D 165 -24.49 -28.06 52.53
C ASP D 165 -23.60 -29.06 53.29
N SER D 166 -23.14 -28.68 54.48
CA SER D 166 -22.12 -29.47 55.17
C SER D 166 -22.68 -30.85 55.59
N SER D 167 -23.94 -30.88 56.06
CA SER D 167 -24.65 -32.16 56.32
C SER D 167 -24.77 -33.05 55.05
N THR D 168 -25.32 -32.49 53.98
CA THR D 168 -25.50 -33.24 52.74
C THR D 168 -24.18 -33.79 52.16
N ILE D 169 -23.15 -32.96 52.04
CA ILE D 169 -21.90 -33.39 51.39
C ILE D 169 -21.14 -34.47 52.23
N SER D 170 -21.55 -34.61 53.50
CA SER D 170 -21.01 -35.66 54.38
C SER D 170 -21.79 -37.02 54.23
N THR D 171 -22.78 -37.06 53.34
CA THR D 171 -23.64 -38.25 53.14
C THR D 171 -23.42 -38.96 51.79
N LEU D 172 -22.42 -38.51 51.03
CA LEU D 172 -22.18 -38.88 49.64
C LEU D 172 -21.04 -39.88 49.39
N GLN D 173 -20.66 -40.68 50.40
CA GLN D 173 -19.52 -41.57 50.21
C GLN D 173 -19.82 -42.60 49.14
N SER D 174 -21.11 -42.87 48.98
CA SER D 174 -21.61 -43.76 47.96
C SER D 174 -21.14 -43.32 46.58
N PHE D 175 -21.08 -41.99 46.38
CA PHE D 175 -20.69 -41.38 45.11
C PHE D 175 -19.19 -41.11 45.03
N ASP D 176 -18.41 -41.67 45.96
CA ASP D 176 -16.96 -41.38 46.12
C ASP D 176 -16.70 -39.90 46.34
N VAL D 177 -17.49 -39.28 47.21
CA VAL D 177 -17.23 -37.93 47.65
C VAL D 177 -17.08 -37.95 49.15
N TYR D 178 -15.92 -37.51 49.66
CA TYR D 178 -15.70 -37.48 51.10
C TYR D 178 -15.48 -36.06 51.50
N ALA D 179 -16.26 -35.58 52.43
CA ALA D 179 -16.14 -34.20 52.92
C ALA D 179 -14.80 -33.95 53.68
N GLU D 180 -14.24 -32.75 53.55
CA GLU D 180 -13.02 -32.31 54.24
C GLU D 180 -13.37 -30.95 54.81
N LEU D 181 -14.20 -30.94 55.83
CA LEU D 181 -14.81 -29.70 56.28
C LEU D 181 -13.82 -28.90 57.12
N SER D 182 -12.75 -29.56 57.56
CA SER D 182 -11.68 -28.86 58.29
C SER D 182 -10.65 -28.17 57.35
N PHE D 183 -10.76 -28.40 56.04
CA PHE D 183 -9.85 -27.78 55.07
C PHE D 183 -10.19 -26.31 54.93
N THR D 184 -9.18 -25.45 55.01
CA THR D 184 -9.36 -24.01 54.81
C THR D 184 -8.68 -23.57 53.52
N PRO D 185 -9.46 -23.26 52.46
CA PRO D 185 -8.86 -22.70 51.22
C PRO D 185 -8.00 -21.48 51.55
N ARG D 186 -6.74 -21.45 51.07
CA ARG D 186 -5.84 -20.37 51.48
C ARG D 186 -6.27 -19.09 50.82
N THR D 187 -6.02 -17.99 51.51
CA THR D 187 -6.60 -16.71 51.12
C THR D 187 -5.53 -15.62 50.93
N ASP D 188 -4.34 -16.06 50.56
CA ASP D 188 -3.21 -15.18 50.33
C ASP D 188 -2.80 -15.23 48.86
N THR D 189 -3.77 -15.48 47.98
CA THR D 189 -3.53 -15.50 46.54
C THR D 189 -3.02 -14.13 46.10
N VAL D 190 -2.00 -14.12 45.25
CA VAL D 190 -1.52 -12.89 44.65
C VAL D 190 -1.09 -13.25 43.27
N ASN D 191 -1.52 -12.43 42.30
CA ASN D 191 -1.26 -12.70 40.90
C ASN D 191 -1.66 -14.12 40.50
N GLY D 192 -2.78 -14.61 41.04
CA GLY D 192 -3.37 -15.84 40.53
C GLY D 192 -2.71 -17.07 41.12
N THR D 193 -1.88 -16.91 42.13
CA THR D 193 -1.31 -18.09 42.79
C THR D 193 -0.98 -17.97 44.29
N ALA D 194 -0.91 -19.13 44.98
CA ALA D 194 -0.26 -19.24 46.30
C ALA D 194 0.14 -20.69 46.48
N PRO D 195 1.22 -21.01 47.21
CA PRO D 195 2.08 -20.04 47.92
C PRO D 195 2.96 -19.19 46.98
N ALA D 196 3.68 -18.19 47.53
CA ALA D 196 4.48 -17.27 46.70
C ALA D 196 5.54 -17.94 45.81
N ASN D 197 6.16 -19.01 46.30
CA ASN D 197 7.27 -19.65 45.54
C ASN D 197 6.72 -20.68 44.55
N THR D 198 5.93 -20.21 43.63
CA THR D 198 5.38 -21.03 42.59
C THR D 198 5.53 -20.23 41.33
N VAL D 199 5.20 -20.87 40.23
CA VAL D 199 5.38 -20.27 38.94
C VAL D 199 4.02 -20.45 38.25
N TRP D 200 3.39 -19.35 37.86
CA TRP D 200 2.05 -19.39 37.27
C TRP D 200 1.97 -18.23 36.23
N HIS D 201 1.96 -18.61 34.94
CA HIS D 201 2.00 -17.69 33.79
C HIS D 201 3.28 -16.82 33.73
N THR D 202 4.33 -17.26 34.43
CA THR D 202 5.55 -16.47 34.46
C THR D 202 6.79 -17.28 34.15
N GLY D 203 6.62 -18.52 33.71
CA GLY D 203 7.80 -19.39 33.53
C GLY D 203 7.26 -20.79 33.29
N ALA D 204 8.14 -21.74 33.00
CA ALA D 204 7.69 -23.07 32.64
C ALA D 204 7.11 -23.83 33.84
N ASN D 205 6.10 -24.68 33.59
CA ASN D 205 5.62 -25.65 34.59
C ASN D 205 5.99 -27.03 34.21
N ALA D 206 6.30 -27.88 35.20
CA ALA D 206 6.52 -29.32 34.93
C ALA D 206 5.35 -30.13 35.45
N LEU D 207 5.03 -31.26 34.81
CA LEU D 207 4.15 -32.26 35.45
C LEU D 207 4.77 -32.77 36.72
N ALA D 208 3.96 -33.01 37.74
CA ALA D 208 4.44 -33.58 38.99
C ALA D 208 5.21 -34.87 38.74
N SER D 209 6.41 -34.98 39.29
CA SER D 209 7.15 -36.23 39.15
C SER D 209 6.73 -37.25 40.25
N THR D 210 6.05 -36.74 41.28
CA THR D 210 5.62 -37.53 42.44
C THR D 210 4.14 -37.84 42.20
N ALA D 211 3.79 -39.12 42.09
CA ALA D 211 2.38 -39.49 41.87
C ALA D 211 1.58 -39.21 43.15
N GLY D 212 0.31 -38.84 43.00
CA GLY D 212 -0.49 -38.49 44.17
C GLY D 212 -0.50 -36.98 44.45
N ASP D 213 0.44 -36.24 43.87
CA ASP D 213 0.51 -34.79 44.13
C ASP D 213 -0.26 -34.03 43.08
N PRO D 214 -0.98 -33.01 43.49
CA PRO D 214 -1.62 -32.13 42.52
C PRO D 214 -0.59 -31.26 41.76
N TYR D 215 -0.95 -30.77 40.58
CA TYR D 215 -0.07 -29.83 39.87
C TYR D 215 -0.86 -29.07 38.85
N PHE D 216 -0.29 -27.92 38.47
CA PHE D 216 -0.96 -27.04 37.52
C PHE D 216 -0.06 -26.69 36.32
N ILE D 217 -0.68 -26.53 35.17
CA ILE D 217 0.06 -26.14 33.95
C ILE D 217 -0.63 -24.98 33.27
N ALA D 218 0.05 -23.84 33.21
CA ALA D 218 -0.54 -22.64 32.61
C ALA D 218 -0.45 -22.78 31.08
N ASN D 219 -1.44 -22.20 30.36
CA ASN D 219 -1.52 -22.32 28.91
C ASN D 219 -0.21 -22.01 28.17
N GLY D 220 0.39 -23.03 27.57
CA GLY D 220 1.56 -22.80 26.74
C GLY D 220 2.87 -23.03 27.46
N TRP D 221 2.80 -23.24 28.77
CA TRP D 221 4.02 -23.20 29.63
C TRP D 221 4.58 -24.56 30.08
N GLY D 222 3.87 -25.64 29.69
CA GLY D 222 4.25 -26.98 30.07
C GLY D 222 5.15 -27.58 29.00
N PRO D 223 5.59 -28.82 29.19
CA PRO D 223 6.49 -29.46 28.20
C PRO D 223 5.69 -29.73 26.91
N LYS D 224 6.33 -29.65 25.75
CA LYS D 224 5.67 -29.81 24.44
C LYS D 224 6.56 -30.66 23.55
N TYR D 225 5.95 -31.36 22.60
CA TYR D 225 6.71 -32.31 21.74
C TYR D 225 6.18 -32.03 20.36
N LEU D 226 7.11 -31.82 19.42
CA LEU D 226 6.72 -31.69 18.02
C LEU D 226 6.75 -33.04 17.32
N ASN D 227 5.64 -33.43 16.72
CA ASN D 227 5.60 -34.58 15.85
C ASN D 227 5.44 -34.09 14.40
N SER D 228 6.35 -34.54 13.54
CA SER D 228 6.44 -34.08 12.15
C SER D 228 6.05 -35.19 11.14
N GLN D 229 5.40 -36.24 11.61
CA GLN D 229 5.16 -37.42 10.75
C GLN D 229 3.97 -37.25 9.79
N TYR D 230 2.97 -36.49 10.23
CA TYR D 230 1.76 -36.35 9.40
C TYR D 230 1.32 -34.92 9.32
N GLY D 231 2.22 -34.08 8.84
CA GLY D 231 2.08 -32.65 9.08
C GLY D 231 2.64 -32.40 10.45
N TYR D 232 2.36 -31.24 11.00
CA TYR D 232 2.94 -30.89 12.28
C TYR D 232 1.91 -30.97 13.36
N GLN D 233 2.30 -31.62 14.46
CA GLN D 233 1.42 -31.67 15.61
C GLN D 233 2.24 -31.47 16.87
N ILE D 234 1.74 -30.61 17.75
CA ILE D 234 2.42 -30.37 19.02
C ILE D 234 1.56 -30.92 20.12
N VAL D 235 2.13 -31.90 20.86
CA VAL D 235 1.41 -32.45 22.01
C VAL D 235 1.90 -31.76 23.26
N ALA D 236 0.95 -31.27 24.09
CA ALA D 236 1.33 -30.72 25.41
C ALA D 236 0.77 -31.65 26.49
N PRO D 237 1.58 -32.58 26.99
CA PRO D 237 1.08 -33.55 27.98
C PRO D 237 0.53 -32.87 29.25
N PHE D 238 -0.59 -33.38 29.78
CA PHE D 238 -1.11 -32.92 31.06
C PHE D 238 -1.01 -34.08 32.09
N VAL D 239 -1.31 -35.30 31.64
CA VAL D 239 -1.20 -36.54 32.48
C VAL D 239 -0.52 -37.63 31.63
N THR D 240 0.52 -38.27 32.19
CA THR D 240 1.12 -39.42 31.55
C THR D 240 1.03 -40.62 32.49
N ALA D 241 1.61 -41.77 32.12
CA ALA D 241 1.59 -42.93 33.02
C ALA D 241 2.19 -42.59 34.41
N THR D 242 3.23 -41.74 34.44
CA THR D 242 3.83 -41.35 35.70
C THR D 242 2.76 -40.88 36.72
N GLN D 243 1.87 -39.99 36.29
CA GLN D 243 0.82 -39.47 37.18
C GLN D 243 -0.45 -40.35 37.27
N ALA D 244 -0.87 -40.94 36.14
CA ALA D 244 -2.06 -41.83 36.07
C ALA D 244 -1.91 -43.13 36.88
N GLN D 245 -0.72 -43.70 36.87
CA GLN D 245 -0.48 -45.02 37.51
C GLN D 245 -1.59 -45.96 37.09
N ASP D 246 -2.22 -46.62 38.06
CA ASP D 246 -3.22 -47.62 37.69
C ASP D 246 -4.52 -47.05 37.09
N THR D 247 -4.78 -45.74 37.19
CA THR D 247 -5.92 -45.20 36.43
C THR D 247 -5.71 -45.26 34.90
N ASN D 248 -4.45 -45.42 34.47
CA ASN D 248 -4.19 -45.91 33.11
C ASN D 248 -4.84 -45.06 32.01
N TYR D 249 -4.44 -43.79 31.91
CA TYR D 249 -4.90 -42.93 30.85
C TYR D 249 -3.85 -41.88 30.57
N THR D 250 -4.07 -41.11 29.51
CA THR D 250 -3.26 -39.93 29.25
C THR D 250 -4.23 -38.80 28.89
N LEU D 251 -3.72 -37.59 29.04
CA LEU D 251 -4.48 -36.39 28.81
C LEU D 251 -3.48 -35.38 28.33
N SER D 252 -3.86 -34.61 27.31
CA SER D 252 -2.97 -33.59 26.74
C SER D 252 -3.77 -32.57 25.91
N THR D 253 -3.12 -31.51 25.40
CA THR D 253 -3.66 -30.86 24.20
C THR D 253 -2.84 -31.31 22.98
N ILE D 254 -3.47 -31.29 21.80
CA ILE D 254 -2.76 -31.59 20.59
C ILE D 254 -3.10 -30.43 19.69
N SER D 255 -2.05 -29.71 19.26
CA SER D 255 -2.20 -28.58 18.34
C SER D 255 -1.75 -29.11 16.99
N MET D 256 -2.38 -28.64 15.91
CA MET D 256 -2.21 -29.22 14.54
C MET D 256 -2.09 -28.17 13.47
N SER D 257 -1.17 -28.39 12.52
CA SER D 257 -1.18 -27.65 11.26
C SER D 257 -2.19 -28.34 10.35
N THR D 258 -2.31 -27.86 9.12
CA THR D 258 -3.04 -28.62 8.13
C THR D 258 -2.15 -29.81 7.71
N THR D 259 -2.74 -30.74 7.01
CA THR D 259 -2.01 -31.88 6.47
C THR D 259 -1.67 -31.49 5.05
N PRO D 260 -0.38 -31.45 4.68
CA PRO D 260 -0.02 -31.06 3.31
C PRO D 260 -0.55 -32.11 2.36
N SER D 261 -0.73 -31.75 1.08
CA SER D 261 -1.37 -32.59 0.08
C SER D 261 -0.52 -33.79 -0.30
N THR D 262 0.78 -33.71 -0.03
CA THR D 262 1.66 -34.85 -0.28
C THR D 262 1.60 -35.91 0.82
N VAL D 263 1.00 -35.60 1.97
CA VAL D 263 0.99 -36.53 3.10
C VAL D 263 -0.40 -37.20 3.18
N THR D 264 -0.44 -38.51 3.28
CA THR D 264 -1.68 -39.25 3.53
C THR D 264 -2.10 -39.07 4.99
N VAL D 265 -3.37 -38.70 5.21
CA VAL D 265 -3.91 -38.61 6.56
C VAL D 265 -3.90 -40.07 7.06
N PRO D 266 -3.25 -40.32 8.19
CA PRO D 266 -3.14 -41.67 8.73
C PRO D 266 -4.48 -42.19 9.30
N THR D 267 -4.56 -43.51 9.38
CA THR D 267 -5.67 -44.17 10.07
C THR D 267 -5.14 -44.77 11.34
N TRP D 268 -5.77 -44.42 12.46
CA TRP D 268 -5.33 -44.80 13.80
C TRP D 268 -6.29 -45.86 14.36
N SER D 269 -5.79 -46.74 15.22
CA SER D 269 -6.59 -47.67 16.01
C SER D 269 -5.86 -47.84 17.34
N PHE D 270 -6.57 -47.71 18.45
CA PHE D 270 -5.98 -47.88 19.77
C PHE D 270 -6.90 -48.74 20.60
N PRO D 271 -6.34 -49.53 21.55
CA PRO D 271 -7.18 -50.46 22.32
C PRO D 271 -8.15 -49.80 23.28
N GLY D 272 -7.78 -48.69 23.92
CA GLY D 272 -8.69 -47.96 24.79
C GLY D 272 -9.44 -46.88 24.04
N ALA D 273 -10.61 -46.56 24.55
CA ALA D 273 -11.39 -45.43 24.00
C ALA D 273 -10.59 -44.12 24.09
N CYS D 274 -10.86 -43.16 23.23
CA CYS D 274 -10.30 -41.82 23.44
C CYS D 274 -11.32 -40.83 23.01
N ALA D 275 -11.05 -39.56 23.30
CA ALA D 275 -11.97 -38.51 22.89
C ALA D 275 -11.22 -37.17 22.86
N PHE D 276 -11.78 -36.20 22.15
CA PHE D 276 -11.22 -34.87 22.20
C PHE D 276 -12.32 -33.82 22.11
N GLN D 277 -12.02 -32.65 22.68
CA GLN D 277 -12.90 -31.51 22.54
C GLN D 277 -12.09 -30.41 21.84
N VAL D 278 -12.62 -29.86 20.76
CA VAL D 278 -11.90 -28.79 20.07
C VAL D 278 -11.86 -27.54 20.94
N GLN D 279 -10.65 -26.98 21.20
CA GLN D 279 -10.54 -25.66 21.82
C GLN D 279 -10.54 -24.50 20.80
N GLU D 280 -9.71 -24.62 19.76
CA GLU D 280 -9.58 -23.57 18.77
C GLU D 280 -9.47 -24.31 17.42
N GLY D 281 -10.13 -23.80 16.39
CA GLY D 281 -9.86 -24.27 15.04
C GLY D 281 -11.02 -25.14 14.56
N ARG D 282 -10.75 -25.93 13.53
CA ARG D 282 -11.78 -26.68 12.82
C ARG D 282 -11.12 -27.97 12.47
N VAL D 283 -11.56 -29.05 13.10
CA VAL D 283 -10.98 -30.38 12.90
C VAL D 283 -12.00 -31.33 12.28
N VAL D 284 -11.60 -32.05 11.26
CA VAL D 284 -12.48 -33.04 10.66
C VAL D 284 -12.12 -34.41 11.24
N VAL D 285 -13.15 -35.13 11.69
CA VAL D 285 -12.99 -36.47 12.23
C VAL D 285 -13.80 -37.44 11.40
N GLN D 286 -13.26 -38.65 11.19
CA GLN D 286 -13.93 -39.73 10.43
C GLN D 286 -13.68 -41.01 11.21
N ILE D 287 -14.77 -41.62 11.67
CA ILE D 287 -14.72 -42.66 12.69
C ILE D 287 -15.56 -43.83 12.20
N GLY D 288 -14.94 -45.00 12.07
CA GLY D 288 -15.59 -46.19 11.63
C GLY D 288 -16.14 -45.95 10.25
N ASP D 289 -17.39 -46.34 10.04
CA ASP D 289 -18.07 -46.15 8.76
C ASP D 289 -19.00 -44.94 8.68
N TYR D 290 -18.89 -44.06 9.68
CA TYR D 290 -19.73 -42.87 9.75
C TYR D 290 -19.19 -41.81 8.80
N ALA D 291 -20.04 -40.86 8.40
CA ALA D 291 -19.59 -39.75 7.55
C ALA D 291 -18.63 -38.89 8.33
N ALA D 292 -17.63 -38.34 7.64
CA ALA D 292 -16.73 -37.34 8.24
C ALA D 292 -17.47 -36.06 8.67
N THR D 293 -17.13 -35.53 9.85
CA THR D 293 -17.82 -34.38 10.42
C THR D 293 -16.78 -33.37 10.83
N GLU D 294 -17.02 -32.11 10.54
CA GLU D 294 -16.11 -31.06 10.96
C GLU D 294 -16.56 -30.50 12.33
N LEU D 295 -15.62 -30.40 13.26
CA LEU D 295 -15.91 -29.92 14.59
C LEU D 295 -15.35 -28.52 14.79
N GLY D 296 -16.07 -27.71 15.58
CA GLY D 296 -15.68 -26.35 15.93
C GLY D 296 -15.55 -26.22 17.46
N SER D 297 -15.47 -25.00 17.97
CA SER D 297 -15.08 -24.84 19.36
C SER D 297 -16.03 -25.54 20.34
N GLY D 298 -15.42 -26.26 21.28
CA GLY D 298 -16.20 -26.97 22.31
C GLY D 298 -16.86 -28.29 21.85
N ASP D 299 -16.92 -28.58 20.53
CA ASP D 299 -17.49 -29.82 20.03
C ASP D 299 -16.57 -31.00 20.42
N VAL D 300 -17.18 -32.16 20.67
CA VAL D 300 -16.55 -33.36 21.23
C VAL D 300 -16.76 -34.55 20.28
N ALA D 301 -15.68 -35.27 20.05
CA ALA D 301 -15.69 -36.53 19.28
C ALA D 301 -15.30 -37.65 20.23
N PHE D 302 -16.03 -38.74 20.18
CA PHE D 302 -15.72 -39.89 20.99
C PHE D 302 -15.40 -41.07 20.08
N ILE D 303 -14.29 -41.76 20.37
CA ILE D 303 -13.88 -42.90 19.56
C ILE D 303 -13.72 -44.15 20.41
N PRO D 304 -14.55 -45.17 20.22
CA PRO D 304 -14.42 -46.42 20.97
C PRO D 304 -13.06 -47.07 20.72
N GLY D 305 -12.50 -47.75 21.72
CA GLY D 305 -11.29 -48.55 21.53
C GLY D 305 -11.48 -49.53 20.38
N GLY D 306 -10.42 -49.71 19.60
CA GLY D 306 -10.42 -50.68 18.53
C GLY D 306 -11.15 -50.17 17.27
N VAL D 307 -11.72 -48.98 17.30
CA VAL D 307 -12.39 -48.48 16.09
C VAL D 307 -11.44 -47.55 15.30
N GLU D 308 -11.37 -47.74 13.98
CA GLU D 308 -10.45 -46.93 13.18
C GLU D 308 -10.95 -45.47 13.02
N PHE D 309 -9.99 -44.52 13.08
CA PHE D 309 -10.33 -43.11 12.91
C PHE D 309 -9.27 -42.36 12.13
N LYS D 310 -9.71 -41.29 11.48
CA LYS D 310 -8.84 -40.33 10.83
C LYS D 310 -9.24 -38.99 11.32
N TYR D 311 -8.25 -38.12 11.47
CA TYR D 311 -8.57 -36.73 11.80
C TYR D 311 -7.56 -35.81 11.10
N TYR D 312 -8.00 -34.58 10.80
CA TYR D 312 -7.11 -33.57 10.27
C TYR D 312 -7.69 -32.20 10.54
N SER D 313 -6.83 -31.21 10.43
CA SER D 313 -7.24 -29.83 10.65
C SER D 313 -7.57 -29.16 9.31
N GLU D 314 -8.78 -28.62 9.23
CA GLU D 314 -9.16 -27.76 8.12
C GLU D 314 -8.61 -26.35 8.40
N ALA D 315 -8.60 -25.95 9.66
CA ALA D 315 -8.05 -24.62 9.98
C ALA D 315 -6.54 -24.70 9.89
N TYR D 316 -5.89 -23.57 9.61
CA TYR D 316 -4.45 -23.55 9.52
C TYR D 316 -3.80 -23.91 10.84
N PHE D 317 -4.49 -23.63 11.95
CA PHE D 317 -4.04 -24.07 13.29
C PHE D 317 -5.26 -24.47 14.11
N SER D 318 -5.24 -25.68 14.64
CA SER D 318 -6.30 -26.12 15.58
C SER D 318 -5.66 -26.64 16.83
N LYS D 319 -6.42 -26.56 17.92
CA LYS D 319 -5.96 -27.10 19.18
C LYS D 319 -7.10 -27.84 19.86
N VAL D 320 -6.84 -29.07 20.30
CA VAL D 320 -7.83 -29.86 20.97
C VAL D 320 -7.38 -30.35 22.34
N LEU D 321 -8.35 -30.56 23.23
CA LEU D 321 -8.11 -31.26 24.48
C LEU D 321 -8.37 -32.78 24.26
N PHE D 322 -7.36 -33.59 24.61
CA PHE D 322 -7.39 -34.99 24.23
C PHE D 322 -7.25 -35.91 25.43
N VAL D 323 -8.13 -36.89 25.54
CA VAL D 323 -8.02 -37.91 26.62
C VAL D 323 -8.08 -39.29 25.99
N SER D 324 -7.31 -40.22 26.58
CA SER D 324 -7.19 -41.57 26.11
C SER D 324 -7.08 -42.52 27.27
N SER D 325 -7.85 -43.61 27.17
CA SER D 325 -7.73 -44.72 28.08
C SER D 325 -6.61 -45.63 27.58
N GLY D 326 -5.72 -45.97 28.50
CA GLY D 326 -4.58 -46.86 28.21
C GLY D 326 -3.32 -46.04 28.36
N SER D 327 -2.16 -46.70 28.21
CA SER D 327 -0.92 -45.98 28.44
C SER D 327 -0.32 -45.45 27.12
N ASP D 328 -0.86 -45.90 25.99
CA ASP D 328 -0.20 -45.69 24.71
C ASP D 328 -1.13 -45.29 23.58
N GLY D 329 -2.06 -44.38 23.88
CA GLY D 329 -3.00 -43.84 22.90
C GLY D 329 -2.36 -42.77 22.01
N LEU D 330 -3.19 -42.08 21.22
CA LEU D 330 -2.70 -41.16 20.20
C LEU D 330 -1.60 -40.17 20.68
N ASP D 331 -1.87 -39.48 21.79
CA ASP D 331 -0.93 -38.43 22.22
C ASP D 331 0.45 -38.93 22.54
N GLN D 332 0.51 -40.03 23.28
CA GLN D 332 1.77 -40.68 23.66
C GLN D 332 2.49 -41.19 22.42
N ASN D 333 1.70 -41.67 21.46
CA ASN D 333 2.26 -42.17 20.23
C ASN D 333 2.95 -41.05 19.46
N LEU D 334 2.31 -39.88 19.44
CA LEU D 334 2.84 -38.76 18.71
C LEU D 334 4.05 -38.21 19.41
N VAL D 335 4.01 -38.17 20.73
CA VAL D 335 5.19 -37.77 21.52
C VAL D 335 6.37 -38.71 21.25
N ASN D 336 6.11 -40.00 21.36
CA ASN D 336 7.15 -41.00 21.16
C ASN D 336 7.78 -40.89 19.79
N GLY D 337 7.01 -40.41 18.81
CA GLY D 337 7.51 -40.38 17.44
C GLY D 337 8.02 -38.99 17.11
N GLY D 338 8.09 -38.15 18.14
CA GLY D 338 8.35 -36.72 18.02
C GLY D 338 9.63 -36.32 18.74
N GLU D 339 9.76 -35.04 19.06
CA GLU D 339 11.00 -34.53 19.68
C GLU D 339 10.58 -33.43 20.62
N GLU D 340 11.40 -33.13 21.63
CA GLU D 340 11.04 -32.02 22.53
C GLU D 340 11.01 -30.76 21.71
N TRP D 341 10.10 -29.87 22.05
CA TRP D 341 9.87 -28.69 21.24
C TRP D 341 9.57 -27.52 22.15
N SER D 342 10.16 -26.36 21.91
CA SER D 342 10.02 -25.29 22.91
C SER D 342 9.06 -24.19 22.52
N SER D 343 8.15 -24.45 21.58
CA SER D 343 7.24 -23.41 21.17
C SER D 343 5.82 -23.96 21.01
N VAL D 344 4.83 -23.10 21.24
CA VAL D 344 3.43 -23.43 20.90
C VAL D 344 3.13 -23.37 19.39
N SER D 345 4.05 -22.80 18.62
CA SER D 345 3.89 -22.70 17.19
C SER D 345 4.78 -23.75 16.53
N PHE D 346 4.35 -24.32 15.41
CA PHE D 346 5.16 -25.29 14.68
C PHE D 346 6.08 -24.57 13.65
N PRO D 347 7.03 -25.26 13.02
CA PRO D 347 7.93 -24.59 12.07
C PRO D 347 7.22 -23.93 10.89
N ALA D 348 7.82 -22.89 10.34
CA ALA D 348 7.24 -22.12 9.25
C ALA D 348 7.37 -22.84 7.93
N ASP D 349 8.28 -23.82 7.85
CA ASP D 349 8.43 -24.62 6.66
C ASP D 349 8.14 -26.09 6.90
N TRP D 350 7.65 -26.78 5.86
CA TRP D 350 7.39 -28.23 5.94
C TRP D 350 8.73 -28.99 5.98
#